data_1GBR
#
_entry.id   1GBR
#
_cell.length_a   1.000
_cell.length_b   1.000
_cell.length_c   1.000
_cell.angle_alpha   90.00
_cell.angle_beta   90.00
_cell.angle_gamma   90.00
#
_symmetry.space_group_name_H-M   'P 1'
#
loop_
_entity.id
_entity.type
_entity.pdbx_description
1 polymer 'GROWTH FACTOR RECEPTOR-BOUND PROTEIN 2'
2 polymer 'SOS-A PEPTIDE'
#
loop_
_entity_poly.entity_id
_entity_poly.type
_entity_poly.pdbx_seq_one_letter_code
_entity_poly.pdbx_strand_id
1 'polypeptide(L)' GSRRASVGSMEAIAKYDFKATADDELSFKRGDILKVLNEECDQNWYKAELNGKDGFIPKNYIEMKPHPEFIVTD A
2 'polypeptide(L)' SPLLPKLPPKTYKRE B
#
# COMPACT_ATOMS: atom_id res chain seq x y z
N GLY A 1 21.89 18.49 -5.71
CA GLY A 1 22.78 18.09 -4.49
C GLY A 1 22.50 16.85 -3.77
N SER A 2 22.38 16.92 -2.47
CA SER A 2 22.10 15.69 -1.67
C SER A 2 21.16 16.04 -0.51
N ARG A 3 20.22 15.16 -0.21
CA ARG A 3 19.27 15.44 0.91
C ARG A 3 19.52 14.44 2.04
N ARG A 4 19.79 14.94 3.23
CA ARG A 4 20.05 14.02 4.38
C ARG A 4 19.16 14.43 5.57
N ALA A 5 17.94 14.81 5.30
CA ALA A 5 17.02 15.23 6.41
C ALA A 5 15.62 14.67 6.15
N SER A 6 15.54 13.49 5.59
CA SER A 6 14.21 12.88 5.31
C SER A 6 13.88 11.85 6.41
N VAL A 7 14.43 10.66 6.30
CA VAL A 7 14.15 9.61 7.34
C VAL A 7 12.64 9.35 7.44
N GLY A 8 12.11 8.51 6.58
CA GLY A 8 10.65 8.22 6.63
C GLY A 8 10.26 7.31 5.47
N SER A 9 9.28 7.71 4.70
CA SER A 9 8.83 6.88 3.54
C SER A 9 7.74 7.60 2.77
N MET A 10 7.20 6.99 1.77
CA MET A 10 6.11 7.62 0.98
C MET A 10 4.78 7.10 1.43
N GLU A 11 3.72 7.54 0.81
CA GLU A 11 2.41 7.08 1.19
C GLU A 11 1.74 6.52 -0.04
N ALA A 12 0.59 5.99 0.12
CA ALA A 12 -0.17 5.43 -1.02
C ALA A 12 -1.65 5.39 -0.69
N ILE A 13 -2.41 6.13 -1.42
CA ILE A 13 -3.88 6.24 -1.17
C ILE A 13 -4.59 4.91 -1.36
N ALA A 14 -5.24 4.48 -0.33
CA ALA A 14 -6.06 3.23 -0.42
C ALA A 14 -7.32 3.57 -1.23
N LYS A 15 -7.41 3.11 -2.44
CA LYS A 15 -8.60 3.44 -3.29
C LYS A 15 -9.88 2.74 -2.77
N TYR A 16 -9.74 1.65 -2.06
CA TYR A 16 -10.96 0.91 -1.54
C TYR A 16 -10.69 0.32 -0.18
N ASP A 17 -11.64 -0.42 0.32
CA ASP A 17 -11.49 -1.06 1.65
C ASP A 17 -10.72 -2.37 1.48
N PHE A 18 -10.31 -2.97 2.56
CA PHE A 18 -9.57 -4.25 2.51
C PHE A 18 -9.05 -4.59 3.91
N LYS A 19 -8.45 -5.74 4.08
CA LYS A 19 -7.92 -6.12 5.41
C LYS A 19 -6.71 -7.01 5.24
N ALA A 20 -6.03 -7.31 6.31
CA ALA A 20 -4.85 -8.17 6.21
C ALA A 20 -5.30 -9.64 6.23
N THR A 21 -4.83 -10.43 5.30
CA THR A 21 -5.25 -11.87 5.28
C THR A 21 -4.06 -12.74 5.66
N ALA A 22 -2.94 -12.57 5.00
CA ALA A 22 -1.74 -13.39 5.33
C ALA A 22 -1.21 -12.96 6.68
N ASP A 23 -0.37 -13.77 7.23
CA ASP A 23 0.21 -13.47 8.54
C ASP A 23 1.06 -12.19 8.47
N ASP A 24 1.43 -11.77 7.27
CA ASP A 24 2.23 -10.55 7.12
C ASP A 24 1.53 -9.59 6.17
N GLU A 25 0.21 -9.55 6.19
CA GLU A 25 -0.52 -8.63 5.29
C GLU A 25 -0.93 -7.39 6.08
N LEU A 26 -1.42 -6.37 5.41
CA LEU A 26 -1.82 -5.12 6.12
C LEU A 26 -3.30 -4.80 5.84
N SER A 27 -3.96 -4.24 6.83
CA SER A 27 -5.40 -3.91 6.67
C SER A 27 -5.59 -2.42 6.42
N PHE A 28 -6.71 -2.04 5.86
CA PHE A 28 -6.97 -0.59 5.60
C PHE A 28 -8.38 -0.43 4.99
N LYS A 29 -8.92 0.77 5.05
CA LYS A 29 -10.27 1.01 4.49
C LYS A 29 -10.17 1.91 3.26
N ARG A 30 -11.30 2.24 2.70
CA ARG A 30 -11.34 3.12 1.50
C ARG A 30 -10.99 4.56 1.90
N GLY A 31 -9.78 4.97 1.67
CA GLY A 31 -9.37 6.35 2.04
C GLY A 31 -8.27 6.32 3.12
N ASP A 32 -7.87 5.14 3.54
CA ASP A 32 -6.83 5.01 4.53
C ASP A 32 -5.49 4.95 3.84
N ILE A 33 -4.87 6.08 3.64
CA ILE A 33 -3.56 6.07 2.94
C ILE A 33 -2.52 5.41 3.86
N LEU A 34 -1.73 4.53 3.31
CA LEU A 34 -0.72 3.79 4.11
C LEU A 34 0.68 4.38 3.88
N LYS A 35 1.66 3.93 4.65
CA LYS A 35 3.06 4.48 4.47
C LYS A 35 3.96 3.41 3.84
N VAL A 36 4.21 3.51 2.55
CA VAL A 36 5.06 2.47 1.88
C VAL A 36 6.48 2.44 2.47
N LEU A 37 6.75 1.44 3.27
CA LEU A 37 8.09 1.30 3.88
C LEU A 37 8.99 0.59 2.88
N ASN A 38 8.42 -0.26 2.04
CA ASN A 38 9.27 -1.00 1.05
C ASN A 38 8.42 -1.56 -0.09
N GLU A 39 9.04 -2.30 -0.98
CA GLU A 39 8.28 -2.88 -2.13
C GLU A 39 8.76 -4.32 -2.36
N GLU A 40 8.59 -5.15 -1.36
CA GLU A 40 9.02 -6.58 -1.47
C GLU A 40 7.89 -7.39 -2.10
N CYS A 41 8.12 -8.68 -2.27
CA CYS A 41 7.06 -9.55 -2.87
C CYS A 41 6.82 -9.14 -4.32
N ASP A 42 5.75 -9.62 -4.90
CA ASP A 42 5.40 -9.30 -6.30
C ASP A 42 5.57 -7.82 -6.61
N GLN A 43 5.52 -7.49 -7.86
CA GLN A 43 5.68 -6.07 -8.24
C GLN A 43 4.29 -5.41 -8.31
N ASN A 44 3.28 -6.01 -7.70
CA ASN A 44 1.92 -5.43 -7.72
C ASN A 44 1.48 -5.05 -6.33
N TRP A 45 1.94 -5.75 -5.34
CA TRP A 45 1.55 -5.39 -3.94
C TRP A 45 2.73 -4.67 -3.26
N TYR A 46 2.46 -3.59 -2.58
CA TYR A 46 3.54 -2.81 -1.90
C TYR A 46 3.70 -3.30 -0.46
N LYS A 47 4.57 -2.66 0.26
CA LYS A 47 4.78 -2.96 1.70
C LYS A 47 4.60 -1.62 2.40
N ALA A 48 3.75 -1.54 3.38
CA ALA A 48 3.52 -0.20 4.03
C ALA A 48 3.06 -0.32 5.44
N GLU A 49 2.70 0.79 6.03
CA GLU A 49 2.31 0.76 7.43
C GLU A 49 1.32 1.87 7.78
N LEU A 50 0.31 1.48 8.45
CA LEU A 50 -0.74 2.44 8.89
C LEU A 50 -0.56 2.82 10.32
N ASN A 51 0.06 3.92 10.49
CA ASN A 51 0.29 4.50 11.85
C ASN A 51 0.72 3.45 12.92
N GLY A 52 1.25 2.34 12.53
CA GLY A 52 1.67 1.31 13.55
C GLY A 52 1.62 -0.09 12.95
N LYS A 53 0.62 -0.38 12.14
CA LYS A 53 0.53 -1.69 11.52
C LYS A 53 1.29 -1.65 10.24
N ASP A 54 1.45 -2.76 9.62
CA ASP A 54 2.20 -2.81 8.35
C ASP A 54 2.03 -4.16 7.63
N GLY A 55 2.65 -4.28 6.47
CA GLY A 55 2.60 -5.55 5.71
C GLY A 55 2.25 -5.31 4.23
N PHE A 56 2.16 -6.38 3.48
CA PHE A 56 1.85 -6.28 2.02
C PHE A 56 0.45 -5.72 1.77
N ILE A 57 0.27 -5.07 0.63
CA ILE A 57 -1.06 -4.52 0.29
C ILE A 57 -1.20 -4.54 -1.24
N PRO A 58 -2.29 -5.05 -1.77
CA PRO A 58 -2.47 -5.10 -3.21
C PRO A 58 -2.62 -3.70 -3.76
N LYS A 59 -1.70 -3.28 -4.56
CA LYS A 59 -1.72 -1.91 -5.15
C LYS A 59 -3.03 -1.64 -5.93
N ASN A 60 -3.79 -2.66 -6.29
CA ASN A 60 -5.04 -2.44 -7.02
C ASN A 60 -6.02 -1.67 -6.15
N TYR A 61 -5.91 -1.81 -4.86
CA TYR A 61 -6.78 -1.07 -3.92
C TYR A 61 -5.98 0.10 -3.41
N ILE A 62 -5.07 0.60 -4.20
CA ILE A 62 -4.22 1.71 -3.73
C ILE A 62 -3.59 2.47 -4.89
N GLU A 63 -2.92 3.54 -4.55
CA GLU A 63 -2.19 4.35 -5.52
C GLU A 63 -0.99 4.93 -4.77
N MET A 64 0.04 5.32 -5.47
CA MET A 64 1.27 5.83 -4.78
C MET A 64 1.34 7.35 -4.74
N LYS A 65 1.18 7.93 -3.56
CA LYS A 65 1.26 9.37 -3.42
C LYS A 65 2.55 9.80 -2.73
N PRO A 66 2.96 11.05 -2.99
CA PRO A 66 4.18 11.59 -2.42
C PRO A 66 3.97 12.00 -0.96
N HIS A 67 4.88 12.78 -0.42
CA HIS A 67 4.75 13.23 0.99
C HIS A 67 3.93 14.55 1.03
N PRO A 68 2.75 14.55 1.65
CA PRO A 68 1.91 15.75 1.71
C PRO A 68 2.43 16.69 2.81
N GLU A 69 2.07 17.95 2.72
CA GLU A 69 2.53 18.94 3.75
C GLU A 69 1.40 19.19 4.76
N PHE A 70 1.49 18.60 5.93
CA PHE A 70 0.42 18.80 6.96
C PHE A 70 -0.93 18.32 6.40
N ILE A 71 -1.90 18.15 7.27
CA ILE A 71 -3.25 17.69 6.81
C ILE A 71 -4.28 18.80 7.01
N VAL A 72 -4.06 19.66 7.98
CA VAL A 72 -5.02 20.78 8.23
C VAL A 72 -5.13 21.66 6.99
N THR A 73 -6.25 21.63 6.32
CA THR A 73 -6.42 22.47 5.09
C THR A 73 -7.08 23.80 5.48
N ASP A 74 -7.91 23.79 6.50
CA ASP A 74 -8.60 25.04 6.92
C ASP A 74 -7.57 26.05 7.41
N SER B 1 -10.30 -9.27 -13.61
CA SER B 1 -10.79 -9.01 -15.00
C SER B 1 -11.93 -7.95 -14.98
N PRO B 2 -12.98 -8.17 -14.18
CA PRO B 2 -14.09 -7.23 -14.09
C PRO B 2 -13.73 -6.02 -13.22
N LEU B 3 -13.80 -6.15 -11.91
CA LEU B 3 -13.46 -5.00 -11.02
C LEU B 3 -13.40 -5.47 -9.56
N LEU B 4 -12.33 -5.18 -8.89
CA LEU B 4 -12.17 -5.61 -7.46
C LEU B 4 -12.42 -7.15 -7.30
N PRO B 5 -11.79 -7.99 -8.14
CA PRO B 5 -11.95 -9.45 -8.04
C PRO B 5 -11.00 -9.98 -6.94
N LYS B 6 -10.62 -11.25 -7.00
CA LYS B 6 -9.66 -11.79 -5.98
C LYS B 6 -8.20 -11.48 -6.41
N LEU B 7 -8.01 -10.57 -7.36
CA LEU B 7 -6.65 -10.21 -7.82
C LEU B 7 -5.92 -11.44 -8.40
N PRO B 8 -6.44 -11.93 -9.53
CA PRO B 8 -5.86 -13.09 -10.22
C PRO B 8 -4.71 -12.63 -11.15
N PRO B 9 -3.80 -13.53 -11.51
CA PRO B 9 -2.69 -13.19 -12.39
C PRO B 9 -3.17 -13.17 -13.85
N LYS B 10 -3.16 -12.02 -14.49
CA LYS B 10 -3.63 -11.92 -15.92
C LYS B 10 -2.80 -12.87 -16.80
N THR B 11 -3.29 -13.15 -17.99
CA THR B 11 -2.54 -14.08 -18.90
C THR B 11 -2.89 -13.75 -20.36
N TYR B 12 -4.11 -13.98 -20.76
CA TYR B 12 -4.52 -13.69 -22.18
C TYR B 12 -5.92 -13.06 -22.20
N LYS B 13 -6.43 -12.79 -23.38
CA LYS B 13 -7.78 -12.17 -23.49
C LYS B 13 -8.79 -13.18 -24.04
N ARG B 14 -9.94 -12.73 -24.49
CA ARG B 14 -10.96 -13.65 -25.04
C ARG B 14 -10.81 -13.74 -26.56
N GLU B 15 -10.68 -12.61 -27.22
CA GLU B 15 -10.52 -12.61 -28.71
C GLU B 15 -11.75 -13.26 -29.36
N GLY A 1 28.02 5.27 4.90
CA GLY A 1 27.01 4.09 4.77
C GLY A 1 25.74 4.12 5.51
N SER A 2 25.57 5.12 6.34
CA SER A 2 24.31 5.22 7.14
C SER A 2 23.51 6.43 6.67
N ARG A 3 24.13 7.58 6.58
CA ARG A 3 23.40 8.82 6.13
C ARG A 3 22.25 9.11 7.10
N ARG A 4 22.49 9.94 8.08
CA ARG A 4 21.42 10.27 9.07
C ARG A 4 20.45 11.29 8.47
N ALA A 5 19.27 10.86 8.10
CA ALA A 5 18.27 11.80 7.51
C ALA A 5 16.86 11.22 7.68
N SER A 6 16.62 10.54 8.78
CA SER A 6 15.28 9.93 9.02
C SER A 6 14.95 8.94 7.91
N VAL A 7 13.87 8.20 8.06
CA VAL A 7 13.48 7.20 7.02
C VAL A 7 12.99 7.95 5.77
N GLY A 8 13.09 7.33 4.62
CA GLY A 8 12.62 7.99 3.36
C GLY A 8 11.56 7.11 2.69
N SER A 9 10.42 6.97 3.32
CA SER A 9 9.33 6.13 2.73
C SER A 9 8.29 7.03 2.06
N MET A 10 7.43 6.45 1.27
CA MET A 10 6.36 7.24 0.60
C MET A 10 5.00 6.79 1.12
N GLU A 11 3.94 7.26 0.51
CA GLU A 11 2.62 6.86 0.96
C GLU A 11 1.90 6.26 -0.23
N ALA A 12 0.74 5.77 -0.01
CA ALA A 12 -0.04 5.17 -1.13
C ALA A 12 -1.51 5.19 -0.79
N ILE A 13 -2.26 5.87 -1.60
CA ILE A 13 -3.72 5.99 -1.37
C ILE A 13 -4.43 4.67 -1.51
N ALA A 14 -5.08 4.27 -0.46
CA ALA A 14 -5.91 3.03 -0.52
C ALA A 14 -7.14 3.40 -1.36
N LYS A 15 -7.27 2.88 -2.54
CA LYS A 15 -8.44 3.24 -3.40
C LYS A 15 -9.76 2.73 -2.81
N TYR A 16 -9.72 1.65 -2.06
CA TYR A 16 -10.99 1.10 -1.48
C TYR A 16 -10.70 0.48 -0.14
N ASP A 17 -11.72 -0.09 0.45
CA ASP A 17 -11.55 -0.72 1.76
C ASP A 17 -10.98 -2.13 1.58
N PHE A 18 -10.38 -2.69 2.60
CA PHE A 18 -9.76 -4.04 2.47
C PHE A 18 -9.16 -4.42 3.84
N LYS A 19 -8.79 -5.68 4.03
CA LYS A 19 -8.20 -6.08 5.35
C LYS A 19 -7.08 -7.08 5.14
N ALA A 20 -6.27 -7.27 6.14
CA ALA A 20 -5.15 -8.21 6.04
C ALA A 20 -5.68 -9.63 5.82
N THR A 21 -5.13 -10.35 4.86
CA THR A 21 -5.61 -11.76 4.61
C THR A 21 -4.52 -12.74 5.02
N ALA A 22 -3.31 -12.53 4.54
CA ALA A 22 -2.19 -13.44 4.91
C ALA A 22 -1.75 -13.15 6.32
N ASP A 23 -1.00 -14.03 6.87
CA ASP A 23 -0.50 -13.87 8.26
C ASP A 23 0.41 -12.63 8.35
N ASP A 24 0.91 -12.16 7.23
CA ASP A 24 1.78 -10.98 7.23
C ASP A 24 1.19 -9.91 6.30
N GLU A 25 -0.12 -9.81 6.26
CA GLU A 25 -0.76 -8.81 5.37
C GLU A 25 -1.14 -7.57 6.19
N LEU A 26 -1.58 -6.52 5.52
CA LEU A 26 -1.95 -5.27 6.25
C LEU A 26 -3.39 -4.88 5.95
N SER A 27 -4.05 -4.31 6.93
CA SER A 27 -5.47 -3.89 6.74
C SER A 27 -5.55 -2.38 6.51
N PHE A 28 -6.61 -1.93 5.90
CA PHE A 28 -6.79 -0.47 5.65
C PHE A 28 -8.18 -0.22 5.06
N LYS A 29 -8.65 1.01 5.07
CA LYS A 29 -10.01 1.30 4.52
C LYS A 29 -9.90 2.21 3.31
N ARG A 30 -11.04 2.57 2.77
CA ARG A 30 -11.07 3.45 1.58
C ARG A 30 -10.67 4.88 1.98
N GLY A 31 -9.53 5.33 1.54
CA GLY A 31 -9.07 6.71 1.88
C GLY A 31 -7.99 6.63 2.98
N ASP A 32 -7.67 5.44 3.46
CA ASP A 32 -6.66 5.30 4.47
C ASP A 32 -5.33 5.15 3.78
N ILE A 33 -4.70 6.25 3.47
CA ILE A 33 -3.39 6.16 2.77
C ILE A 33 -2.37 5.54 3.70
N LEU A 34 -1.73 4.50 3.24
CA LEU A 34 -0.75 3.76 4.08
C LEU A 34 0.66 4.33 3.90
N LYS A 35 1.61 3.89 4.71
CA LYS A 35 3.01 4.42 4.60
C LYS A 35 3.94 3.34 4.02
N VAL A 36 4.20 3.40 2.73
CA VAL A 36 5.08 2.37 2.10
C VAL A 36 6.47 2.39 2.74
N LEU A 37 6.75 1.40 3.56
CA LEU A 37 8.07 1.31 4.22
C LEU A 37 9.02 0.59 3.26
N ASN A 38 8.49 -0.27 2.39
CA ASN A 38 9.39 -1.00 1.46
C ASN A 38 8.72 -1.21 0.10
N GLU A 39 9.46 -0.97 -0.95
CA GLU A 39 8.93 -1.18 -2.32
C GLU A 39 9.48 -2.50 -2.85
N GLU A 40 9.33 -2.73 -4.12
CA GLU A 40 9.85 -4.02 -4.71
C GLU A 40 8.99 -5.17 -4.20
N CYS A 41 9.48 -6.38 -4.32
CA CYS A 41 8.69 -7.59 -3.86
C CYS A 41 7.63 -7.89 -4.89
N ASP A 42 6.58 -8.60 -4.49
CA ASP A 42 5.45 -9.00 -5.42
C ASP A 42 5.21 -8.00 -6.53
N GLN A 43 4.73 -8.48 -7.64
CA GLN A 43 4.48 -7.59 -8.79
C GLN A 43 3.13 -6.86 -8.65
N ASN A 44 2.51 -6.90 -7.49
CA ASN A 44 1.21 -6.20 -7.33
C ASN A 44 0.89 -5.91 -5.85
N TRP A 45 1.86 -5.97 -4.98
CA TRP A 45 1.60 -5.67 -3.52
C TRP A 45 2.83 -4.91 -2.95
N TYR A 46 2.60 -3.91 -2.11
CA TYR A 46 3.72 -3.13 -1.51
C TYR A 46 3.88 -3.50 -0.04
N LYS A 47 4.81 -2.87 0.63
CA LYS A 47 4.98 -3.08 2.09
C LYS A 47 4.72 -1.71 2.71
N ALA A 48 3.84 -1.61 3.69
CA ALA A 48 3.54 -0.25 4.26
C ALA A 48 3.03 -0.35 5.65
N GLU A 49 2.64 0.77 6.19
CA GLU A 49 2.20 0.78 7.58
C GLU A 49 1.20 1.90 7.88
N LEU A 50 0.18 1.54 8.55
CA LEU A 50 -0.87 2.52 8.95
C LEU A 50 -0.73 2.89 10.39
N ASN A 51 -0.11 4.00 10.58
CA ASN A 51 0.07 4.58 11.94
C ASN A 51 0.46 3.54 13.02
N GLY A 52 1.00 2.41 12.66
CA GLY A 52 1.38 1.39 13.71
C GLY A 52 1.31 -0.02 13.13
N LYS A 53 0.36 -0.30 12.26
CA LYS A 53 0.27 -1.62 11.64
C LYS A 53 1.08 -1.59 10.40
N ASP A 54 1.29 -2.72 9.83
CA ASP A 54 2.09 -2.79 8.60
C ASP A 54 2.01 -4.17 7.93
N GLY A 55 2.68 -4.31 6.81
CA GLY A 55 2.69 -5.62 6.08
C GLY A 55 2.40 -5.43 4.60
N PHE A 56 2.18 -6.51 3.89
CA PHE A 56 1.92 -6.42 2.42
C PHE A 56 0.56 -5.78 2.16
N ILE A 57 0.41 -5.14 1.01
CA ILE A 57 -0.89 -4.52 0.67
C ILE A 57 -1.11 -4.66 -0.85
N PRO A 58 -2.18 -5.34 -1.28
CA PRO A 58 -2.42 -5.50 -2.72
C PRO A 58 -2.69 -4.16 -3.38
N LYS A 59 -1.73 -3.71 -4.14
CA LYS A 59 -1.80 -2.42 -4.87
C LYS A 59 -3.14 -2.21 -5.63
N ASN A 60 -3.92 -3.24 -5.88
CA ASN A 60 -5.19 -3.05 -6.60
C ASN A 60 -6.12 -2.14 -5.78
N TYR A 61 -6.04 -2.26 -4.49
CA TYR A 61 -6.85 -1.41 -3.58
C TYR A 61 -5.98 -0.24 -3.15
N ILE A 62 -5.06 0.17 -3.99
CA ILE A 62 -4.16 1.27 -3.60
C ILE A 62 -3.52 1.95 -4.81
N GLU A 63 -2.74 2.96 -4.51
CA GLU A 63 -1.98 3.68 -5.52
C GLU A 63 -0.78 4.30 -4.81
N MET A 64 0.28 4.53 -5.51
CA MET A 64 1.51 5.09 -4.84
C MET A 64 1.61 6.60 -5.02
N LYS A 65 1.45 7.35 -3.94
CA LYS A 65 1.52 8.79 -4.04
C LYS A 65 2.63 9.37 -3.16
N PRO A 66 3.07 10.58 -3.53
CA PRO A 66 4.12 11.27 -2.82
C PRO A 66 3.54 11.97 -1.59
N HIS A 67 4.26 12.90 -1.01
CA HIS A 67 3.74 13.63 0.18
C HIS A 67 3.00 14.91 -0.29
N PRO A 68 2.13 15.46 0.55
CA PRO A 68 1.37 16.66 0.19
C PRO A 68 2.24 17.92 0.30
N GLU A 69 2.50 18.37 1.50
CA GLU A 69 3.35 19.59 1.69
C GLU A 69 4.22 19.42 2.93
N PHE A 70 4.83 20.49 3.38
CA PHE A 70 5.71 20.41 4.60
C PHE A 70 5.66 21.74 5.36
N ILE A 71 4.59 21.97 6.09
CA ILE A 71 4.48 23.24 6.87
C ILE A 71 4.65 22.93 8.35
N VAL A 72 4.12 21.83 8.81
CA VAL A 72 4.26 21.43 10.25
C VAL A 72 3.63 22.52 11.14
N THR A 73 3.37 22.20 12.38
CA THR A 73 2.77 23.21 13.31
C THR A 73 3.28 22.96 14.73
N ASP A 74 3.22 21.74 15.19
CA ASP A 74 3.71 21.43 16.58
C ASP A 74 4.74 20.31 16.51
N SER B 1 -22.96 -8.83 -9.89
CA SER B 1 -21.51 -9.01 -10.15
C SER B 1 -20.71 -7.94 -9.39
N PRO B 2 -20.44 -8.18 -8.11
CA PRO B 2 -19.69 -7.23 -7.28
C PRO B 2 -18.19 -7.34 -7.59
N LEU B 3 -17.69 -6.48 -8.43
CA LEU B 3 -16.23 -6.52 -8.79
C LEU B 3 -15.45 -5.60 -7.84
N LEU B 4 -14.55 -6.17 -7.07
CA LEU B 4 -13.72 -5.36 -6.12
C LEU B 4 -12.90 -6.32 -5.23
N PRO B 5 -13.57 -7.24 -4.52
CA PRO B 5 -12.86 -8.20 -3.64
C PRO B 5 -12.11 -9.25 -4.45
N LYS B 6 -11.46 -10.17 -3.77
CA LYS B 6 -10.68 -11.23 -4.47
C LYS B 6 -9.54 -10.57 -5.26
N LEU B 7 -8.46 -11.27 -5.47
CA LEU B 7 -7.30 -10.70 -6.21
C LEU B 7 -7.12 -11.46 -7.54
N PRO B 8 -7.78 -11.01 -8.62
CA PRO B 8 -7.69 -11.67 -9.93
C PRO B 8 -6.36 -11.32 -10.63
N PRO B 9 -6.10 -11.96 -11.78
CA PRO B 9 -4.87 -11.72 -12.54
C PRO B 9 -4.99 -10.44 -13.39
N LYS B 10 -4.90 -9.29 -12.77
CA LYS B 10 -5.00 -8.01 -13.54
C LYS B 10 -6.35 -7.92 -14.26
N THR B 11 -7.21 -7.03 -13.81
CA THR B 11 -8.54 -6.88 -14.47
C THR B 11 -8.69 -5.43 -14.95
N TYR B 12 -8.17 -5.13 -16.11
CA TYR B 12 -8.25 -3.74 -16.64
C TYR B 12 -9.16 -3.70 -17.88
N LYS B 13 -9.66 -2.55 -18.22
CA LYS B 13 -10.54 -2.43 -19.42
C LYS B 13 -10.38 -1.03 -20.03
N ARG B 14 -10.35 -0.94 -21.34
CA ARG B 14 -10.20 0.39 -22.00
C ARG B 14 -11.45 1.25 -21.74
N GLU B 15 -11.27 2.54 -21.58
CA GLU B 15 -12.45 3.43 -21.32
C GLU B 15 -12.95 3.99 -22.65
N GLY A 1 24.51 11.59 -1.14
CA GLY A 1 23.93 11.29 0.28
C GLY A 1 24.42 10.12 1.03
N SER A 2 23.57 9.55 1.84
CA SER A 2 23.98 8.35 2.63
C SER A 2 22.77 7.80 3.38
N ARG A 3 21.98 7.00 2.73
CA ARG A 3 20.75 6.42 3.39
C ARG A 3 21.18 5.30 4.34
N ARG A 4 20.72 5.34 5.57
CA ARG A 4 21.09 4.28 6.55
C ARG A 4 20.01 4.20 7.63
N ALA A 5 19.93 5.21 8.47
CA ALA A 5 18.89 5.21 9.55
C ALA A 5 17.50 5.44 8.93
N SER A 6 17.28 6.62 8.40
CA SER A 6 15.95 6.92 7.77
C SER A 6 16.11 8.08 6.79
N VAL A 7 15.30 8.11 5.76
CA VAL A 7 15.39 9.21 4.75
C VAL A 7 14.02 9.84 4.56
N GLY A 8 13.00 9.03 4.40
CA GLY A 8 11.62 9.57 4.21
C GLY A 8 10.86 8.71 3.20
N SER A 9 10.19 7.69 3.67
CA SER A 9 9.41 6.81 2.74
C SER A 9 8.29 7.61 2.11
N MET A 10 7.50 6.97 1.29
CA MET A 10 6.36 7.68 0.64
C MET A 10 5.07 7.11 1.16
N GLU A 11 3.97 7.54 0.62
CA GLU A 11 2.69 7.03 1.07
C GLU A 11 1.97 6.50 -0.14
N ALA A 12 0.82 5.95 0.06
CA ALA A 12 0.03 5.42 -1.06
C ALA A 12 -1.44 5.39 -0.70
N ILE A 13 -2.22 6.13 -1.44
CA ILE A 13 -3.67 6.22 -1.17
C ILE A 13 -4.36 4.88 -1.30
N ALA A 14 -5.02 4.50 -0.26
CA ALA A 14 -5.82 3.24 -0.31
C ALA A 14 -7.06 3.53 -1.16
N LYS A 15 -7.05 3.12 -2.40
CA LYS A 15 -8.21 3.41 -3.31
C LYS A 15 -9.52 2.85 -2.75
N TYR A 16 -9.47 1.82 -1.95
CA TYR A 16 -10.76 1.22 -1.41
C TYR A 16 -10.51 0.57 -0.06
N ASP A 17 -11.51 -0.09 0.44
CA ASP A 17 -11.41 -0.78 1.75
C ASP A 17 -10.76 -2.14 1.53
N PHE A 18 -10.37 -2.79 2.60
CA PHE A 18 -9.73 -4.14 2.50
C PHE A 18 -9.19 -4.55 3.88
N LYS A 19 -8.69 -5.77 3.97
CA LYS A 19 -8.15 -6.25 5.28
C LYS A 19 -7.01 -7.22 5.03
N ALA A 20 -6.23 -7.47 6.04
CA ALA A 20 -5.08 -8.39 5.88
C ALA A 20 -5.60 -9.80 5.60
N THR A 21 -5.03 -10.48 4.65
CA THR A 21 -5.49 -11.86 4.32
C THR A 21 -4.34 -12.84 4.54
N ALA A 22 -3.62 -12.68 5.62
CA ALA A 22 -2.48 -13.59 5.93
C ALA A 22 -1.82 -13.15 7.21
N ASP A 23 -0.81 -13.86 7.60
CA ASP A 23 -0.08 -13.54 8.82
C ASP A 23 0.98 -12.46 8.54
N ASP A 24 1.03 -11.94 7.33
CA ASP A 24 2.00 -10.90 6.99
C ASP A 24 1.34 -9.89 6.04
N GLU A 25 0.03 -9.76 6.09
CA GLU A 25 -0.66 -8.80 5.20
C GLU A 25 -1.10 -7.59 6.03
N LEU A 26 -1.63 -6.58 5.40
CA LEU A 26 -2.05 -5.36 6.15
C LEU A 26 -3.50 -4.98 5.82
N SER A 27 -4.17 -4.39 6.78
CA SER A 27 -5.58 -3.98 6.57
C SER A 27 -5.66 -2.47 6.36
N PHE A 28 -6.77 -2.00 5.86
CA PHE A 28 -6.94 -0.54 5.63
C PHE A 28 -8.34 -0.27 5.07
N LYS A 29 -8.76 0.97 5.08
CA LYS A 29 -10.11 1.31 4.57
C LYS A 29 -9.98 2.21 3.34
N ARG A 30 -11.10 2.58 2.78
CA ARG A 30 -11.09 3.47 1.59
C ARG A 30 -10.74 4.88 2.01
N GLY A 31 -9.54 5.32 1.71
CA GLY A 31 -9.11 6.69 2.09
C GLY A 31 -8.00 6.61 3.15
N ASP A 32 -7.64 5.42 3.59
CA ASP A 32 -6.61 5.26 4.59
C ASP A 32 -5.28 5.14 3.87
N ILE A 33 -4.62 6.24 3.64
CA ILE A 33 -3.31 6.17 2.92
C ILE A 33 -2.30 5.46 3.82
N LEU A 34 -1.67 4.46 3.29
CA LEU A 34 -0.69 3.66 4.09
C LEU A 34 0.72 4.22 3.92
N LYS A 35 1.65 3.73 4.73
CA LYS A 35 3.08 4.23 4.61
C LYS A 35 3.89 3.17 3.88
N VAL A 36 4.30 3.42 2.66
CA VAL A 36 5.05 2.37 1.91
C VAL A 36 6.39 2.07 2.59
N LEU A 37 6.46 0.93 3.20
CA LEU A 37 7.70 0.47 3.88
C LEU A 37 8.64 -0.10 2.83
N ASN A 38 8.12 -0.94 1.98
CA ASN A 38 8.96 -1.57 0.92
C ASN A 38 8.25 -1.51 -0.43
N GLU A 39 8.80 -0.77 -1.36
CA GLU A 39 8.16 -0.69 -2.72
C GLU A 39 8.83 -1.70 -3.64
N GLU A 40 8.30 -1.88 -4.83
CA GLU A 40 8.90 -2.87 -5.79
C GLU A 40 8.73 -4.29 -5.24
N CYS A 41 9.41 -5.23 -5.84
CA CYS A 41 9.34 -6.68 -5.42
C CYS A 41 7.89 -7.11 -5.16
N ASP A 42 7.74 -8.27 -4.56
CA ASP A 42 6.39 -8.83 -4.25
C ASP A 42 5.61 -8.99 -5.53
N GLN A 43 4.54 -9.74 -5.48
CA GLN A 43 3.74 -9.97 -6.69
C GLN A 43 2.67 -8.85 -6.82
N ASN A 44 3.13 -7.60 -6.96
CA ASN A 44 2.21 -6.39 -7.12
C ASN A 44 1.53 -5.99 -5.79
N TRP A 45 2.22 -6.11 -4.70
CA TRP A 45 1.65 -5.64 -3.36
C TRP A 45 2.74 -4.83 -2.64
N TYR A 46 2.42 -3.68 -2.11
CA TYR A 46 3.45 -2.84 -1.39
C TYR A 46 3.47 -3.16 0.10
N LYS A 47 4.63 -3.33 0.67
CA LYS A 47 4.71 -3.52 2.13
C LYS A 47 4.45 -2.13 2.71
N ALA A 48 3.82 -2.01 3.86
CA ALA A 48 3.54 -0.62 4.39
C ALA A 48 3.06 -0.65 5.79
N GLU A 49 2.68 0.50 6.28
CA GLU A 49 2.25 0.58 7.66
C GLU A 49 1.30 1.74 7.91
N LEU A 50 0.25 1.44 8.57
CA LEU A 50 -0.77 2.46 8.90
C LEU A 50 -0.70 2.87 10.34
N ASN A 51 -0.04 3.95 10.53
CA ASN A 51 0.11 4.55 11.89
C ASN A 51 0.40 3.51 13.01
N GLY A 52 0.93 2.38 12.68
CA GLY A 52 1.22 1.36 13.75
C GLY A 52 1.13 -0.05 13.18
N LYS A 53 0.19 -0.30 12.30
CA LYS A 53 0.07 -1.63 11.69
C LYS A 53 0.94 -1.67 10.50
N ASP A 54 1.06 -2.81 9.90
CA ASP A 54 1.90 -2.93 8.72
C ASP A 54 1.68 -4.27 7.97
N GLY A 55 2.39 -4.45 6.88
CA GLY A 55 2.29 -5.70 6.10
C GLY A 55 2.05 -5.39 4.60
N PHE A 56 2.06 -6.41 3.78
CA PHE A 56 1.87 -6.21 2.31
C PHE A 56 0.43 -5.79 1.98
N ILE A 57 0.24 -5.06 0.91
CA ILE A 57 -1.13 -4.64 0.51
C ILE A 57 -1.23 -4.76 -1.03
N PRO A 58 -2.34 -5.24 -1.56
CA PRO A 58 -2.50 -5.39 -3.00
C PRO A 58 -2.62 -4.04 -3.69
N LYS A 59 -1.63 -3.71 -4.46
CA LYS A 59 -1.61 -2.40 -5.20
C LYS A 59 -2.94 -2.09 -5.93
N ASN A 60 -3.77 -3.06 -6.21
CA ASN A 60 -5.03 -2.80 -6.92
C ASN A 60 -5.89 -1.81 -6.13
N TYR A 61 -5.86 -1.92 -4.84
CA TYR A 61 -6.63 -1.00 -3.97
C TYR A 61 -5.68 0.06 -3.46
N ILE A 62 -4.71 0.43 -4.24
CA ILE A 62 -3.73 1.43 -3.78
C ILE A 62 -3.19 2.26 -4.92
N GLU A 63 -2.63 3.37 -4.57
CA GLU A 63 -1.96 4.25 -5.51
C GLU A 63 -0.80 4.86 -4.74
N MET A 64 0.24 5.23 -5.40
CA MET A 64 1.44 5.78 -4.64
C MET A 64 1.52 7.30 -4.72
N LYS A 65 1.33 7.95 -3.60
CA LYS A 65 1.40 9.40 -3.56
C LYS A 65 2.72 9.86 -2.96
N PRO A 66 3.18 11.05 -3.39
CA PRO A 66 4.41 11.62 -2.93
C PRO A 66 4.25 12.25 -1.54
N HIS A 67 5.21 13.05 -1.13
CA HIS A 67 5.12 13.71 0.21
C HIS A 67 5.47 15.21 0.05
N PRO A 68 4.70 16.10 0.69
CA PRO A 68 4.97 17.55 0.59
C PRO A 68 6.14 17.94 1.50
N GLU A 69 5.92 18.02 2.79
CA GLU A 69 7.01 18.41 3.73
C GLU A 69 7.02 17.44 4.91
N PHE A 70 7.95 17.63 5.84
CA PHE A 70 8.01 16.72 7.02
C PHE A 70 6.75 16.93 7.89
N ILE A 71 6.75 17.94 8.74
CA ILE A 71 5.57 18.19 9.60
C ILE A 71 5.45 19.70 9.88
N VAL A 72 4.65 20.40 9.13
CA VAL A 72 4.50 21.87 9.33
C VAL A 72 3.11 22.31 8.84
N THR A 73 2.07 21.61 9.24
CA THR A 73 0.69 21.98 8.80
C THR A 73 -0.33 21.31 9.73
N ASP A 74 -0.83 22.02 10.70
CA ASP A 74 -1.82 21.43 11.64
C ASP A 74 -2.43 22.53 12.51
N SER B 1 -19.00 -8.31 -11.30
CA SER B 1 -17.88 -8.28 -12.30
C SER B 1 -17.27 -6.86 -12.39
N PRO B 2 -18.09 -5.84 -12.62
CA PRO B 2 -17.60 -4.45 -12.72
C PRO B 2 -17.34 -3.89 -11.33
N LEU B 3 -18.02 -4.39 -10.33
CA LEU B 3 -17.82 -3.87 -8.93
C LEU B 3 -16.36 -4.13 -8.51
N LEU B 4 -16.07 -4.09 -7.22
CA LEU B 4 -14.67 -4.33 -6.74
C LEU B 4 -14.16 -5.68 -7.32
N PRO B 5 -13.19 -5.65 -8.24
CA PRO B 5 -12.66 -6.88 -8.87
C PRO B 5 -11.59 -7.57 -7.99
N LYS B 6 -11.61 -7.39 -6.68
CA LYS B 6 -10.60 -8.05 -5.76
C LYS B 6 -9.14 -7.95 -6.35
N LEU B 7 -8.37 -9.03 -6.35
CA LEU B 7 -6.96 -8.96 -6.89
C LEU B 7 -6.79 -9.92 -8.10
N PRO B 8 -7.25 -9.49 -9.29
CA PRO B 8 -7.16 -10.30 -10.50
C PRO B 8 -5.84 -10.02 -11.24
N PRO B 9 -5.56 -10.76 -12.32
CA PRO B 9 -4.36 -10.54 -13.13
C PRO B 9 -4.59 -9.34 -14.07
N LYS B 10 -3.79 -9.21 -15.09
CA LYS B 10 -3.98 -8.06 -16.04
C LYS B 10 -3.47 -8.45 -17.43
N THR B 11 -4.06 -7.89 -18.46
CA THR B 11 -3.62 -8.21 -19.85
C THR B 11 -3.38 -6.90 -20.63
N TYR B 12 -4.40 -6.36 -21.27
CA TYR B 12 -4.21 -5.09 -22.04
C TYR B 12 -5.59 -4.43 -22.27
N LYS B 13 -6.25 -4.02 -21.22
CA LYS B 13 -7.59 -3.38 -21.37
C LYS B 13 -7.57 -1.98 -20.74
N ARG B 14 -7.50 -1.91 -19.43
CA ARG B 14 -7.46 -0.59 -18.74
C ARG B 14 -6.20 -0.48 -17.89
N GLU B 15 -5.86 0.71 -17.46
CA GLU B 15 -4.65 0.88 -16.61
C GLU B 15 -4.94 1.89 -15.50
N GLY A 1 22.89 2.76 -7.77
CA GLY A 1 22.81 3.33 -6.32
C GLY A 1 23.75 2.86 -5.31
N SER A 2 23.32 2.78 -4.08
CA SER A 2 24.21 2.31 -2.99
C SER A 2 23.37 1.99 -1.73
N ARG A 3 23.01 0.75 -1.55
CA ARG A 3 22.19 0.37 -0.36
C ARG A 3 23.08 0.39 0.90
N ARG A 4 22.92 1.38 1.73
CA ARG A 4 23.76 1.46 2.97
C ARG A 4 22.87 1.81 4.16
N ALA A 5 22.39 3.04 4.21
CA ALA A 5 21.52 3.46 5.34
C ALA A 5 20.79 4.76 4.97
N SER A 6 19.76 4.67 4.17
CA SER A 6 19.00 5.89 3.76
C SER A 6 17.73 6.01 4.61
N VAL A 7 16.94 7.02 4.37
CA VAL A 7 15.68 7.20 5.15
C VAL A 7 14.76 8.19 4.42
N GLY A 8 13.58 7.73 4.04
CA GLY A 8 12.63 8.63 3.32
C GLY A 8 11.64 7.79 2.52
N SER A 9 10.46 7.58 3.05
CA SER A 9 9.43 6.76 2.33
C SER A 9 8.28 7.66 1.90
N MET A 10 7.36 7.12 1.12
CA MET A 10 6.20 7.91 0.64
C MET A 10 4.91 7.28 1.13
N GLU A 11 3.79 7.73 0.62
CA GLU A 11 2.52 7.16 1.05
C GLU A 11 1.80 6.62 -0.16
N ALA A 12 0.67 6.06 0.03
CA ALA A 12 -0.11 5.51 -1.10
C ALA A 12 -1.59 5.46 -0.75
N ILE A 13 -2.35 6.26 -1.42
CA ILE A 13 -3.81 6.37 -1.16
C ILE A 13 -4.53 5.05 -1.35
N ALA A 14 -5.18 4.62 -0.32
CA ALA A 14 -6.00 3.37 -0.40
C ALA A 14 -7.30 3.71 -1.15
N LYS A 15 -7.44 3.27 -2.37
CA LYS A 15 -8.66 3.60 -3.17
C LYS A 15 -9.91 2.94 -2.56
N TYR A 16 -9.74 1.83 -1.86
CA TYR A 16 -10.93 1.14 -1.26
C TYR A 16 -10.54 0.46 0.04
N ASP A 17 -11.45 -0.29 0.59
CA ASP A 17 -11.19 -0.99 1.86
C ASP A 17 -10.72 -2.43 1.58
N PHE A 18 -10.20 -3.08 2.59
CA PHE A 18 -9.71 -4.49 2.44
C PHE A 18 -8.99 -4.88 3.73
N LYS A 19 -8.64 -6.14 3.88
CA LYS A 19 -7.94 -6.59 5.12
C LYS A 19 -6.67 -7.34 4.77
N ALA A 20 -5.97 -7.76 5.76
CA ALA A 20 -4.72 -8.50 5.52
C ALA A 20 -5.06 -9.93 5.07
N THR A 21 -4.48 -10.39 4.00
CA THR A 21 -4.78 -11.78 3.53
C THR A 21 -3.53 -12.65 3.66
N ALA A 22 -2.87 -12.58 4.79
CA ALA A 22 -1.65 -13.40 5.01
C ALA A 22 -1.08 -13.11 6.37
N ASP A 23 -0.03 -13.79 6.71
CA ASP A 23 0.61 -13.60 8.02
C ASP A 23 1.55 -12.39 7.99
N ASP A 24 1.62 -11.69 6.87
CA ASP A 24 2.48 -10.52 6.77
C ASP A 24 1.78 -9.47 5.89
N GLU A 25 0.47 -9.47 5.89
CA GLU A 25 -0.27 -8.48 5.06
C GLU A 25 -0.76 -7.34 5.95
N LEU A 26 -1.42 -6.37 5.37
CA LEU A 26 -1.90 -5.20 6.18
C LEU A 26 -3.36 -4.90 5.86
N SER A 27 -4.14 -4.63 6.89
CA SER A 27 -5.59 -4.34 6.70
C SER A 27 -5.83 -2.83 6.67
N PHE A 28 -6.50 -2.33 5.66
CA PHE A 28 -6.80 -0.87 5.57
C PHE A 28 -8.24 -0.65 5.17
N LYS A 29 -8.66 0.59 5.10
CA LYS A 29 -10.06 0.90 4.71
C LYS A 29 -10.05 1.84 3.51
N ARG A 30 -11.20 2.19 3.03
CA ARG A 30 -11.29 3.11 1.87
C ARG A 30 -10.95 4.52 2.33
N GLY A 31 -9.83 5.02 1.89
CA GLY A 31 -9.41 6.40 2.30
C GLY A 31 -8.29 6.31 3.35
N ASP A 32 -7.80 5.12 3.64
CA ASP A 32 -6.72 4.97 4.61
C ASP A 32 -5.42 4.86 3.86
N ILE A 33 -4.73 5.95 3.73
CA ILE A 33 -3.44 5.92 2.99
C ILE A 33 -2.41 5.15 3.82
N LEU A 34 -1.54 4.43 3.17
CA LEU A 34 -0.53 3.61 3.91
C LEU A 34 0.84 4.26 3.76
N LYS A 35 1.80 3.85 4.58
CA LYS A 35 3.17 4.43 4.45
C LYS A 35 4.07 3.37 3.82
N VAL A 36 4.40 3.54 2.55
CA VAL A 36 5.25 2.52 1.85
C VAL A 36 6.50 2.19 2.67
N LEU A 37 6.56 0.99 3.15
CA LEU A 37 7.71 0.53 3.96
C LEU A 37 8.73 -0.09 3.03
N ASN A 38 8.26 -0.88 2.09
CA ASN A 38 9.20 -1.54 1.14
C ASN A 38 8.45 -2.05 -0.09
N GLU A 39 9.16 -2.55 -1.06
CA GLU A 39 8.50 -3.07 -2.29
C GLU A 39 8.96 -4.52 -2.52
N GLU A 40 8.73 -5.37 -1.56
CA GLU A 40 9.13 -6.80 -1.69
C GLU A 40 7.93 -7.62 -2.14
N CYS A 41 8.11 -8.91 -2.28
CA CYS A 41 6.97 -9.79 -2.73
C CYS A 41 6.59 -9.40 -4.15
N ASP A 42 5.43 -9.83 -4.59
CA ASP A 42 4.94 -9.53 -5.97
C ASP A 42 5.18 -8.09 -6.35
N GLN A 43 5.08 -7.78 -7.61
CA GLN A 43 5.31 -6.39 -8.05
C GLN A 43 3.98 -5.62 -8.04
N ASN A 44 2.99 -6.12 -7.35
CA ASN A 44 1.67 -5.42 -7.30
C ASN A 44 1.36 -5.01 -5.88
N TRP A 45 1.76 -5.79 -4.94
CA TRP A 45 1.49 -5.44 -3.50
C TRP A 45 2.78 -4.85 -2.90
N TYR A 46 2.67 -3.86 -2.03
CA TYR A 46 3.90 -3.25 -1.42
C TYR A 46 3.85 -3.31 0.09
N LYS A 47 4.98 -3.53 0.72
CA LYS A 47 5.01 -3.48 2.21
C LYS A 47 4.58 -2.06 2.60
N ALA A 48 3.97 -1.85 3.74
CA ALA A 48 3.52 -0.46 4.07
C ALA A 48 3.06 -0.34 5.49
N GLU A 49 2.55 0.80 5.78
CA GLU A 49 2.15 1.14 7.12
C GLU A 49 0.70 1.59 7.22
N LEU A 50 0.20 1.58 8.41
CA LEU A 50 -1.18 2.06 8.71
C LEU A 50 -1.24 2.68 10.05
N ASN A 51 -1.04 3.95 10.06
CA ASN A 51 -1.06 4.74 11.30
C ASN A 51 -0.27 4.07 12.45
N GLY A 52 0.68 3.22 12.12
CA GLY A 52 1.48 2.55 13.21
C GLY A 52 1.76 1.07 12.87
N LYS A 53 0.78 0.38 12.31
CA LYS A 53 0.97 -1.02 11.96
C LYS A 53 1.68 -1.09 10.64
N ASP A 54 1.78 -2.25 10.10
CA ASP A 54 2.48 -2.39 8.84
C ASP A 54 2.05 -3.68 8.10
N GLY A 55 2.66 -3.94 6.97
CA GLY A 55 2.34 -5.16 6.18
C GLY A 55 2.11 -4.82 4.69
N PHE A 56 2.20 -5.82 3.83
CA PHE A 56 2.02 -5.58 2.35
C PHE A 56 0.57 -5.23 2.03
N ILE A 57 0.34 -4.56 0.91
CA ILE A 57 -1.05 -4.20 0.55
C ILE A 57 -1.21 -4.28 -0.99
N PRO A 58 -2.32 -4.83 -1.48
CA PRO A 58 -2.55 -4.94 -2.92
C PRO A 58 -2.75 -3.56 -3.55
N LYS A 59 -1.78 -3.12 -4.29
CA LYS A 59 -1.83 -1.78 -4.95
C LYS A 59 -3.15 -1.56 -5.75
N ASN A 60 -3.87 -2.60 -6.11
CA ASN A 60 -5.12 -2.42 -6.88
C ASN A 60 -6.10 -1.54 -6.09
N TYR A 61 -6.07 -1.65 -4.79
CA TYR A 61 -6.95 -0.82 -3.94
C TYR A 61 -6.11 0.31 -3.41
N ILE A 62 -5.21 0.79 -4.22
CA ILE A 62 -4.31 1.85 -3.75
C ILE A 62 -3.72 2.66 -4.91
N GLU A 63 -2.99 3.67 -4.57
CA GLU A 63 -2.30 4.52 -5.53
C GLU A 63 -1.09 5.11 -4.83
N MET A 64 -0.10 5.51 -5.58
CA MET A 64 1.17 6.03 -4.93
C MET A 64 1.21 7.55 -4.85
N LYS A 65 1.11 8.08 -3.63
CA LYS A 65 1.19 9.52 -3.44
C LYS A 65 2.56 9.91 -2.88
N PRO A 66 2.92 11.17 -3.12
CA PRO A 66 4.19 11.70 -2.70
C PRO A 66 4.25 11.90 -1.18
N HIS A 67 5.24 12.62 -0.72
CA HIS A 67 5.38 12.86 0.74
C HIS A 67 6.22 14.14 0.97
N PRO A 68 5.56 15.30 1.06
CA PRO A 68 6.26 16.58 1.26
C PRO A 68 6.68 16.74 2.72
N GLU A 69 7.59 17.64 2.99
CA GLU A 69 8.05 17.86 4.40
C GLU A 69 9.09 18.99 4.41
N PHE A 70 8.63 20.23 4.40
CA PHE A 70 9.58 21.38 4.41
C PHE A 70 9.76 21.88 5.84
N ILE A 71 8.69 22.23 6.50
CA ILE A 71 8.76 22.74 7.91
C ILE A 71 9.44 24.12 7.94
N VAL A 72 9.41 24.84 6.83
CA VAL A 72 10.04 26.20 6.79
C VAL A 72 9.27 27.09 5.81
N THR A 73 8.36 27.90 6.31
CA THR A 73 7.57 28.80 5.42
C THR A 73 6.79 27.96 4.39
N ASP A 74 6.16 26.90 4.85
CA ASP A 74 5.36 26.03 3.92
C ASP A 74 6.29 25.49 2.81
N SER B 1 -25.58 -3.69 -0.96
CA SER B 1 -25.95 -4.60 -2.10
C SER B 1 -24.71 -4.95 -2.95
N PRO B 2 -23.93 -3.93 -3.38
CA PRO B 2 -22.75 -4.18 -4.19
C PRO B 2 -21.57 -4.66 -3.33
N LEU B 3 -20.57 -5.24 -3.95
CA LEU B 3 -19.40 -5.72 -3.18
C LEU B 3 -18.16 -5.71 -4.08
N LEU B 4 -17.01 -5.42 -3.53
CA LEU B 4 -15.78 -5.39 -4.37
C LEU B 4 -15.44 -6.82 -4.87
N PRO B 5 -14.78 -6.92 -6.02
CA PRO B 5 -14.43 -8.22 -6.60
C PRO B 5 -13.20 -8.82 -5.89
N LYS B 6 -12.60 -9.82 -6.47
CA LYS B 6 -11.40 -10.46 -5.85
C LYS B 6 -10.16 -9.61 -6.15
N LEU B 7 -8.97 -10.19 -6.06
CA LEU B 7 -7.72 -9.42 -6.33
C LEU B 7 -6.95 -10.07 -7.51
N PRO B 8 -7.31 -9.72 -8.75
CA PRO B 8 -6.65 -10.26 -9.95
C PRO B 8 -5.59 -9.27 -10.52
N PRO B 9 -4.34 -9.32 -10.06
CA PRO B 9 -3.28 -8.44 -10.57
C PRO B 9 -2.80 -8.92 -11.94
N LYS B 10 -2.48 -8.02 -12.84
CA LYS B 10 -1.98 -8.44 -14.19
C LYS B 10 -1.62 -7.20 -15.03
N THR B 11 -2.54 -6.68 -15.82
CA THR B 11 -2.24 -5.46 -16.66
C THR B 11 -3.55 -4.90 -17.20
N TYR B 12 -4.12 -3.93 -16.53
CA TYR B 12 -5.40 -3.34 -17.01
C TYR B 12 -5.55 -1.92 -16.45
N LYS B 13 -6.09 -1.02 -17.23
CA LYS B 13 -6.28 0.38 -16.76
C LYS B 13 -7.77 0.66 -16.56
N ARG B 14 -8.15 1.16 -15.42
CA ARG B 14 -9.60 1.45 -15.16
C ARG B 14 -9.72 2.60 -14.16
N GLU B 15 -10.73 3.42 -14.31
CA GLU B 15 -10.92 4.57 -13.37
C GLU B 15 -12.06 4.25 -12.39
N GLY A 1 27.08 1.89 2.68
CA GLY A 1 25.53 2.03 2.71
C GLY A 1 24.85 2.47 3.93
N SER A 2 25.42 3.42 4.63
CA SER A 2 24.79 3.93 5.89
C SER A 2 23.71 4.96 5.53
N ARG A 3 24.10 6.18 5.24
CA ARG A 3 23.11 7.24 4.88
C ARG A 3 22.11 7.43 6.03
N ARG A 4 22.28 8.47 6.80
CA ARG A 4 21.34 8.72 7.95
C ARG A 4 20.77 10.14 7.83
N ALA A 5 19.63 10.29 7.22
CA ALA A 5 19.01 11.64 7.07
C ALA A 5 17.78 11.74 7.97
N SER A 6 16.65 11.23 7.53
CA SER A 6 15.40 11.29 8.36
C SER A 6 14.24 10.63 7.63
N VAL A 7 13.68 11.30 6.64
CA VAL A 7 12.55 10.72 5.87
C VAL A 7 13.09 9.77 4.80
N GLY A 8 12.24 8.90 4.28
CA GLY A 8 12.70 7.95 3.23
C GLY A 8 11.49 7.27 2.60
N SER A 9 10.70 6.58 3.38
CA SER A 9 9.51 5.87 2.83
C SER A 9 8.49 6.89 2.33
N MET A 10 7.60 6.44 1.49
CA MET A 10 6.54 7.35 0.95
C MET A 10 5.19 6.87 1.42
N GLU A 11 4.13 7.43 0.90
CA GLU A 11 2.81 7.01 1.31
C GLU A 11 2.14 6.38 0.11
N ALA A 12 0.96 5.92 0.29
CA ALA A 12 0.23 5.29 -0.83
C ALA A 12 -1.27 5.29 -0.55
N ILE A 13 -2.00 5.98 -1.36
CA ILE A 13 -3.46 6.10 -1.18
C ILE A 13 -4.18 4.78 -1.36
N ALA A 14 -4.88 4.38 -0.34
CA ALA A 14 -5.71 3.14 -0.45
C ALA A 14 -6.96 3.50 -1.27
N LYS A 15 -7.01 3.12 -2.51
CA LYS A 15 -8.16 3.48 -3.38
C LYS A 15 -9.48 2.89 -2.86
N TYR A 16 -9.44 1.77 -2.15
CA TYR A 16 -10.73 1.15 -1.66
C TYR A 16 -10.54 0.48 -0.30
N ASP A 17 -11.55 -0.20 0.15
CA ASP A 17 -11.50 -0.89 1.46
C ASP A 17 -10.82 -2.26 1.31
N PHE A 18 -10.46 -2.87 2.41
CA PHE A 18 -9.81 -4.22 2.38
C PHE A 18 -9.33 -4.58 3.79
N LYS A 19 -8.83 -5.77 3.97
CA LYS A 19 -8.34 -6.21 5.32
C LYS A 19 -7.14 -7.11 5.15
N ALA A 20 -6.39 -7.26 6.21
CA ALA A 20 -5.20 -8.13 6.15
C ALA A 20 -5.64 -9.58 6.00
N THR A 21 -5.05 -10.30 5.08
CA THR A 21 -5.45 -11.74 4.87
C THR A 21 -4.35 -12.65 5.45
N ALA A 22 -3.13 -12.45 5.01
CA ALA A 22 -2.00 -13.29 5.54
C ALA A 22 -1.65 -12.83 6.92
N ASP A 23 -0.91 -13.63 7.60
CA ASP A 23 -0.48 -13.29 8.98
C ASP A 23 0.38 -12.02 8.97
N ASP A 24 0.93 -11.67 7.82
CA ASP A 24 1.76 -10.46 7.73
C ASP A 24 1.16 -9.53 6.68
N GLU A 25 -0.15 -9.46 6.59
CA GLU A 25 -0.80 -8.58 5.59
C GLU A 25 -1.30 -7.32 6.30
N LEU A 26 -1.74 -6.35 5.54
CA LEU A 26 -2.20 -5.07 6.17
C LEU A 26 -3.70 -4.86 5.96
N SER A 27 -4.36 -4.30 6.95
CA SER A 27 -5.80 -4.01 6.84
C SER A 27 -5.99 -2.51 6.63
N PHE A 28 -6.95 -2.11 5.82
CA PHE A 28 -7.14 -0.65 5.59
C PHE A 28 -8.53 -0.41 4.97
N LYS A 29 -8.95 0.82 4.96
CA LYS A 29 -10.28 1.16 4.39
C LYS A 29 -10.11 2.05 3.16
N ARG A 30 -11.20 2.41 2.56
CA ARG A 30 -11.17 3.27 1.36
C ARG A 30 -10.78 4.70 1.77
N GLY A 31 -9.55 5.08 1.55
CA GLY A 31 -9.10 6.44 1.93
C GLY A 31 -8.03 6.36 3.03
N ASP A 32 -7.64 5.17 3.43
CA ASP A 32 -6.63 5.01 4.46
C ASP A 32 -5.27 4.96 3.79
N ILE A 33 -4.64 6.09 3.60
CA ILE A 33 -3.31 6.09 2.94
C ILE A 33 -2.29 5.47 3.90
N LEU A 34 -1.57 4.52 3.42
CA LEU A 34 -0.58 3.79 4.27
C LEU A 34 0.83 4.36 4.08
N LYS A 35 1.79 3.83 4.80
CA LYS A 35 3.20 4.32 4.67
C LYS A 35 4.04 3.23 4.03
N VAL A 36 4.29 3.32 2.75
CA VAL A 36 5.07 2.25 2.07
C VAL A 36 6.51 2.16 2.62
N LEU A 37 6.78 1.15 3.40
CA LEU A 37 8.13 0.94 3.98
C LEU A 37 9.00 0.29 2.93
N ASN A 38 8.40 -0.54 2.09
CA ASN A 38 9.20 -1.23 1.03
C ASN A 38 8.49 -1.12 -0.31
N GLU A 39 9.14 -0.54 -1.28
CA GLU A 39 8.54 -0.39 -2.63
C GLU A 39 9.32 -1.25 -3.62
N GLU A 40 9.41 -2.53 -3.34
CA GLU A 40 10.15 -3.45 -4.24
C GLU A 40 9.17 -4.25 -5.08
N CYS A 41 9.65 -4.96 -6.07
CA CYS A 41 8.74 -5.77 -6.93
C CYS A 41 8.18 -6.93 -6.13
N ASP A 42 7.07 -7.45 -6.54
CA ASP A 42 6.44 -8.57 -5.84
C ASP A 42 5.28 -9.06 -6.67
N GLN A 43 4.27 -9.65 -6.08
CA GLN A 43 3.13 -10.12 -6.87
C GLN A 43 2.06 -9.03 -6.92
N ASN A 44 2.48 -7.77 -7.14
CA ASN A 44 1.55 -6.59 -7.23
C ASN A 44 1.04 -6.12 -5.86
N TRP A 45 1.80 -6.33 -4.82
CA TRP A 45 1.40 -5.82 -3.44
C TRP A 45 2.61 -5.08 -2.83
N TYR A 46 2.40 -3.93 -2.23
CA TYR A 46 3.54 -3.15 -1.61
C TYR A 46 3.71 -3.55 -0.15
N LYS A 47 4.67 -2.97 0.50
CA LYS A 47 4.87 -3.20 1.95
C LYS A 47 4.65 -1.84 2.60
N ALA A 48 3.82 -1.75 3.61
CA ALA A 48 3.55 -0.41 4.21
C ALA A 48 3.05 -0.51 5.60
N GLU A 49 2.66 0.61 6.16
CA GLU A 49 2.21 0.60 7.54
C GLU A 49 1.21 1.73 7.83
N LEU A 50 0.16 1.35 8.43
CA LEU A 50 -0.91 2.30 8.81
C LEU A 50 -0.83 2.68 10.25
N ASN A 51 -0.21 3.79 10.46
CA ASN A 51 -0.08 4.36 11.83
C ASN A 51 0.24 3.32 12.93
N GLY A 52 0.81 2.20 12.59
CA GLY A 52 1.11 1.18 13.64
C GLY A 52 1.09 -0.23 13.05
N LYS A 53 0.20 -0.48 12.12
CA LYS A 53 0.13 -1.79 11.50
C LYS A 53 0.99 -1.77 10.29
N ASP A 54 1.19 -2.89 9.69
CA ASP A 54 2.03 -2.96 8.51
C ASP A 54 1.93 -4.32 7.79
N GLY A 55 2.65 -4.47 6.71
CA GLY A 55 2.65 -5.76 5.97
C GLY A 55 2.32 -5.54 4.49
N PHE A 56 2.12 -6.62 3.77
CA PHE A 56 1.82 -6.52 2.32
C PHE A 56 0.46 -5.87 2.09
N ILE A 57 0.27 -5.23 0.95
CA ILE A 57 -1.02 -4.60 0.65
C ILE A 57 -1.25 -4.75 -0.88
N PRO A 58 -2.42 -5.20 -1.29
CA PRO A 58 -2.69 -5.36 -2.71
C PRO A 58 -2.77 -4.02 -3.42
N LYS A 59 -1.81 -3.77 -4.24
CA LYS A 59 -1.71 -2.48 -5.01
C LYS A 59 -3.01 -2.12 -5.75
N ASN A 60 -3.90 -3.06 -5.98
CA ASN A 60 -5.14 -2.75 -6.71
C ASN A 60 -6.01 -1.81 -5.87
N TYR A 61 -5.90 -1.91 -4.58
CA TYR A 61 -6.67 -1.03 -3.67
C TYR A 61 -5.75 0.07 -3.22
N ILE A 62 -4.76 0.42 -4.01
CA ILE A 62 -3.83 1.45 -3.56
C ILE A 62 -3.14 2.16 -4.72
N GLU A 63 -2.40 3.19 -4.38
CA GLU A 63 -1.62 3.95 -5.34
C GLU A 63 -0.44 4.55 -4.57
N MET A 64 0.62 4.88 -5.25
CA MET A 64 1.83 5.43 -4.54
C MET A 64 1.89 6.97 -4.57
N LYS A 65 1.71 7.60 -3.43
CA LYS A 65 1.78 9.04 -3.35
C LYS A 65 3.15 9.50 -2.82
N PRO A 66 3.59 10.67 -3.31
CA PRO A 66 4.87 11.22 -2.92
C PRO A 66 4.82 11.88 -1.54
N HIS A 67 5.83 12.64 -1.21
CA HIS A 67 5.87 13.34 0.11
C HIS A 67 6.37 14.79 -0.12
N PRO A 68 5.45 15.76 -0.14
CA PRO A 68 5.82 17.17 -0.36
C PRO A 68 6.47 17.78 0.89
N GLU A 69 5.68 18.16 1.87
CA GLU A 69 6.25 18.77 3.11
C GLU A 69 5.23 18.65 4.24
N PHE A 70 5.64 19.01 5.44
CA PHE A 70 4.72 18.92 6.61
C PHE A 70 4.97 20.10 7.55
N ILE A 71 4.02 21.00 7.67
CA ILE A 71 4.21 22.18 8.57
C ILE A 71 3.00 22.27 9.52
N VAL A 72 3.26 22.51 10.78
CA VAL A 72 2.14 22.62 11.77
C VAL A 72 2.38 23.82 12.68
N THR A 73 1.80 24.95 12.35
CA THR A 73 1.98 26.17 13.20
C THR A 73 0.66 26.54 13.87
N ASP A 74 -0.45 26.28 13.21
CA ASP A 74 -1.79 26.61 13.79
C ASP A 74 -1.88 28.12 14.05
N SER B 1 -20.01 -9.36 -12.08
CA SER B 1 -18.68 -9.86 -11.62
C SER B 1 -17.67 -8.70 -11.67
N PRO B 2 -17.62 -7.90 -10.59
CA PRO B 2 -16.68 -6.77 -10.52
C PRO B 2 -15.27 -7.25 -10.20
N LEU B 3 -14.27 -6.60 -10.75
CA LEU B 3 -12.87 -7.02 -10.49
C LEU B 3 -12.31 -6.32 -9.23
N LEU B 4 -13.05 -5.36 -8.69
CA LEU B 4 -12.56 -4.64 -7.46
C LEU B 4 -12.24 -5.65 -6.32
N PRO B 5 -13.17 -6.57 -6.02
CA PRO B 5 -12.95 -7.56 -4.95
C PRO B 5 -12.02 -8.69 -5.41
N LYS B 6 -11.32 -9.30 -4.48
CA LYS B 6 -10.39 -10.41 -4.83
C LYS B 6 -9.29 -9.91 -5.77
N LEU B 7 -8.16 -10.59 -5.79
CA LEU B 7 -7.04 -10.17 -6.68
C LEU B 7 -6.80 -11.27 -7.75
N PRO B 8 -7.45 -11.16 -8.91
CA PRO B 8 -7.29 -12.14 -9.98
C PRO B 8 -5.96 -11.93 -10.72
N PRO B 9 -5.39 -13.01 -11.27
CA PRO B 9 -4.12 -12.94 -12.00
C PRO B 9 -4.34 -12.40 -13.43
N LYS B 10 -4.85 -13.21 -14.32
CA LYS B 10 -5.08 -12.75 -15.72
C LYS B 10 -6.24 -11.75 -15.75
N THR B 11 -6.71 -11.41 -16.92
CA THR B 11 -7.85 -10.42 -17.05
C THR B 11 -7.48 -9.11 -16.36
N TYR B 12 -8.30 -8.09 -16.52
CA TYR B 12 -8.01 -6.78 -15.87
C TYR B 12 -9.17 -5.81 -16.14
N LYS B 13 -9.11 -4.64 -15.56
CA LYS B 13 -10.21 -3.63 -15.77
C LYS B 13 -9.64 -2.41 -16.51
N ARG B 14 -10.47 -1.42 -16.76
CA ARG B 14 -9.98 -0.20 -17.47
C ARG B 14 -8.90 0.49 -16.65
N GLU B 15 -8.27 1.51 -17.20
CA GLU B 15 -7.19 2.24 -16.44
C GLU B 15 -6.08 1.25 -16.06
N GLY A 1 22.77 -2.32 -7.28
CA GLY A 1 23.55 -1.53 -6.19
C GLY A 1 23.76 -0.08 -6.35
N SER A 2 22.82 0.60 -6.95
CA SER A 2 22.96 2.06 -7.16
C SER A 2 21.95 2.81 -6.26
N ARG A 3 21.99 2.54 -4.98
CA ARG A 3 21.05 3.22 -4.03
C ARG A 3 21.41 2.87 -2.59
N ARG A 4 21.86 3.83 -1.83
CA ARG A 4 22.22 3.57 -0.41
C ARG A 4 21.39 4.47 0.50
N ALA A 5 20.65 3.88 1.42
CA ALA A 5 19.80 4.69 2.34
C ALA A 5 18.78 5.50 1.53
N SER A 6 18.00 6.32 2.19
CA SER A 6 16.99 7.14 1.45
C SER A 6 16.46 8.24 2.38
N VAL A 7 15.74 9.18 1.84
CA VAL A 7 15.18 10.29 2.68
C VAL A 7 14.21 9.70 3.70
N GLY A 8 13.31 8.85 3.26
CA GLY A 8 12.33 8.24 4.21
C GLY A 8 11.42 7.29 3.43
N SER A 9 10.13 7.44 3.60
CA SER A 9 9.16 6.55 2.87
C SER A 9 8.08 7.39 2.21
N MET A 10 7.24 6.78 1.42
CA MET A 10 6.14 7.53 0.75
C MET A 10 4.81 7.01 1.26
N GLU A 11 3.73 7.44 0.66
CA GLU A 11 2.43 6.97 1.10
C GLU A 11 1.75 6.39 -0.11
N ALA A 12 0.62 5.82 0.10
CA ALA A 12 -0.14 5.24 -1.03
C ALA A 12 -1.62 5.24 -0.71
N ILE A 13 -2.35 6.02 -1.43
CA ILE A 13 -3.80 6.17 -1.19
C ILE A 13 -4.55 4.87 -1.37
N ALA A 14 -5.17 4.42 -0.31
CA ALA A 14 -6.01 3.19 -0.40
C ALA A 14 -7.28 3.56 -1.19
N LYS A 15 -7.37 3.16 -2.43
CA LYS A 15 -8.56 3.53 -3.26
C LYS A 15 -9.83 2.91 -2.70
N TYR A 16 -9.72 1.81 -1.99
CA TYR A 16 -10.95 1.14 -1.44
C TYR A 16 -10.64 0.49 -0.11
N ASP A 17 -11.57 -0.25 0.40
CA ASP A 17 -11.39 -0.91 1.71
C ASP A 17 -10.81 -2.32 1.49
N PHE A 18 -10.35 -2.93 2.55
CA PHE A 18 -9.75 -4.31 2.46
C PHE A 18 -9.19 -4.69 3.83
N LYS A 19 -8.70 -5.89 3.96
CA LYS A 19 -8.13 -6.35 5.27
C LYS A 19 -6.93 -7.22 5.03
N ALA A 20 -6.09 -7.35 6.02
CA ALA A 20 -4.89 -8.20 5.87
C ALA A 20 -5.34 -9.65 5.72
N THR A 21 -4.92 -10.30 4.68
CA THR A 21 -5.34 -11.72 4.47
C THR A 21 -4.19 -12.64 4.86
N ALA A 22 -3.45 -12.25 5.87
CA ALA A 22 -2.29 -13.07 6.32
C ALA A 22 -1.59 -12.33 7.43
N ASP A 23 -0.78 -13.03 8.14
CA ASP A 23 -0.02 -12.42 9.25
C ASP A 23 0.96 -11.39 8.68
N ASP A 24 1.38 -11.59 7.44
CA ASP A 24 2.32 -10.67 6.82
C ASP A 24 1.60 -9.73 5.84
N GLU A 25 0.32 -9.48 6.05
CA GLU A 25 -0.42 -8.58 5.13
C GLU A 25 -0.89 -7.35 5.90
N LEU A 26 -1.40 -6.35 5.21
CA LEU A 26 -1.84 -5.10 5.91
C LEU A 26 -3.31 -4.77 5.59
N SER A 27 -4.06 -4.45 6.61
CA SER A 27 -5.47 -4.10 6.43
C SER A 27 -5.61 -2.58 6.21
N PHE A 28 -6.78 -2.14 5.82
CA PHE A 28 -6.99 -0.66 5.61
C PHE A 28 -8.42 -0.44 5.12
N LYS A 29 -8.87 0.80 5.09
CA LYS A 29 -10.24 1.09 4.62
C LYS A 29 -10.17 2.01 3.40
N ARG A 30 -11.30 2.34 2.85
CA ARG A 30 -11.33 3.22 1.68
C ARG A 30 -11.01 4.65 2.12
N GLY A 31 -9.85 5.15 1.77
CA GLY A 31 -9.47 6.54 2.16
C GLY A 31 -8.38 6.49 3.25
N ASP A 32 -7.89 5.31 3.59
CA ASP A 32 -6.85 5.19 4.60
C ASP A 32 -5.53 5.03 3.87
N ILE A 33 -4.82 6.09 3.68
CA ILE A 33 -3.53 6.00 2.96
C ILE A 33 -2.49 5.29 3.84
N LEU A 34 -1.75 4.38 3.27
CA LEU A 34 -0.75 3.60 4.04
C LEU A 34 0.62 4.25 3.92
N LYS A 35 1.59 3.81 4.71
CA LYS A 35 2.98 4.41 4.63
C LYS A 35 3.93 3.42 3.96
N VAL A 36 4.14 3.54 2.67
CA VAL A 36 5.05 2.58 1.97
C VAL A 36 6.45 2.61 2.58
N LEU A 37 6.80 1.56 3.29
CA LEU A 37 8.15 1.46 3.89
C LEU A 37 9.08 0.87 2.84
N ASN A 38 8.55 0.06 1.95
CA ASN A 38 9.42 -0.56 0.90
C ASN A 38 8.55 -1.17 -0.20
N GLU A 39 9.15 -1.89 -1.11
CA GLU A 39 8.38 -2.52 -2.22
C GLU A 39 8.95 -3.92 -2.51
N GLU A 40 8.85 -4.80 -1.56
CA GLU A 40 9.38 -6.19 -1.75
C GLU A 40 8.24 -7.10 -2.19
N CYS A 41 8.52 -8.36 -2.34
CA CYS A 41 7.46 -9.34 -2.78
C CYS A 41 7.04 -9.01 -4.21
N ASP A 42 5.96 -9.59 -4.65
CA ASP A 42 5.45 -9.37 -6.04
C ASP A 42 5.51 -7.91 -6.44
N GLN A 43 5.37 -7.65 -7.70
CA GLN A 43 5.39 -6.26 -8.16
C GLN A 43 3.96 -5.69 -8.21
N ASN A 44 3.04 -6.32 -7.50
CA ASN A 44 1.63 -5.82 -7.50
C ASN A 44 1.29 -5.33 -6.12
N TRP A 45 1.79 -5.96 -5.12
CA TRP A 45 1.50 -5.48 -3.73
C TRP A 45 2.75 -4.78 -3.17
N TYR A 46 2.57 -3.64 -2.55
CA TYR A 46 3.73 -2.88 -1.97
C TYR A 46 3.95 -3.30 -0.51
N LYS A 47 4.83 -2.62 0.18
CA LYS A 47 5.06 -2.89 1.62
C LYS A 47 4.80 -1.55 2.31
N ALA A 48 4.01 -1.53 3.36
CA ALA A 48 3.69 -0.22 4.02
C ALA A 48 3.22 -0.40 5.42
N GLU A 49 2.81 0.68 6.02
CA GLU A 49 2.40 0.61 7.41
C GLU A 49 1.36 1.67 7.75
N LEU A 50 0.34 1.24 8.39
CA LEU A 50 -0.75 2.15 8.81
C LEU A 50 -0.67 2.48 10.26
N ASN A 51 -0.11 3.60 10.52
CA ASN A 51 0.01 4.12 11.90
C ASN A 51 0.42 3.06 12.94
N GLY A 52 1.04 1.98 12.54
CA GLY A 52 1.44 0.94 13.55
C GLY A 52 1.46 -0.44 12.90
N LYS A 53 0.53 -0.72 12.01
CA LYS A 53 0.51 -2.02 11.34
C LYS A 53 1.33 -1.91 10.11
N ASP A 54 1.53 -3.00 9.45
CA ASP A 54 2.33 -2.98 8.23
C ASP A 54 2.25 -4.31 7.47
N GLY A 55 2.96 -4.40 6.37
CA GLY A 55 2.97 -5.66 5.57
C GLY A 55 2.61 -5.39 4.12
N PHE A 56 2.38 -6.44 3.37
CA PHE A 56 2.06 -6.30 1.92
C PHE A 56 0.70 -5.64 1.73
N ILE A 57 0.52 -4.91 0.64
CA ILE A 57 -0.78 -4.25 0.37
C ILE A 57 -1.07 -4.41 -1.13
N PRO A 58 -2.26 -4.88 -1.50
CA PRO A 58 -2.59 -5.05 -2.92
C PRO A 58 -2.76 -3.70 -3.58
N LYS A 59 -1.82 -3.33 -4.39
CA LYS A 59 -1.83 -2.01 -5.08
C LYS A 59 -3.15 -1.76 -5.87
N ASN A 60 -3.90 -2.78 -6.21
CA ASN A 60 -5.14 -2.57 -6.96
C ASN A 60 -6.13 -1.75 -6.13
N TYR A 61 -6.04 -1.85 -4.83
CA TYR A 61 -6.92 -1.06 -3.92
C TYR A 61 -6.10 0.09 -3.42
N ILE A 62 -5.15 0.55 -4.20
CA ILE A 62 -4.27 1.63 -3.73
C ILE A 62 -3.64 2.38 -4.90
N GLU A 63 -2.95 3.43 -4.56
CA GLU A 63 -2.22 4.22 -5.53
C GLU A 63 -1.00 4.78 -4.81
N MET A 64 0.03 5.10 -5.52
CA MET A 64 1.28 5.60 -4.86
C MET A 64 1.35 7.12 -4.83
N LYS A 65 1.19 7.70 -3.67
CA LYS A 65 1.26 9.16 -3.55
C LYS A 65 2.63 9.59 -3.00
N PRO A 66 3.04 10.80 -3.41
CA PRO A 66 4.31 11.36 -3.01
C PRO A 66 4.28 11.90 -1.58
N HIS A 67 5.28 12.67 -1.22
CA HIS A 67 5.34 13.25 0.16
C HIS A 67 6.31 14.45 0.15
N PRO A 68 6.18 15.35 1.14
CA PRO A 68 7.07 16.51 1.23
C PRO A 68 8.43 16.10 1.79
N GLU A 69 9.45 16.90 1.55
CA GLU A 69 10.81 16.56 2.07
C GLU A 69 10.78 16.56 3.60
N PHE A 70 10.44 17.67 4.20
CA PHE A 70 10.39 17.75 5.69
C PHE A 70 9.16 18.55 6.12
N ILE A 71 8.44 18.05 7.09
CA ILE A 71 7.22 18.76 7.57
C ILE A 71 7.57 19.65 8.77
N VAL A 72 7.70 20.93 8.56
CA VAL A 72 8.04 21.86 9.68
C VAL A 72 6.83 22.73 10.02
N THR A 73 6.03 23.05 9.04
CA THR A 73 4.82 23.89 9.29
C THR A 73 3.86 23.14 10.21
N ASP A 74 3.17 23.84 11.08
CA ASP A 74 2.21 23.16 12.01
C ASP A 74 1.07 22.55 11.20
N SER B 1 -16.39 3.03 -8.12
CA SER B 1 -17.39 2.99 -9.24
C SER B 1 -17.60 1.52 -9.72
N PRO B 2 -16.51 0.82 -10.06
CA PRO B 2 -16.61 -0.56 -10.53
C PRO B 2 -16.78 -1.51 -9.34
N LEU B 3 -17.26 -2.71 -9.59
CA LEU B 3 -17.45 -3.68 -8.47
C LEU B 3 -16.08 -4.05 -7.88
N LEU B 4 -16.05 -4.38 -6.61
CA LEU B 4 -14.75 -4.75 -5.98
C LEU B 4 -14.94 -5.97 -5.04
N PRO B 5 -14.98 -7.17 -5.61
CA PRO B 5 -15.15 -8.40 -4.82
C PRO B 5 -13.82 -8.82 -4.20
N LYS B 6 -12.85 -9.14 -5.01
CA LYS B 6 -11.51 -9.56 -4.48
C LYS B 6 -10.42 -8.99 -5.39
N LEU B 7 -9.20 -9.48 -5.27
CA LEU B 7 -8.10 -8.97 -6.14
C LEU B 7 -8.46 -9.22 -7.63
N PRO B 8 -8.65 -8.16 -8.42
CA PRO B 8 -9.01 -8.31 -9.84
C PRO B 8 -7.76 -8.71 -10.67
N PRO B 9 -7.92 -9.62 -11.64
CA PRO B 9 -6.81 -10.07 -12.48
C PRO B 9 -6.54 -9.06 -13.60
N LYS B 10 -5.58 -9.32 -14.44
CA LYS B 10 -5.26 -8.39 -15.57
C LYS B 10 -4.95 -6.99 -15.02
N THR B 11 -4.98 -5.99 -15.86
CA THR B 11 -4.68 -4.60 -15.38
C THR B 11 -6.00 -3.91 -14.96
N TYR B 12 -6.55 -3.00 -15.77
CA TYR B 12 -7.83 -2.32 -15.38
C TYR B 12 -8.28 -1.38 -16.50
N LYS B 13 -9.30 -1.77 -17.24
CA LYS B 13 -9.80 -0.91 -18.35
C LYS B 13 -11.31 -0.74 -18.23
N ARG B 14 -11.75 0.21 -17.44
CA ARG B 14 -13.22 0.43 -17.27
C ARG B 14 -13.53 1.94 -17.29
N GLU B 15 -12.78 2.68 -18.08
CA GLU B 15 -13.02 4.16 -18.15
C GLU B 15 -12.61 4.67 -19.54
N GLY A 1 27.01 10.81 -8.21
CA GLY A 1 27.18 9.27 -8.05
C GLY A 1 26.43 8.55 -7.03
N SER A 2 25.69 9.25 -6.21
CA SER A 2 24.90 8.59 -5.14
C SER A 2 24.06 9.64 -4.40
N ARG A 3 23.33 9.23 -3.39
CA ARG A 3 22.49 10.20 -2.62
C ARG A 3 21.94 9.52 -1.37
N ARG A 4 22.74 9.40 -0.34
CA ARG A 4 22.25 8.74 0.92
C ARG A 4 21.29 9.68 1.65
N ALA A 5 20.21 9.15 2.16
CA ALA A 5 19.22 10.00 2.89
C ALA A 5 18.74 9.28 4.16
N SER A 6 19.53 8.37 4.68
CA SER A 6 19.13 7.63 5.92
C SER A 6 17.77 6.90 5.69
N VAL A 7 16.67 7.56 5.99
CA VAL A 7 15.33 6.90 5.80
C VAL A 7 14.47 7.77 4.87
N GLY A 8 13.42 7.21 4.31
CA GLY A 8 12.54 8.00 3.41
C GLY A 8 11.48 7.09 2.77
N SER A 9 10.34 6.96 3.40
CA SER A 9 9.26 6.09 2.84
C SER A 9 8.23 6.99 2.15
N MET A 10 7.28 6.40 1.47
CA MET A 10 6.23 7.21 0.79
C MET A 10 4.86 6.77 1.26
N GLU A 11 3.82 7.27 0.64
CA GLU A 11 2.48 6.90 1.03
C GLU A 11 1.79 6.35 -0.19
N ALA A 12 0.67 5.77 -0.01
CA ALA A 12 -0.10 5.22 -1.16
C ALA A 12 -1.59 5.25 -0.83
N ILE A 13 -2.34 6.01 -1.57
CA ILE A 13 -3.80 6.15 -1.29
C ILE A 13 -4.51 4.82 -1.39
N ALA A 14 -5.13 4.43 -0.33
CA ALA A 14 -5.94 3.17 -0.39
C ALA A 14 -7.24 3.49 -1.15
N LYS A 15 -7.26 3.22 -2.43
CA LYS A 15 -8.46 3.54 -3.27
C LYS A 15 -9.74 2.91 -2.69
N TYR A 16 -9.62 1.83 -1.95
CA TYR A 16 -10.85 1.18 -1.39
C TYR A 16 -10.54 0.43 -0.11
N ASP A 17 -11.53 -0.23 0.41
CA ASP A 17 -11.36 -1.01 1.65
C ASP A 17 -10.61 -2.30 1.34
N PHE A 18 -10.14 -2.97 2.36
CA PHE A 18 -9.38 -4.23 2.19
C PHE A 18 -8.88 -4.67 3.58
N LYS A 19 -8.42 -5.89 3.72
CA LYS A 19 -7.92 -6.34 5.07
C LYS A 19 -6.72 -7.26 4.92
N ALA A 20 -5.97 -7.40 5.97
CA ALA A 20 -4.78 -8.27 5.91
C ALA A 20 -5.23 -9.72 5.76
N THR A 21 -4.62 -10.46 4.86
CA THR A 21 -5.01 -11.89 4.66
C THR A 21 -3.82 -12.80 4.93
N ALA A 22 -3.10 -12.54 5.99
CA ALA A 22 -1.91 -13.38 6.33
C ALA A 22 -1.24 -12.83 7.56
N ASP A 23 -0.20 -13.48 7.97
CA ASP A 23 0.53 -13.04 9.17
C ASP A 23 1.53 -11.92 8.81
N ASP A 24 1.52 -11.47 7.57
CA ASP A 24 2.43 -10.40 7.16
C ASP A 24 1.71 -9.49 6.15
N GLU A 25 0.40 -9.42 6.22
CA GLU A 25 -0.36 -8.56 5.28
C GLU A 25 -0.86 -7.33 6.03
N LEU A 26 -1.42 -6.37 5.33
CA LEU A 26 -1.88 -5.13 6.03
C LEU A 26 -3.39 -4.92 5.83
N SER A 27 -4.02 -4.29 6.80
CA SER A 27 -5.47 -4.05 6.73
C SER A 27 -5.73 -2.54 6.63
N PHE A 28 -6.65 -2.13 5.80
CA PHE A 28 -6.95 -0.67 5.68
C PHE A 28 -8.33 -0.47 5.06
N LYS A 29 -8.85 0.73 5.09
CA LYS A 29 -10.20 1.00 4.54
C LYS A 29 -10.10 1.94 3.35
N ARG A 30 -11.23 2.27 2.77
CA ARG A 30 -11.27 3.19 1.61
C ARG A 30 -10.92 4.60 2.06
N GLY A 31 -9.72 5.03 1.83
CA GLY A 31 -9.31 6.41 2.25
C GLY A 31 -8.17 6.32 3.28
N ASP A 32 -7.72 5.13 3.62
CA ASP A 32 -6.63 4.98 4.58
C ASP A 32 -5.34 4.84 3.80
N ILE A 33 -4.66 5.93 3.60
CA ILE A 33 -3.40 5.87 2.83
C ILE A 33 -2.35 5.13 3.66
N LEU A 34 -1.68 4.19 3.06
CA LEU A 34 -0.66 3.37 3.78
C LEU A 34 0.71 4.03 3.71
N LYS A 35 1.58 3.67 4.64
CA LYS A 35 2.97 4.27 4.63
C LYS A 35 3.95 3.24 4.05
N VAL A 36 4.21 3.30 2.76
CA VAL A 36 5.13 2.31 2.12
C VAL A 36 6.49 2.31 2.82
N LEU A 37 6.76 1.29 3.60
CA LEU A 37 8.07 1.18 4.30
C LEU A 37 9.05 0.48 3.38
N ASN A 38 8.56 -0.37 2.50
CA ASN A 38 9.52 -1.10 1.60
C ASN A 38 8.88 -1.52 0.28
N GLU A 39 9.71 -1.69 -0.72
CA GLU A 39 9.24 -2.12 -2.07
C GLU A 39 9.54 -3.61 -2.21
N GLU A 40 9.60 -4.09 -3.42
CA GLU A 40 9.89 -5.56 -3.67
C GLU A 40 8.65 -6.36 -3.35
N CYS A 41 8.79 -7.66 -3.24
CA CYS A 41 7.61 -8.55 -2.97
C CYS A 41 6.81 -8.67 -4.25
N ASP A 42 5.57 -9.11 -4.14
CA ASP A 42 4.68 -9.29 -5.34
C ASP A 42 4.87 -8.17 -6.34
N GLN A 43 4.51 -8.43 -7.57
CA GLN A 43 4.66 -7.39 -8.60
C GLN A 43 3.42 -6.50 -8.67
N ASN A 44 2.57 -6.56 -7.67
CA ASN A 44 1.34 -5.71 -7.68
C ASN A 44 0.94 -5.27 -6.28
N TRP A 45 1.77 -5.50 -5.29
CA TRP A 45 1.44 -5.05 -3.89
C TRP A 45 2.61 -4.21 -3.34
N TYR A 46 2.48 -3.70 -2.14
CA TYR A 46 3.56 -2.86 -1.54
C TYR A 46 3.68 -3.17 -0.05
N LYS A 47 4.83 -2.96 0.53
CA LYS A 47 4.96 -3.16 1.99
C LYS A 47 4.71 -1.79 2.61
N ALA A 48 3.81 -1.68 3.57
CA ALA A 48 3.52 -0.34 4.15
C ALA A 48 2.96 -0.43 5.53
N GLU A 49 2.57 0.69 6.08
CA GLU A 49 2.10 0.67 7.46
C GLU A 49 1.14 1.82 7.80
N LEU A 50 0.11 1.46 8.47
CA LEU A 50 -0.90 2.47 8.93
C LEU A 50 -0.71 2.83 10.36
N ASN A 51 -0.03 3.88 10.56
CA ASN A 51 0.22 4.43 11.92
C ASN A 51 0.53 3.35 12.99
N GLY A 52 1.00 2.20 12.60
CA GLY A 52 1.30 1.14 13.63
C GLY A 52 1.18 -0.25 12.99
N LYS A 53 0.20 -0.44 12.13
CA LYS A 53 0.05 -1.74 11.47
C LYS A 53 0.90 -1.71 10.26
N ASP A 54 1.06 -2.82 9.64
CA ASP A 54 1.89 -2.88 8.44
C ASP A 54 1.71 -4.21 7.67
N GLY A 55 2.44 -4.35 6.60
CA GLY A 55 2.39 -5.60 5.79
C GLY A 55 2.07 -5.28 4.33
N PHE A 56 2.06 -6.30 3.50
CA PHE A 56 1.79 -6.11 2.03
C PHE A 56 0.42 -5.45 1.80
N ILE A 57 0.25 -4.81 0.65
CA ILE A 57 -1.04 -4.16 0.31
C ILE A 57 -1.26 -4.26 -1.22
N PRO A 58 -2.38 -4.83 -1.66
CA PRO A 58 -2.65 -4.99 -3.10
C PRO A 58 -2.88 -3.66 -3.79
N LYS A 59 -1.89 -3.23 -4.52
CA LYS A 59 -1.93 -1.96 -5.29
C LYS A 59 -3.27 -1.72 -6.03
N ASN A 60 -4.06 -2.75 -6.29
CA ASN A 60 -5.33 -2.55 -7.00
C ASN A 60 -6.20 -1.53 -6.25
N TYR A 61 -6.25 -1.64 -4.96
CA TYR A 61 -7.02 -0.68 -4.16
C TYR A 61 -6.05 0.33 -3.60
N ILE A 62 -5.13 0.78 -4.42
CA ILE A 62 -4.15 1.76 -3.93
C ILE A 62 -3.49 2.53 -5.08
N GLU A 63 -2.83 3.60 -4.71
CA GLU A 63 -2.08 4.40 -5.67
C GLU A 63 -0.80 4.88 -4.99
N MET A 64 0.15 5.28 -5.78
CA MET A 64 1.45 5.74 -5.22
C MET A 64 1.48 7.26 -4.99
N LYS A 65 1.32 7.69 -3.76
CA LYS A 65 1.34 9.12 -3.46
C LYS A 65 2.67 9.51 -2.81
N PRO A 66 2.98 10.79 -2.88
CA PRO A 66 4.20 11.31 -2.30
C PRO A 66 4.08 11.36 -0.78
N HIS A 67 5.03 11.98 -0.12
CA HIS A 67 4.98 12.06 1.38
C HIS A 67 6.26 12.76 1.89
N PRO A 68 6.25 14.10 1.92
CA PRO A 68 7.40 14.87 2.41
C PRO A 68 7.45 14.86 3.94
N GLU A 69 8.52 15.34 4.51
CA GLU A 69 8.62 15.36 6.00
C GLU A 69 9.89 16.11 6.41
N PHE A 70 9.76 17.10 7.26
CA PHE A 70 10.96 17.88 7.71
C PHE A 70 11.02 17.90 9.24
N ILE A 71 10.17 18.66 9.87
CA ILE A 71 10.16 18.73 11.36
C ILE A 71 8.81 18.27 11.91
N VAL A 72 8.66 16.97 12.12
CA VAL A 72 7.36 16.40 12.66
C VAL A 72 6.14 17.03 11.97
N THR A 73 4.97 16.87 12.53
CA THR A 73 3.73 17.46 11.92
C THR A 73 2.88 18.09 13.01
N ASP A 74 2.59 19.37 12.89
CA ASP A 74 1.75 20.05 13.93
C ASP A 74 2.41 19.95 15.30
N SER B 1 -24.50 -8.21 -0.24
CA SER B 1 -23.96 -8.04 -1.62
C SER B 1 -23.71 -6.54 -1.90
N PRO B 2 -22.56 -6.04 -1.48
CA PRO B 2 -22.22 -4.62 -1.69
C PRO B 2 -21.78 -4.39 -3.14
N LEU B 3 -20.49 -4.51 -3.44
CA LEU B 3 -20.01 -4.30 -4.85
C LEU B 3 -18.50 -4.52 -4.92
N LEU B 4 -17.78 -4.10 -3.91
CA LEU B 4 -16.29 -4.27 -3.91
C LEU B 4 -15.92 -5.78 -4.09
N PRO B 5 -15.05 -6.10 -5.07
CA PRO B 5 -14.64 -7.48 -5.31
C PRO B 5 -13.55 -7.91 -4.32
N LYS B 6 -12.88 -9.00 -4.60
CA LYS B 6 -11.80 -9.47 -3.70
C LYS B 6 -10.43 -9.23 -4.38
N LEU B 7 -9.41 -9.97 -4.01
CA LEU B 7 -8.06 -9.77 -4.63
C LEU B 7 -7.68 -11.03 -5.45
N PRO B 8 -8.13 -11.09 -6.71
CA PRO B 8 -7.81 -12.23 -7.58
C PRO B 8 -6.37 -12.10 -8.12
N PRO B 9 -5.47 -13.00 -7.72
CA PRO B 9 -4.08 -12.94 -8.18
C PRO B 9 -3.97 -13.48 -9.61
N LYS B 10 -2.84 -13.26 -10.26
CA LYS B 10 -2.62 -13.75 -11.68
C LYS B 10 -3.32 -12.80 -12.67
N THR B 11 -4.64 -12.87 -12.77
CA THR B 11 -5.35 -11.97 -13.73
C THR B 11 -6.05 -10.85 -12.96
N TYR B 12 -6.35 -9.76 -13.62
CA TYR B 12 -7.03 -8.62 -12.95
C TYR B 12 -8.35 -8.33 -13.66
N LYS B 13 -9.31 -7.77 -12.97
CA LYS B 13 -10.63 -7.45 -13.60
C LYS B 13 -11.24 -6.21 -12.97
N ARG B 14 -12.14 -5.56 -13.66
CA ARG B 14 -12.79 -4.32 -13.11
C ARG B 14 -11.73 -3.26 -12.81
N GLU B 15 -11.65 -2.25 -13.63
CA GLU B 15 -10.64 -1.17 -13.41
C GLU B 15 -11.34 0.19 -13.40
N GLY A 1 29.36 -0.05 2.65
CA GLY A 1 28.08 0.76 2.28
C GLY A 1 27.16 1.18 3.32
N SER A 2 25.87 0.92 3.12
CA SER A 2 24.79 1.31 4.13
C SER A 2 24.37 2.76 3.92
N ARG A 3 25.30 3.69 3.88
CA ARG A 3 24.94 5.13 3.68
C ARG A 3 24.03 5.59 4.83
N ARG A 4 23.79 6.87 4.94
CA ARG A 4 22.91 7.39 6.03
C ARG A 4 21.55 7.78 5.45
N ALA A 5 20.54 7.00 5.72
CA ALA A 5 19.18 7.33 5.19
C ALA A 5 18.25 7.66 6.35
N SER A 6 18.29 6.90 7.41
CA SER A 6 17.41 7.16 8.59
C SER A 6 15.92 7.11 8.15
N VAL A 7 15.35 8.23 7.75
CA VAL A 7 13.92 8.24 7.32
C VAL A 7 13.84 8.52 5.82
N GLY A 8 13.03 7.75 5.11
CA GLY A 8 12.90 7.98 3.64
C GLY A 8 11.85 7.05 3.06
N SER A 9 10.61 7.50 2.98
CA SER A 9 9.53 6.65 2.41
C SER A 9 8.41 7.54 1.90
N MET A 10 7.45 6.96 1.22
CA MET A 10 6.31 7.74 0.68
C MET A 10 5.02 7.17 1.20
N GLU A 11 3.91 7.67 0.71
CA GLU A 11 2.63 7.16 1.14
C GLU A 11 1.95 6.55 -0.05
N ALA A 12 0.78 6.05 0.15
CA ALA A 12 0.03 5.44 -0.97
C ALA A 12 -1.44 5.38 -0.64
N ILE A 13 -2.22 6.11 -1.37
CA ILE A 13 -3.68 6.19 -1.12
C ILE A 13 -4.37 4.85 -1.34
N ALA A 14 -5.01 4.39 -0.32
CA ALA A 14 -5.80 3.11 -0.44
C ALA A 14 -7.11 3.43 -1.18
N LYS A 15 -7.17 3.14 -2.46
CA LYS A 15 -8.39 3.44 -3.25
C LYS A 15 -9.62 2.73 -2.66
N TYR A 16 -9.42 1.58 -2.05
CA TYR A 16 -10.58 0.84 -1.47
C TYR A 16 -10.18 0.21 -0.15
N ASP A 17 -11.08 -0.56 0.41
CA ASP A 17 -10.81 -1.19 1.71
C ASP A 17 -10.39 -2.66 1.47
N PHE A 18 -9.78 -3.27 2.47
CA PHE A 18 -9.33 -4.68 2.34
C PHE A 18 -8.57 -5.10 3.61
N LYS A 19 -9.10 -6.00 4.39
CA LYS A 19 -8.41 -6.45 5.65
C LYS A 19 -7.16 -7.23 5.30
N ALA A 20 -6.28 -7.39 6.25
CA ALA A 20 -5.04 -8.15 5.99
C ALA A 20 -5.42 -9.62 5.80
N THR A 21 -4.93 -10.24 4.76
CA THR A 21 -5.29 -11.69 4.54
C THR A 21 -4.10 -12.58 4.88
N ALA A 22 -2.97 -12.34 4.26
CA ALA A 22 -1.77 -13.17 4.55
C ALA A 22 -1.35 -12.95 5.98
N ASP A 23 -0.50 -13.80 6.46
CA ASP A 23 -0.01 -13.70 7.84
C ASP A 23 0.82 -12.41 8.01
N ASP A 24 1.24 -11.81 6.92
CA ASP A 24 2.03 -10.58 7.01
C ASP A 24 1.38 -9.49 6.14
N GLU A 25 0.06 -9.53 6.01
CA GLU A 25 -0.61 -8.49 5.19
C GLU A 25 -1.05 -7.36 6.12
N LEU A 26 -1.57 -6.29 5.56
CA LEU A 26 -1.98 -5.14 6.42
C LEU A 26 -3.44 -4.80 6.19
N SER A 27 -4.18 -4.65 7.26
CA SER A 27 -5.61 -4.32 7.16
C SER A 27 -5.78 -2.82 6.98
N PHE A 28 -6.32 -2.42 5.86
CA PHE A 28 -6.53 -0.97 5.62
C PHE A 28 -7.97 -0.75 5.19
N LYS A 29 -8.38 0.48 5.14
CA LYS A 29 -9.77 0.80 4.74
C LYS A 29 -9.75 1.59 3.44
N ARG A 30 -10.90 1.87 2.92
CA ARG A 30 -10.98 2.66 1.66
C ARG A 30 -10.82 4.14 2.02
N GLY A 31 -9.64 4.66 1.82
CA GLY A 31 -9.35 6.09 2.16
C GLY A 31 -8.27 6.16 3.24
N ASP A 32 -7.70 5.03 3.63
CA ASP A 32 -6.67 5.00 4.63
C ASP A 32 -5.32 4.94 3.94
N ILE A 33 -4.70 6.06 3.72
CA ILE A 33 -3.38 6.04 3.03
C ILE A 33 -2.35 5.38 3.95
N LEU A 34 -1.44 4.65 3.37
CA LEU A 34 -0.44 3.90 4.19
C LEU A 34 0.97 4.47 3.99
N LYS A 35 1.89 4.09 4.85
CA LYS A 35 3.30 4.58 4.71
C LYS A 35 4.12 3.45 4.09
N VAL A 36 4.37 3.53 2.79
CA VAL A 36 5.11 2.43 2.10
C VAL A 36 6.42 2.10 2.82
N LEU A 37 6.48 0.92 3.38
CA LEU A 37 7.69 0.48 4.10
C LEU A 37 8.66 -0.11 3.09
N ASN A 38 8.15 -0.68 2.02
CA ASN A 38 9.06 -1.29 1.01
C ASN A 38 8.33 -1.55 -0.31
N GLU A 39 9.08 -1.86 -1.34
CA GLU A 39 8.46 -2.16 -2.66
C GLU A 39 9.03 -3.49 -3.17
N GLU A 40 8.96 -4.48 -2.35
CA GLU A 40 9.47 -5.83 -2.72
C GLU A 40 8.30 -6.80 -2.84
N CYS A 41 8.60 -8.07 -3.00
CA CYS A 41 7.49 -9.09 -3.13
C CYS A 41 6.84 -8.96 -4.49
N ASP A 42 5.68 -9.54 -4.65
CA ASP A 42 4.92 -9.50 -5.94
C ASP A 42 5.03 -8.17 -6.64
N GLN A 43 4.77 -8.17 -7.92
CA GLN A 43 4.83 -6.91 -8.67
C GLN A 43 3.48 -6.18 -8.63
N ASN A 44 2.59 -6.60 -7.75
CA ASN A 44 1.26 -5.93 -7.66
C ASN A 44 0.92 -5.57 -6.21
N TRP A 45 1.76 -5.93 -5.26
CA TRP A 45 1.48 -5.57 -3.83
C TRP A 45 2.76 -4.97 -3.22
N TYR A 46 2.62 -3.94 -2.41
CA TYR A 46 3.81 -3.30 -1.77
C TYR A 46 3.83 -3.65 -0.27
N LYS A 47 4.58 -2.90 0.50
CA LYS A 47 4.64 -3.05 1.98
C LYS A 47 4.26 -1.67 2.51
N ALA A 48 3.67 -1.55 3.67
CA ALA A 48 3.28 -0.17 4.12
C ALA A 48 2.85 -0.11 5.57
N GLU A 49 2.44 1.05 5.92
CA GLU A 49 2.09 1.35 7.29
C GLU A 49 0.64 1.81 7.42
N LEU A 50 0.17 1.72 8.61
CA LEU A 50 -1.20 2.19 8.94
C LEU A 50 -1.21 2.75 10.31
N ASN A 51 -0.97 4.00 10.37
CA ASN A 51 -0.93 4.74 11.64
C ASN A 51 -0.16 3.97 12.75
N GLY A 52 0.73 3.08 12.38
CA GLY A 52 1.49 2.33 13.44
C GLY A 52 1.69 0.87 13.00
N LYS A 53 0.66 0.21 12.50
CA LYS A 53 0.81 -1.17 12.06
C LYS A 53 1.53 -1.15 10.76
N ASP A 54 1.66 -2.26 10.15
CA ASP A 54 2.34 -2.33 8.87
C ASP A 54 2.02 -3.65 8.16
N GLY A 55 2.52 -3.83 6.95
CA GLY A 55 2.28 -5.11 6.20
C GLY A 55 2.02 -4.86 4.71
N PHE A 56 2.05 -5.92 3.95
CA PHE A 56 1.86 -5.80 2.47
C PHE A 56 0.43 -5.41 2.10
N ILE A 57 0.24 -4.78 0.95
CA ILE A 57 -1.13 -4.39 0.53
C ILE A 57 -1.22 -4.47 -1.02
N PRO A 58 -2.32 -5.02 -1.57
CA PRO A 58 -2.49 -5.11 -3.02
C PRO A 58 -2.65 -3.73 -3.63
N LYS A 59 -1.63 -3.29 -4.31
CA LYS A 59 -1.62 -1.96 -4.98
C LYS A 59 -2.92 -1.70 -5.81
N ASN A 60 -3.67 -2.72 -6.20
CA ASN A 60 -4.89 -2.50 -6.98
C ASN A 60 -5.86 -1.60 -6.23
N TYR A 61 -5.89 -1.73 -4.95
CA TYR A 61 -6.76 -0.87 -4.11
C TYR A 61 -5.89 0.23 -3.55
N ILE A 62 -4.95 0.70 -4.33
CA ILE A 62 -4.03 1.72 -3.81
C ILE A 62 -3.42 2.54 -4.95
N GLU A 63 -2.70 3.55 -4.56
CA GLU A 63 -1.99 4.42 -5.49
C GLU A 63 -0.79 5.00 -4.75
N MET A 64 0.16 5.54 -5.45
CA MET A 64 1.40 6.07 -4.77
C MET A 64 1.35 7.59 -4.60
N LYS A 65 1.25 8.03 -3.35
CA LYS A 65 1.24 9.46 -3.07
C LYS A 65 2.63 9.92 -2.60
N PRO A 66 2.89 11.21 -2.75
CA PRO A 66 4.18 11.77 -2.38
C PRO A 66 4.38 11.85 -0.87
N HIS A 67 3.91 12.91 -0.23
CA HIS A 67 4.11 13.04 1.24
C HIS A 67 2.75 13.10 1.98
N PRO A 68 2.76 12.77 3.27
CA PRO A 68 1.53 12.77 4.09
C PRO A 68 1.18 14.20 4.55
N GLU A 69 2.03 15.17 4.29
CA GLU A 69 1.74 16.58 4.72
C GLU A 69 1.71 16.64 6.26
N PHE A 70 2.15 17.74 6.82
CA PHE A 70 2.16 17.87 8.31
C PHE A 70 0.71 17.77 8.84
N ILE A 71 0.49 18.21 10.06
CA ILE A 71 -0.89 18.14 10.63
C ILE A 71 -1.56 19.51 10.51
N VAL A 72 -1.38 20.18 9.38
CA VAL A 72 -2.00 21.54 9.14
C VAL A 72 -1.88 22.44 10.41
N THR A 73 -2.69 23.47 10.49
CA THR A 73 -2.62 24.37 11.69
C THR A 73 -3.96 24.31 12.43
N ASP A 74 -5.05 24.40 11.72
CA ASP A 74 -6.38 24.35 12.38
C ASP A 74 -7.27 23.32 11.67
N SER B 1 -23.78 -6.48 -11.41
CA SER B 1 -22.33 -6.22 -11.24
C SER B 1 -21.87 -6.76 -9.87
N PRO B 2 -20.61 -7.20 -9.76
CA PRO B 2 -20.07 -7.72 -8.51
C PRO B 2 -19.71 -6.58 -7.56
N LEU B 3 -19.13 -6.88 -6.43
CA LEU B 3 -18.75 -5.81 -5.46
C LEU B 3 -17.48 -6.22 -4.72
N LEU B 4 -16.33 -6.01 -5.33
CA LEU B 4 -15.04 -6.38 -4.66
C LEU B 4 -15.04 -7.90 -4.34
N PRO B 5 -14.80 -8.73 -5.35
CA PRO B 5 -14.78 -10.19 -5.17
C PRO B 5 -13.46 -10.64 -4.53
N LYS B 6 -12.40 -10.72 -5.30
CA LYS B 6 -11.08 -11.17 -4.74
C LYS B 6 -9.94 -10.50 -5.51
N LEU B 7 -8.72 -10.90 -5.23
CA LEU B 7 -7.55 -10.30 -5.93
C LEU B 7 -6.37 -11.31 -5.88
N PRO B 8 -6.39 -12.30 -6.77
CA PRO B 8 -5.32 -13.32 -6.82
C PRO B 8 -4.07 -12.77 -7.56
N PRO B 9 -2.93 -13.41 -7.36
CA PRO B 9 -1.68 -12.99 -8.00
C PRO B 9 -1.61 -13.49 -9.47
N LYS B 10 -2.64 -14.15 -9.95
CA LYS B 10 -2.62 -14.66 -11.36
C LYS B 10 -3.48 -13.76 -12.25
N THR B 11 -4.77 -13.75 -12.03
CA THR B 11 -5.68 -12.90 -12.86
C THR B 11 -6.68 -12.20 -11.96
N TYR B 12 -6.59 -10.90 -11.83
CA TYR B 12 -7.54 -10.14 -10.96
C TYR B 12 -8.55 -9.39 -11.83
N LYS B 13 -9.82 -9.71 -11.68
CA LYS B 13 -10.86 -9.01 -12.50
C LYS B 13 -11.18 -7.65 -11.87
N ARG B 14 -10.63 -6.60 -12.43
CA ARG B 14 -10.88 -5.23 -11.88
C ARG B 14 -12.37 -4.91 -11.96
N GLU B 15 -12.89 -4.20 -10.98
CA GLU B 15 -14.34 -3.85 -11.00
C GLU B 15 -14.53 -2.48 -11.64
N GLY A 1 23.26 2.32 -1.51
CA GLY A 1 23.83 3.74 -1.81
C GLY A 1 22.93 4.78 -2.32
N SER A 2 21.63 4.53 -2.30
CA SER A 2 20.67 5.55 -2.80
C SER A 2 20.71 6.79 -1.90
N ARG A 3 21.42 7.81 -2.31
CA ARG A 3 21.52 9.05 -1.48
C ARG A 3 22.13 8.72 -0.12
N ARG A 4 22.61 9.73 0.59
CA ARG A 4 23.23 9.49 1.93
C ARG A 4 22.45 10.27 3.00
N ALA A 5 21.15 10.32 2.89
CA ALA A 5 20.33 11.07 3.89
C ALA A 5 19.58 10.08 4.79
N SER A 6 18.49 9.52 4.30
CA SER A 6 17.70 8.54 5.12
C SER A 6 16.82 7.70 4.20
N VAL A 7 16.11 6.75 4.75
CA VAL A 7 15.22 5.89 3.91
C VAL A 7 14.14 6.77 3.26
N GLY A 8 13.54 7.66 4.01
CA GLY A 8 12.49 8.56 3.45
C GLY A 8 11.39 7.73 2.77
N SER A 9 10.50 7.15 3.55
CA SER A 9 9.40 6.33 2.95
C SER A 9 8.33 7.26 2.39
N MET A 10 7.46 6.73 1.58
CA MET A 10 6.37 7.56 0.99
C MET A 10 5.04 6.98 1.41
N GLU A 11 3.96 7.47 0.85
CA GLU A 11 2.66 6.94 1.21
C GLU A 11 2.02 6.38 -0.03
N ALA A 12 0.86 5.83 0.12
CA ALA A 12 0.15 5.27 -1.04
C ALA A 12 -1.35 5.25 -0.77
N ILE A 13 -2.07 6.04 -1.49
CA ILE A 13 -3.54 6.17 -1.31
C ILE A 13 -4.27 4.86 -1.50
N ALA A 14 -4.95 4.44 -0.49
CA ALA A 14 -5.78 3.19 -0.61
C ALA A 14 -7.02 3.52 -1.45
N LYS A 15 -6.99 3.20 -2.72
CA LYS A 15 -8.15 3.50 -3.61
C LYS A 15 -9.41 2.83 -3.10
N TYR A 16 -9.28 1.72 -2.40
CA TYR A 16 -10.52 1.02 -1.89
C TYR A 16 -10.27 0.43 -0.52
N ASP A 17 -11.21 -0.33 -0.04
CA ASP A 17 -11.08 -0.94 1.30
C ASP A 17 -10.53 -2.38 1.20
N PHE A 18 -10.12 -2.94 2.30
CA PHE A 18 -9.56 -4.34 2.31
C PHE A 18 -9.04 -4.64 3.72
N LYS A 19 -8.56 -5.84 3.93
CA LYS A 19 -8.03 -6.22 5.27
C LYS A 19 -6.85 -7.15 5.12
N ALA A 20 -6.22 -7.48 6.22
CA ALA A 20 -5.06 -8.37 6.16
C ALA A 20 -5.57 -9.83 6.12
N THR A 21 -5.09 -10.62 5.21
CA THR A 21 -5.56 -12.05 5.13
C THR A 21 -4.44 -12.97 5.58
N ALA A 22 -3.23 -12.68 5.19
CA ALA A 22 -2.07 -13.52 5.61
C ALA A 22 -1.55 -13.02 6.92
N ASP A 23 -0.77 -13.83 7.56
CA ASP A 23 -0.19 -13.44 8.86
C ASP A 23 0.68 -12.20 8.67
N ASP A 24 1.23 -12.03 7.48
CA ASP A 24 2.08 -10.88 7.21
C ASP A 24 1.39 -9.90 6.22
N GLU A 25 0.09 -9.75 6.33
CA GLU A 25 -0.64 -8.83 5.41
C GLU A 25 -1.07 -7.59 6.18
N LEU A 26 -1.57 -6.59 5.50
CA LEU A 26 -1.97 -5.34 6.19
C LEU A 26 -3.43 -5.00 5.87
N SER A 27 -4.10 -4.33 6.79
CA SER A 27 -5.52 -3.97 6.60
C SER A 27 -5.65 -2.45 6.39
N PHE A 28 -6.77 -2.03 5.85
CA PHE A 28 -7.01 -0.57 5.63
C PHE A 28 -8.38 -0.38 5.00
N LYS A 29 -8.86 0.83 4.92
CA LYS A 29 -10.20 1.08 4.32
C LYS A 29 -10.06 1.96 3.08
N ARG A 30 -11.14 2.23 2.44
CA ARG A 30 -11.11 3.09 1.23
C ARG A 30 -10.88 4.54 1.68
N GLY A 31 -9.72 5.06 1.41
CA GLY A 31 -9.40 6.46 1.84
C GLY A 31 -8.31 6.42 2.94
N ASP A 32 -7.81 5.23 3.27
CA ASP A 32 -6.79 5.11 4.29
C ASP A 32 -5.46 4.95 3.58
N ILE A 33 -4.66 5.95 3.60
CA ILE A 33 -3.34 5.86 2.90
C ILE A 33 -2.35 5.11 3.80
N LEU A 34 -1.51 4.30 3.20
CA LEU A 34 -0.53 3.50 4.00
C LEU A 34 0.87 4.12 3.91
N LYS A 35 1.76 3.71 4.80
CA LYS A 35 3.17 4.28 4.76
C LYS A 35 4.09 3.24 4.12
N VAL A 36 4.35 3.35 2.85
CA VAL A 36 5.20 2.33 2.17
C VAL A 36 6.59 2.24 2.80
N LEU A 37 6.85 1.16 3.49
CA LEU A 37 8.17 0.94 4.10
C LEU A 37 9.07 0.33 3.03
N ASN A 38 8.51 -0.49 2.17
CA ASN A 38 9.31 -1.12 1.09
C ASN A 38 8.61 -0.91 -0.24
N GLU A 39 9.23 -0.20 -1.14
CA GLU A 39 8.61 0.05 -2.48
C GLU A 39 8.61 -1.24 -3.29
N GLU A 40 7.57 -1.46 -4.05
CA GLU A 40 7.49 -2.70 -4.89
C GLU A 40 7.53 -3.93 -3.99
N CYS A 41 7.03 -5.03 -4.49
CA CYS A 41 7.00 -6.32 -3.71
C CYS A 41 6.07 -7.28 -4.44
N ASP A 42 6.11 -8.56 -4.08
CA ASP A 42 5.24 -9.62 -4.70
C ASP A 42 4.95 -9.31 -6.18
N GLN A 43 3.79 -9.64 -6.69
CA GLN A 43 3.52 -9.35 -8.12
C GLN A 43 2.63 -8.11 -8.26
N ASN A 44 2.06 -7.65 -7.19
CA ASN A 44 1.17 -6.44 -7.24
C ASN A 44 0.87 -5.92 -5.83
N TRP A 45 1.73 -6.19 -4.88
CA TRP A 45 1.49 -5.69 -3.48
C TRP A 45 2.79 -5.06 -2.92
N TYR A 46 2.67 -3.96 -2.21
CA TYR A 46 3.89 -3.28 -1.62
C TYR A 46 4.00 -3.63 -0.13
N LYS A 47 4.91 -2.98 0.57
CA LYS A 47 5.03 -3.18 2.04
C LYS A 47 4.73 -1.82 2.66
N ALA A 48 4.02 -1.76 3.75
CA ALA A 48 3.71 -0.41 4.34
C ALA A 48 3.21 -0.50 5.72
N GLU A 49 2.82 0.62 6.28
CA GLU A 49 2.39 0.61 7.66
C GLU A 49 1.38 1.72 7.97
N LEU A 50 0.36 1.33 8.63
CA LEU A 50 -0.73 2.27 9.03
C LEU A 50 -0.61 2.67 10.46
N ASN A 51 0.00 3.77 10.66
CA ASN A 51 0.17 4.36 12.02
C ASN A 51 0.55 3.32 13.10
N GLY A 52 1.12 2.21 12.73
CA GLY A 52 1.50 1.20 13.77
C GLY A 52 1.46 -0.21 13.17
N LYS A 53 0.51 -0.50 12.32
CA LYS A 53 0.43 -1.81 11.69
C LYS A 53 1.25 -1.78 10.46
N ASP A 54 1.40 -2.90 9.84
CA ASP A 54 2.20 -2.96 8.62
C ASP A 54 2.03 -4.31 7.89
N GLY A 55 2.74 -4.47 6.79
CA GLY A 55 2.69 -5.73 6.02
C GLY A 55 2.39 -5.47 4.54
N PHE A 56 2.18 -6.53 3.79
CA PHE A 56 1.92 -6.38 2.33
C PHE A 56 0.53 -5.81 2.06
N ILE A 57 0.40 -5.00 1.02
CA ILE A 57 -0.92 -4.42 0.67
C ILE A 57 -1.11 -4.56 -0.86
N PRO A 58 -2.29 -4.96 -1.31
CA PRO A 58 -2.54 -5.11 -2.75
C PRO A 58 -2.60 -3.75 -3.43
N LYS A 59 -1.55 -3.40 -4.10
CA LYS A 59 -1.43 -2.10 -4.82
C LYS A 59 -2.66 -1.84 -5.75
N ASN A 60 -3.40 -2.86 -6.13
CA ASN A 60 -4.56 -2.66 -7.01
C ASN A 60 -5.58 -1.74 -6.34
N TYR A 61 -5.67 -1.80 -5.05
CA TYR A 61 -6.58 -0.90 -4.28
C TYR A 61 -5.73 0.20 -3.73
N ILE A 62 -4.75 0.63 -4.48
CA ILE A 62 -3.84 1.66 -3.97
C ILE A 62 -3.12 2.40 -5.10
N GLU A 63 -2.49 3.47 -4.71
CA GLU A 63 -1.68 4.27 -5.61
C GLU A 63 -0.54 4.84 -4.77
N MET A 64 0.53 5.27 -5.36
CA MET A 64 1.68 5.78 -4.52
C MET A 64 1.76 7.30 -4.49
N LYS A 65 1.50 7.87 -3.35
CA LYS A 65 1.56 9.31 -3.19
C LYS A 65 2.95 9.72 -2.70
N PRO A 66 3.33 10.96 -3.01
CA PRO A 66 4.63 11.47 -2.65
C PRO A 66 4.75 11.71 -1.15
N HIS A 67 5.80 12.38 -0.75
CA HIS A 67 6.03 12.65 0.69
C HIS A 67 6.76 14.02 0.82
N PRO A 68 6.20 14.98 1.57
CA PRO A 68 6.82 16.30 1.72
C PRO A 68 8.00 16.23 2.70
N GLU A 69 7.73 16.17 3.97
CA GLU A 69 8.84 16.11 4.98
C GLU A 69 8.26 15.92 6.38
N PHE A 70 7.56 16.90 6.88
CA PHE A 70 6.98 16.80 8.26
C PHE A 70 5.47 16.51 8.15
N ILE A 71 4.80 16.43 9.28
CA ILE A 71 3.34 16.17 9.27
C ILE A 71 2.63 17.20 10.19
N VAL A 72 1.95 16.77 11.26
CA VAL A 72 1.26 17.76 12.16
C VAL A 72 0.21 18.52 11.37
N THR A 73 -0.97 17.97 11.22
CA THR A 73 -2.05 18.65 10.47
C THR A 73 -3.03 19.30 11.45
N ASP A 74 -2.55 19.75 12.58
CA ASP A 74 -3.44 20.40 13.58
C ASP A 74 -3.48 21.90 13.35
N SER B 1 -11.71 -8.29 -12.63
CA SER B 1 -12.87 -8.77 -11.83
C SER B 1 -13.97 -7.69 -11.81
N PRO B 2 -15.23 -8.11 -11.64
CA PRO B 2 -16.35 -7.17 -11.60
C PRO B 2 -16.42 -6.48 -10.24
N LEU B 3 -16.69 -7.22 -9.19
CA LEU B 3 -16.76 -6.61 -7.84
C LEU B 3 -15.34 -6.48 -7.27
N LEU B 4 -15.17 -6.47 -5.96
CA LEU B 4 -13.81 -6.34 -5.38
C LEU B 4 -13.55 -7.48 -4.34
N PRO B 5 -13.69 -8.75 -4.74
CA PRO B 5 -13.46 -9.88 -3.85
C PRO B 5 -11.95 -10.14 -3.67
N LYS B 6 -11.30 -10.61 -4.70
CA LYS B 6 -9.83 -10.88 -4.62
C LYS B 6 -9.07 -9.88 -5.50
N LEU B 7 -7.82 -10.17 -5.79
CA LEU B 7 -7.02 -9.24 -6.65
C LEU B 7 -6.85 -9.87 -8.05
N PRO B 8 -6.68 -9.03 -9.08
CA PRO B 8 -6.51 -9.52 -10.45
C PRO B 8 -5.05 -10.02 -10.67
N PRO B 9 -4.89 -11.19 -11.30
CA PRO B 9 -3.56 -11.75 -11.56
C PRO B 9 -2.95 -11.08 -12.81
N LYS B 10 -2.24 -9.98 -12.62
CA LYS B 10 -1.61 -9.26 -13.78
C LYS B 10 -2.69 -8.49 -14.57
N THR B 11 -3.42 -9.16 -15.43
CA THR B 11 -4.48 -8.47 -16.22
C THR B 11 -5.71 -9.38 -16.34
N TYR B 12 -6.80 -8.86 -16.85
CA TYR B 12 -8.03 -9.69 -17.00
C TYR B 12 -8.14 -10.15 -18.46
N LYS B 13 -9.26 -10.74 -18.82
CA LYS B 13 -9.43 -11.22 -20.24
C LYS B 13 -9.32 -10.02 -21.21
N ARG B 14 -10.44 -9.49 -21.70
CA ARG B 14 -10.38 -8.31 -22.63
C ARG B 14 -11.77 -8.07 -23.22
N GLU B 15 -12.13 -6.82 -23.42
CA GLU B 15 -13.47 -6.51 -23.99
C GLU B 15 -13.32 -5.42 -25.06
N GLY A 1 24.11 5.23 -2.61
CA GLY A 1 24.54 5.11 -1.10
C GLY A 1 23.65 5.59 -0.05
N SER A 2 24.14 6.47 0.79
CA SER A 2 23.29 7.00 1.90
C SER A 2 23.49 8.52 2.00
N ARG A 3 22.42 9.27 2.05
CA ARG A 3 22.54 10.75 2.15
C ARG A 3 22.40 11.19 3.63
N ARG A 4 22.57 10.28 4.56
CA ARG A 4 22.45 10.65 6.01
C ARG A 4 21.08 11.29 6.28
N ALA A 5 20.06 10.89 5.55
CA ALA A 5 18.70 11.48 5.77
C ALA A 5 17.84 10.50 6.59
N SER A 6 18.46 9.67 7.39
CA SER A 6 17.69 8.70 8.23
C SER A 6 16.85 7.78 7.32
N VAL A 7 15.61 8.14 7.01
CA VAL A 7 14.76 7.28 6.14
C VAL A 7 13.88 8.18 5.26
N GLY A 8 13.33 7.63 4.20
CA GLY A 8 12.46 8.45 3.30
C GLY A 8 11.43 7.55 2.63
N SER A 9 10.42 7.14 3.35
CA SER A 9 9.37 6.26 2.75
C SER A 9 8.30 7.14 2.11
N MET A 10 7.45 6.56 1.31
CA MET A 10 6.37 7.35 0.65
C MET A 10 5.04 6.86 1.16
N GLU A 11 3.96 7.35 0.59
CA GLU A 11 2.65 6.92 1.04
C GLU A 11 1.91 6.40 -0.17
N ALA A 12 0.74 5.92 0.04
CA ALA A 12 -0.06 5.41 -1.09
C ALA A 12 -1.53 5.43 -0.74
N ILE A 13 -2.28 6.22 -1.45
CA ILE A 13 -3.73 6.36 -1.18
C ILE A 13 -4.46 5.05 -1.39
N ALA A 14 -5.06 4.57 -0.36
CA ALA A 14 -5.88 3.33 -0.47
C ALA A 14 -7.13 3.71 -1.30
N LYS A 15 -7.29 3.17 -2.47
CA LYS A 15 -8.46 3.54 -3.33
C LYS A 15 -9.75 2.91 -2.81
N TYR A 16 -9.65 1.83 -2.08
CA TYR A 16 -10.90 1.14 -1.57
C TYR A 16 -10.64 0.45 -0.25
N ASP A 17 -11.60 -0.28 0.21
CA ASP A 17 -11.46 -1.00 1.50
C ASP A 17 -10.74 -2.33 1.26
N PHE A 18 -10.31 -2.97 2.32
CA PHE A 18 -9.59 -4.28 2.20
C PHE A 18 -9.06 -4.69 3.58
N LYS A 19 -8.50 -5.87 3.69
CA LYS A 19 -7.96 -6.32 5.00
C LYS A 19 -6.73 -7.19 4.79
N ALA A 20 -6.14 -7.62 5.87
CA ALA A 20 -4.93 -8.45 5.78
C ALA A 20 -5.36 -9.89 5.44
N THR A 21 -4.73 -10.50 4.48
CA THR A 21 -5.10 -11.90 4.10
C THR A 21 -3.93 -12.84 4.40
N ALA A 22 -3.29 -12.65 5.52
CA ALA A 22 -2.14 -13.52 5.90
C ALA A 22 -1.56 -13.04 7.20
N ASP A 23 -0.63 -13.78 7.72
CA ASP A 23 0.02 -13.41 8.99
C ASP A 23 1.02 -12.28 8.77
N ASP A 24 1.25 -11.88 7.53
CA ASP A 24 2.18 -10.79 7.26
C ASP A 24 1.55 -9.81 6.27
N GLU A 25 0.23 -9.70 6.28
CA GLU A 25 -0.44 -8.76 5.35
C GLU A 25 -0.93 -7.55 6.14
N LEU A 26 -1.41 -6.53 5.47
CA LEU A 26 -1.87 -5.32 6.18
C LEU A 26 -3.30 -4.98 5.78
N SER A 27 -4.09 -4.53 6.73
CA SER A 27 -5.50 -4.17 6.46
C SER A 27 -5.63 -2.66 6.25
N PHE A 28 -6.74 -2.23 5.71
CA PHE A 28 -6.95 -0.77 5.50
C PHE A 28 -8.34 -0.53 4.91
N LYS A 29 -8.83 0.68 4.96
CA LYS A 29 -10.18 0.98 4.43
C LYS A 29 -10.08 1.91 3.22
N ARG A 30 -11.20 2.27 2.68
CA ARG A 30 -11.24 3.17 1.51
C ARG A 30 -10.85 4.58 1.96
N GLY A 31 -9.69 5.04 1.54
CA GLY A 31 -9.24 6.40 1.94
C GLY A 31 -8.15 6.30 3.02
N ASP A 32 -7.75 5.10 3.39
CA ASP A 32 -6.73 4.92 4.40
C ASP A 32 -5.38 4.87 3.71
N ILE A 33 -4.74 5.99 3.55
CA ILE A 33 -3.42 5.99 2.87
C ILE A 33 -2.41 5.27 3.76
N LEU A 34 -1.66 4.37 3.19
CA LEU A 34 -0.67 3.57 3.97
C LEU A 34 0.73 4.17 3.83
N LYS A 35 1.65 3.78 4.70
CA LYS A 35 3.06 4.34 4.62
C LYS A 35 3.98 3.29 4.01
N VAL A 36 4.26 3.38 2.73
CA VAL A 36 5.13 2.36 2.07
C VAL A 36 6.53 2.38 2.70
N LEU A 37 6.80 1.40 3.52
CA LEU A 37 8.13 1.28 4.16
C LEU A 37 9.06 0.56 3.17
N ASN A 38 8.50 -0.25 2.28
CA ASN A 38 9.37 -0.98 1.30
C ASN A 38 8.64 -1.19 -0.03
N GLU A 39 9.38 -1.17 -1.10
CA GLU A 39 8.79 -1.39 -2.46
C GLU A 39 9.15 -2.79 -2.93
N GLU A 40 8.83 -3.12 -4.15
CA GLU A 40 9.15 -4.49 -4.68
C GLU A 40 8.27 -5.50 -3.96
N CYS A 41 8.64 -6.76 -4.02
CA CYS A 41 7.84 -7.87 -3.35
C CYS A 41 6.73 -8.36 -4.29
N ASP A 42 5.74 -9.01 -3.73
CA ASP A 42 4.58 -9.60 -4.50
C ASP A 42 4.24 -8.85 -5.77
N GLN A 43 3.66 -9.54 -6.69
CA GLN A 43 3.27 -8.91 -7.95
C GLN A 43 2.28 -7.77 -7.68
N ASN A 44 2.78 -6.54 -7.67
CA ASN A 44 1.95 -5.31 -7.45
C ASN A 44 1.54 -5.06 -6.00
N TRP A 45 2.04 -5.79 -5.02
CA TRP A 45 1.62 -5.45 -3.58
C TRP A 45 2.82 -4.79 -2.89
N TYR A 46 2.58 -3.67 -2.26
CA TYR A 46 3.67 -2.92 -1.56
C TYR A 46 3.83 -3.40 -0.13
N LYS A 47 4.75 -2.80 0.58
CA LYS A 47 4.93 -3.10 2.00
C LYS A 47 4.72 -1.75 2.68
N ALA A 48 3.81 -1.64 3.62
CA ALA A 48 3.56 -0.30 4.24
C ALA A 48 3.06 -0.40 5.63
N GLU A 49 2.68 0.71 6.18
CA GLU A 49 2.26 0.71 7.58
C GLU A 49 1.25 1.82 7.86
N LEU A 50 0.21 1.43 8.50
CA LEU A 50 -0.87 2.40 8.89
C LEU A 50 -0.75 2.81 10.32
N ASN A 51 -0.16 3.91 10.49
CA ASN A 51 0.01 4.52 11.84
C ASN A 51 0.40 3.50 12.95
N GLY A 52 0.98 2.38 12.60
CA GLY A 52 1.36 1.39 13.66
C GLY A 52 1.34 -0.03 13.10
N LYS A 53 0.40 -0.32 12.22
CA LYS A 53 0.35 -1.65 11.63
C LYS A 53 1.16 -1.64 10.38
N ASP A 54 1.35 -2.76 9.80
CA ASP A 54 2.14 -2.82 8.56
C ASP A 54 2.02 -4.20 7.85
N GLY A 55 2.70 -4.34 6.75
CA GLY A 55 2.68 -5.63 5.99
C GLY A 55 2.36 -5.40 4.51
N PHE A 56 2.31 -6.48 3.76
CA PHE A 56 2.04 -6.38 2.29
C PHE A 56 0.67 -5.72 2.03
N ILE A 57 0.47 -5.14 0.85
CA ILE A 57 -0.83 -4.51 0.54
C ILE A 57 -1.03 -4.54 -0.99
N PRO A 58 -2.21 -4.91 -1.44
CA PRO A 58 -2.48 -4.94 -2.89
C PRO A 58 -2.56 -3.54 -3.43
N LYS A 59 -1.61 -3.18 -4.24
CA LYS A 59 -1.57 -1.82 -4.86
C LYS A 59 -2.84 -1.57 -5.69
N ASN A 60 -3.58 -2.60 -6.05
CA ASN A 60 -4.81 -2.41 -6.83
C ASN A 60 -5.81 -1.62 -6.00
N TYR A 61 -5.75 -1.79 -4.72
CA TYR A 61 -6.62 -1.03 -3.78
C TYR A 61 -5.84 0.15 -3.27
N ILE A 62 -4.96 0.69 -4.08
CA ILE A 62 -4.13 1.82 -3.63
C ILE A 62 -3.56 2.58 -4.83
N GLU A 63 -2.86 3.63 -4.53
CA GLU A 63 -2.18 4.44 -5.54
C GLU A 63 -0.93 4.98 -4.86
N MET A 64 0.06 5.33 -5.62
CA MET A 64 1.35 5.81 -5.01
C MET A 64 1.41 7.33 -4.90
N LYS A 65 1.33 7.85 -3.69
CA LYS A 65 1.43 9.28 -3.49
C LYS A 65 2.82 9.68 -2.97
N PRO A 66 3.28 10.85 -3.44
CA PRO A 66 4.57 11.36 -3.06
C PRO A 66 4.54 12.00 -1.67
N HIS A 67 5.57 12.74 -1.33
CA HIS A 67 5.62 13.42 0.00
C HIS A 67 6.35 14.79 -0.19
N PRO A 68 5.80 15.87 0.39
CA PRO A 68 6.42 17.19 0.25
C PRO A 68 7.63 17.32 1.19
N GLU A 69 7.41 17.59 2.45
CA GLU A 69 8.54 17.73 3.42
C GLU A 69 8.04 17.45 4.84
N PHE A 70 7.02 18.15 5.26
CA PHE A 70 6.48 17.92 6.63
C PHE A 70 5.23 18.78 6.82
N ILE A 71 4.19 18.22 7.41
CA ILE A 71 2.94 19.00 7.62
C ILE A 71 3.21 20.16 8.58
N VAL A 72 2.53 21.27 8.39
CA VAL A 72 2.75 22.45 9.28
C VAL A 72 1.51 22.66 10.15
N THR A 73 1.69 23.08 11.37
CA THR A 73 0.54 23.31 12.29
C THR A 73 0.82 24.50 13.20
N ASP A 74 -0.21 25.16 13.69
CA ASP A 74 -0.01 26.33 14.59
C ASP A 74 0.78 27.42 13.86
N SER B 1 -23.45 1.18 -10.85
CA SER B 1 -22.02 1.47 -10.53
C SER B 1 -21.22 0.15 -10.46
N PRO B 2 -19.93 0.21 -10.78
CA PRO B 2 -19.08 -0.98 -10.77
C PRO B 2 -18.62 -1.29 -9.34
N LEU B 3 -18.24 -2.52 -9.08
CA LEU B 3 -17.78 -2.90 -7.71
C LEU B 3 -16.52 -3.77 -7.81
N LEU B 4 -15.94 -4.13 -6.70
CA LEU B 4 -14.70 -4.97 -6.74
C LEU B 4 -14.72 -6.00 -5.57
N PRO B 5 -15.13 -7.25 -5.86
CA PRO B 5 -15.19 -8.29 -4.83
C PRO B 5 -13.78 -8.84 -4.56
N LYS B 6 -13.19 -9.50 -5.51
CA LYS B 6 -11.82 -10.06 -5.32
C LYS B 6 -10.80 -9.10 -5.94
N LEU B 7 -9.56 -9.51 -6.03
CA LEU B 7 -8.51 -8.64 -6.64
C LEU B 7 -8.90 -8.35 -8.12
N PRO B 8 -8.71 -7.10 -8.58
CA PRO B 8 -9.06 -6.72 -9.96
C PRO B 8 -7.98 -7.22 -10.96
N PRO B 9 -8.35 -8.17 -11.84
CA PRO B 9 -7.42 -8.72 -12.84
C PRO B 9 -7.29 -7.79 -14.07
N LYS B 10 -8.06 -6.72 -14.13
CA LYS B 10 -7.99 -5.80 -15.32
C LYS B 10 -6.56 -5.26 -15.46
N THR B 11 -6.10 -5.09 -16.67
CA THR B 11 -4.72 -4.58 -16.90
C THR B 11 -4.72 -3.05 -16.90
N TYR B 12 -5.34 -2.45 -17.88
CA TYR B 12 -5.40 -0.95 -17.95
C TYR B 12 -6.64 -0.52 -18.73
N LYS B 13 -7.76 -0.43 -18.06
CA LYS B 13 -9.02 -0.01 -18.75
C LYS B 13 -9.85 0.85 -17.80
N ARG B 14 -10.58 1.81 -18.33
CA ARG B 14 -11.41 2.70 -17.47
C ARG B 14 -10.52 3.43 -16.45
N GLU B 15 -10.30 2.87 -15.28
CA GLU B 15 -9.43 3.53 -14.26
C GLU B 15 -8.59 2.49 -13.55
N GLY A 1 21.81 3.68 -4.43
CA GLY A 1 22.35 2.26 -4.13
C GLY A 1 22.77 1.91 -2.76
N SER A 2 22.57 2.81 -1.83
CA SER A 2 22.98 2.53 -0.41
C SER A 2 22.25 3.50 0.51
N ARG A 3 21.75 3.00 1.62
CA ARG A 3 21.01 3.89 2.58
C ARG A 3 21.81 3.99 3.89
N ARG A 4 22.64 4.99 4.01
CA ARG A 4 23.44 5.15 5.26
C ARG A 4 22.60 5.86 6.32
N ALA A 5 21.72 5.15 6.97
CA ALA A 5 20.85 5.77 8.02
C ALA A 5 20.01 6.90 7.40
N SER A 6 19.26 6.59 6.38
CA SER A 6 18.41 7.63 5.71
C SER A 6 16.94 7.18 5.72
N VAL A 7 16.08 7.95 6.33
CA VAL A 7 14.63 7.57 6.36
C VAL A 7 13.86 8.42 5.35
N GLY A 8 13.08 7.78 4.51
CA GLY A 8 12.31 8.55 3.48
C GLY A 8 11.29 7.63 2.80
N SER A 9 10.22 7.28 3.49
CA SER A 9 9.19 6.40 2.89
C SER A 9 8.08 7.24 2.27
N MET A 10 7.29 6.66 1.40
CA MET A 10 6.18 7.42 0.77
C MET A 10 4.87 6.88 1.27
N GLU A 11 3.77 7.33 0.70
CA GLU A 11 2.47 6.85 1.12
C GLU A 11 1.75 6.34 -0.10
N ALA A 12 0.60 5.82 0.08
CA ALA A 12 -0.20 5.32 -1.07
C ALA A 12 -1.68 5.30 -0.73
N ILE A 13 -2.43 6.08 -1.42
CA ILE A 13 -3.89 6.20 -1.16
C ILE A 13 -4.61 4.89 -1.40
N ALA A 14 -5.22 4.41 -0.36
CA ALA A 14 -6.06 3.17 -0.50
C ALA A 14 -7.33 3.55 -1.28
N LYS A 15 -7.43 3.15 -2.52
CA LYS A 15 -8.61 3.52 -3.35
C LYS A 15 -9.90 2.91 -2.79
N TYR A 16 -9.79 1.81 -2.07
CA TYR A 16 -11.02 1.15 -1.54
C TYR A 16 -10.71 0.43 -0.24
N ASP A 17 -11.68 -0.29 0.25
CA ASP A 17 -11.50 -1.02 1.52
C ASP A 17 -10.77 -2.35 1.29
N PHE A 18 -10.24 -2.92 2.32
CA PHE A 18 -9.50 -4.19 2.22
C PHE A 18 -9.03 -4.62 3.61
N LYS A 19 -8.43 -5.77 3.72
CA LYS A 19 -7.93 -6.24 5.05
C LYS A 19 -6.67 -7.06 4.87
N ALA A 20 -6.06 -7.43 5.96
CA ALA A 20 -4.82 -8.23 5.88
C ALA A 20 -5.22 -9.69 5.68
N THR A 21 -4.63 -10.35 4.73
CA THR A 21 -5.00 -11.79 4.47
C THR A 21 -3.78 -12.67 4.75
N ALA A 22 -3.11 -12.44 5.85
CA ALA A 22 -1.91 -13.27 6.20
C ALA A 22 -1.28 -12.73 7.45
N ASP A 23 -0.24 -13.37 7.88
CA ASP A 23 0.47 -12.94 9.09
C ASP A 23 1.48 -11.82 8.75
N ASP A 24 1.50 -11.37 7.50
CA ASP A 24 2.42 -10.32 7.10
C ASP A 24 1.72 -9.37 6.11
N GLU A 25 0.41 -9.29 6.18
CA GLU A 25 -0.33 -8.39 5.26
C GLU A 25 -0.83 -7.19 6.05
N LEU A 26 -1.40 -6.21 5.38
CA LEU A 26 -1.87 -5.00 6.10
C LEU A 26 -3.31 -4.65 5.69
N SER A 27 -4.16 -4.39 6.67
CA SER A 27 -5.55 -4.06 6.41
C SER A 27 -5.71 -2.53 6.25
N PHE A 28 -6.85 -2.11 5.79
CA PHE A 28 -7.11 -0.64 5.63
C PHE A 28 -8.50 -0.46 5.03
N LYS A 29 -9.01 0.74 5.02
CA LYS A 29 -10.37 0.99 4.45
C LYS A 29 -10.28 1.94 3.27
N ARG A 30 -11.40 2.25 2.68
CA ARG A 30 -11.43 3.18 1.54
C ARG A 30 -11.10 4.59 2.02
N GLY A 31 -9.94 5.09 1.67
CA GLY A 31 -9.54 6.46 2.12
C GLY A 31 -8.43 6.38 3.18
N ASP A 32 -7.96 5.19 3.47
CA ASP A 32 -6.90 5.02 4.45
C ASP A 32 -5.60 4.88 3.70
N ILE A 33 -4.79 5.88 3.74
CA ILE A 33 -3.50 5.82 3.01
C ILE A 33 -2.46 5.09 3.86
N LEU A 34 -1.62 4.29 3.25
CA LEU A 34 -0.60 3.50 4.03
C LEU A 34 0.79 4.12 3.86
N LYS A 35 1.73 3.75 4.71
CA LYS A 35 3.12 4.32 4.60
C LYS A 35 4.05 3.27 3.99
N VAL A 36 4.28 3.34 2.70
CA VAL A 36 5.14 2.33 2.03
C VAL A 36 6.54 2.29 2.67
N LEU A 37 6.81 1.25 3.42
CA LEU A 37 8.14 1.10 4.06
C LEU A 37 9.07 0.41 3.05
N ASN A 38 8.51 -0.39 2.17
CA ASN A 38 9.37 -1.10 1.17
C ASN A 38 8.53 -1.60 0.00
N GLU A 39 9.17 -2.09 -1.03
CA GLU A 39 8.43 -2.60 -2.22
C GLU A 39 8.96 -3.99 -2.58
N GLU A 40 8.90 -4.90 -1.65
CA GLU A 40 9.39 -6.29 -1.90
C GLU A 40 8.23 -7.18 -2.27
N CYS A 41 8.48 -8.45 -2.46
CA CYS A 41 7.37 -9.39 -2.83
C CYS A 41 6.91 -9.06 -4.24
N ASP A 42 5.74 -9.55 -4.60
CA ASP A 42 5.17 -9.32 -5.97
C ASP A 42 5.39 -7.90 -6.45
N GLN A 43 5.29 -7.71 -7.73
CA GLN A 43 5.49 -6.37 -8.28
C GLN A 43 4.15 -5.63 -8.36
N ASN A 44 3.16 -6.09 -7.62
CA ASN A 44 1.82 -5.42 -7.67
C ASN A 44 1.34 -5.06 -6.27
N TRP A 45 1.92 -5.60 -5.24
CA TRP A 45 1.46 -5.24 -3.85
C TRP A 45 2.60 -4.48 -3.13
N TYR A 46 2.26 -3.41 -2.43
CA TYR A 46 3.31 -2.60 -1.72
C TYR A 46 3.40 -3.00 -0.24
N LYS A 47 4.57 -2.86 0.33
CA LYS A 47 4.73 -3.12 1.78
C LYS A 47 4.58 -1.76 2.46
N ALA A 48 3.75 -1.64 3.47
CA ALA A 48 3.55 -0.30 4.10
C ALA A 48 3.08 -0.41 5.51
N GLU A 49 2.75 0.71 6.10
CA GLU A 49 2.36 0.69 7.50
C GLU A 49 1.36 1.79 7.87
N LEU A 50 0.38 1.39 8.59
CA LEU A 50 -0.67 2.34 9.07
C LEU A 50 -0.46 2.71 10.50
N ASN A 51 0.14 3.83 10.67
CA ASN A 51 0.39 4.40 12.02
C ASN A 51 0.87 3.34 13.06
N GLY A 52 1.44 2.26 12.64
CA GLY A 52 1.91 1.22 13.63
C GLY A 52 1.83 -0.18 13.02
N LYS A 53 0.78 -0.47 12.27
CA LYS A 53 0.66 -1.78 11.65
C LYS A 53 1.40 -1.74 10.36
N ASP A 54 1.52 -2.85 9.73
CA ASP A 54 2.24 -2.91 8.47
C ASP A 54 1.98 -4.22 7.71
N GLY A 55 2.60 -4.34 6.56
CA GLY A 55 2.45 -5.57 5.75
C GLY A 55 2.14 -5.22 4.29
N PHE A 56 2.21 -6.20 3.43
CA PHE A 56 1.95 -5.95 1.97
C PHE A 56 0.48 -5.60 1.73
N ILE A 57 0.18 -5.00 0.60
CA ILE A 57 -1.23 -4.65 0.27
C ILE A 57 -1.35 -4.64 -1.26
N PRO A 58 -2.46 -5.12 -1.80
CA PRO A 58 -2.65 -5.12 -3.25
C PRO A 58 -2.82 -3.73 -3.78
N LYS A 59 -1.89 -3.30 -4.57
CA LYS A 59 -1.90 -1.94 -5.18
C LYS A 59 -3.20 -1.65 -5.96
N ASN A 60 -3.97 -2.67 -6.31
CA ASN A 60 -5.21 -2.44 -7.04
C ASN A 60 -6.18 -1.60 -6.20
N TYR A 61 -6.10 -1.76 -4.92
CA TYR A 61 -6.93 -0.97 -3.98
C TYR A 61 -6.09 0.15 -3.45
N ILE A 62 -5.18 0.66 -4.25
CA ILE A 62 -4.29 1.73 -3.77
C ILE A 62 -3.73 2.55 -4.92
N GLU A 63 -2.99 3.57 -4.57
CA GLU A 63 -2.33 4.43 -5.55
C GLU A 63 -1.09 5.00 -4.85
N MET A 64 -0.13 5.47 -5.59
CA MET A 64 1.13 5.97 -4.95
C MET A 64 1.13 7.50 -4.76
N LYS A 65 1.05 7.95 -3.52
CA LYS A 65 1.08 9.37 -3.23
C LYS A 65 2.43 9.77 -2.63
N PRO A 66 2.78 11.04 -2.78
CA PRO A 66 4.02 11.57 -2.27
C PRO A 66 3.92 11.82 -0.77
N HIS A 67 4.85 12.56 -0.21
CA HIS A 67 4.83 12.86 1.25
C HIS A 67 4.91 14.39 1.46
N PRO A 68 4.46 14.87 2.62
CA PRO A 68 4.48 16.30 2.93
C PRO A 68 5.89 16.72 3.36
N GLU A 69 6.10 18.00 3.59
CA GLU A 69 7.45 18.48 4.01
C GLU A 69 7.32 19.44 5.20
N PHE A 70 8.41 19.75 5.85
CA PHE A 70 8.35 20.68 7.03
C PHE A 70 7.44 20.08 8.11
N ILE A 71 7.30 20.77 9.22
CA ILE A 71 6.42 20.27 10.31
C ILE A 71 5.65 21.44 10.93
N VAL A 72 5.10 22.29 10.10
CA VAL A 72 4.34 23.46 10.61
C VAL A 72 3.73 24.23 9.43
N THR A 73 2.51 24.68 9.55
CA THR A 73 1.86 25.43 8.44
C THR A 73 1.78 26.91 8.80
N ASP A 74 1.64 27.22 10.07
CA ASP A 74 1.56 28.64 10.49
C ASP A 74 2.96 29.25 10.51
N SER B 1 -20.25 -0.50 -14.56
CA SER B 1 -20.83 -1.89 -14.49
C SER B 1 -20.13 -2.70 -13.37
N PRO B 2 -18.80 -2.74 -13.35
CA PRO B 2 -18.07 -3.50 -12.32
C PRO B 2 -18.02 -2.70 -11.00
N LEU B 3 -17.98 -3.39 -9.89
CA LEU B 3 -17.93 -2.69 -8.57
C LEU B 3 -16.50 -2.76 -8.03
N LEU B 4 -16.12 -3.88 -7.46
CA LEU B 4 -14.73 -4.03 -6.90
C LEU B 4 -14.31 -5.51 -6.94
N PRO B 5 -13.35 -5.86 -7.81
CA PRO B 5 -12.89 -7.26 -7.92
C PRO B 5 -11.94 -7.59 -6.75
N LYS B 6 -11.92 -8.84 -6.34
CA LYS B 6 -11.03 -9.23 -5.20
C LYS B 6 -9.77 -9.93 -5.74
N LEU B 7 -9.05 -9.29 -6.61
CA LEU B 7 -7.80 -9.90 -7.17
C LEU B 7 -8.15 -11.24 -7.86
N PRO B 8 -8.98 -11.18 -8.91
CA PRO B 8 -9.40 -12.38 -9.66
C PRO B 8 -8.29 -12.80 -10.67
N PRO B 9 -7.66 -13.96 -10.46
CA PRO B 9 -6.61 -14.44 -11.37
C PRO B 9 -7.23 -15.06 -12.63
N LYS B 10 -6.46 -15.24 -13.67
CA LYS B 10 -7.01 -15.84 -14.92
C LYS B 10 -5.88 -16.64 -15.65
N THR B 11 -5.52 -16.28 -16.89
CA THR B 11 -4.44 -17.04 -17.61
C THR B 11 -4.23 -16.44 -19.00
N TYR B 12 -3.26 -16.93 -19.73
CA TYR B 12 -2.99 -16.39 -21.11
C TYR B 12 -2.65 -14.90 -21.02
N LYS B 13 -2.73 -14.19 -22.12
CA LYS B 13 -2.42 -12.74 -22.11
C LYS B 13 -3.53 -11.98 -21.37
N ARG B 14 -3.16 -11.17 -20.40
CA ARG B 14 -4.19 -10.40 -19.63
C ARG B 14 -4.90 -9.42 -20.57
N GLU B 15 -4.15 -8.69 -21.35
CA GLU B 15 -4.77 -7.71 -22.29
C GLU B 15 -4.04 -7.76 -23.63
N GLY A 1 23.10 3.09 -7.97
CA GLY A 1 22.68 4.52 -7.53
C GLY A 1 21.78 4.69 -6.38
N SER A 2 21.93 3.86 -5.37
CA SER A 2 21.06 3.97 -4.17
C SER A 2 21.87 4.54 -3.00
N ARG A 3 21.26 5.33 -2.16
CA ARG A 3 21.99 5.92 -1.00
C ARG A 3 21.43 5.36 0.31
N ARG A 4 22.15 5.53 1.39
CA ARG A 4 21.67 5.00 2.71
C ARG A 4 21.78 6.09 3.76
N ALA A 5 21.65 7.34 3.38
CA ALA A 5 21.75 8.45 4.36
C ALA A 5 20.39 9.12 4.51
N SER A 6 19.77 9.50 3.41
CA SER A 6 18.44 10.15 3.48
C SER A 6 17.39 9.15 3.96
N VAL A 7 16.56 9.54 4.89
CA VAL A 7 15.52 8.60 5.41
C VAL A 7 14.13 9.20 5.16
N GLY A 8 13.15 8.38 4.88
CA GLY A 8 11.77 8.89 4.63
C GLY A 8 11.05 7.96 3.65
N SER A 9 10.28 7.03 4.16
CA SER A 9 9.55 6.09 3.27
C SER A 9 8.52 6.87 2.46
N MET A 10 7.82 6.19 1.58
CA MET A 10 6.79 6.87 0.75
C MET A 10 5.43 6.45 1.20
N GLU A 11 4.40 6.87 0.50
CA GLU A 11 3.05 6.52 0.90
C GLU A 11 2.37 5.85 -0.27
N ALA A 12 1.17 5.43 -0.06
CA ALA A 12 0.40 4.77 -1.14
C ALA A 12 -1.08 4.86 -0.82
N ILE A 13 -1.80 5.56 -1.64
CA ILE A 13 -3.26 5.77 -1.43
C ILE A 13 -4.06 4.51 -1.58
N ALA A 14 -4.71 4.12 -0.53
CA ALA A 14 -5.62 2.93 -0.59
C ALA A 14 -6.85 3.37 -1.40
N LYS A 15 -7.03 2.85 -2.58
CA LYS A 15 -8.18 3.27 -3.42
C LYS A 15 -9.51 2.75 -2.85
N TYR A 16 -9.49 1.66 -2.13
CA TYR A 16 -10.78 1.09 -1.59
C TYR A 16 -10.57 0.46 -0.23
N ASP A 17 -11.60 -0.14 0.27
CA ASP A 17 -11.54 -0.80 1.59
C ASP A 17 -10.86 -2.16 1.45
N PHE A 18 -10.50 -2.76 2.55
CA PHE A 18 -9.84 -4.10 2.53
C PHE A 18 -9.40 -4.49 3.94
N LYS A 19 -8.85 -5.66 4.09
CA LYS A 19 -8.40 -6.13 5.43
C LYS A 19 -7.20 -7.03 5.27
N ALA A 20 -6.46 -7.19 6.33
CA ALA A 20 -5.28 -8.07 6.26
C ALA A 20 -5.76 -9.52 6.22
N THR A 21 -5.24 -10.30 5.30
CA THR A 21 -5.69 -11.72 5.20
C THR A 21 -4.60 -12.65 5.72
N ALA A 22 -3.43 -12.60 5.13
CA ALA A 22 -2.31 -13.47 5.59
C ALA A 22 -1.92 -13.09 7.00
N ASP A 23 -0.99 -13.81 7.53
CA ASP A 23 -0.52 -13.55 8.90
C ASP A 23 0.42 -12.33 8.92
N ASP A 24 0.70 -11.75 7.77
CA ASP A 24 1.57 -10.58 7.71
C ASP A 24 0.99 -9.57 6.73
N GLU A 25 -0.31 -9.56 6.57
CA GLU A 25 -0.95 -8.60 5.63
C GLU A 25 -1.38 -7.34 6.39
N LEU A 26 -1.83 -6.32 5.69
CA LEU A 26 -2.24 -5.06 6.38
C LEU A 26 -3.67 -4.68 6.01
N SER A 27 -4.48 -4.40 7.01
CA SER A 27 -5.87 -4.02 6.77
C SER A 27 -5.95 -2.50 6.51
N PHE A 28 -7.03 -2.05 5.94
CA PHE A 28 -7.19 -0.57 5.68
C PHE A 28 -8.56 -0.30 5.06
N LYS A 29 -8.93 0.95 4.97
CA LYS A 29 -10.26 1.31 4.39
C LYS A 29 -10.08 2.10 3.11
N ARG A 30 -11.16 2.50 2.52
CA ARG A 30 -11.12 3.29 1.27
C ARG A 30 -10.62 4.71 1.57
N GLY A 31 -9.38 4.98 1.29
CA GLY A 31 -8.82 6.34 1.56
C GLY A 31 -7.74 6.26 2.66
N ASP A 32 -7.41 5.06 3.11
CA ASP A 32 -6.41 4.90 4.13
C ASP A 32 -5.05 4.80 3.48
N ILE A 33 -4.38 5.90 3.27
CA ILE A 33 -3.06 5.85 2.63
C ILE A 33 -2.05 5.24 3.61
N LEU A 34 -1.38 4.22 3.17
CA LEU A 34 -0.41 3.51 4.06
C LEU A 34 1.00 4.05 3.88
N LYS A 35 1.91 3.63 4.73
CA LYS A 35 3.34 4.10 4.64
C LYS A 35 4.19 2.97 4.07
N VAL A 36 4.52 3.01 2.81
CA VAL A 36 5.31 1.89 2.20
C VAL A 36 6.71 1.78 2.80
N LEU A 37 6.92 0.77 3.62
CA LEU A 37 8.26 0.54 4.23
C LEU A 37 9.10 -0.22 3.20
N ASN A 38 8.47 -1.09 2.44
CA ASN A 38 9.22 -1.86 1.40
C ASN A 38 8.61 -1.61 0.02
N GLU A 39 9.36 -0.97 -0.83
CA GLU A 39 8.86 -0.66 -2.21
C GLU A 39 9.60 -1.53 -3.23
N GLU A 40 9.55 -1.14 -4.48
CA GLU A 40 10.22 -1.89 -5.63
C GLU A 40 9.24 -2.87 -6.25
N CYS A 41 9.67 -3.55 -7.30
CA CYS A 41 8.77 -4.54 -7.99
C CYS A 41 8.11 -5.48 -6.99
N ASP A 42 7.01 -6.08 -7.38
CA ASP A 42 6.29 -7.01 -6.50
C ASP A 42 5.16 -7.64 -7.27
N GLN A 43 4.50 -8.60 -6.68
CA GLN A 43 3.38 -9.27 -7.38
C GLN A 43 2.07 -8.52 -7.09
N ASN A 44 2.07 -7.21 -7.29
CA ASN A 44 0.85 -6.35 -7.04
C ASN A 44 0.56 -6.17 -5.54
N TRP A 45 1.57 -5.90 -4.79
CA TRP A 45 1.42 -5.63 -3.31
C TRP A 45 2.54 -4.67 -2.88
N TYR A 46 2.53 -4.25 -1.65
CA TYR A 46 3.59 -3.33 -1.12
C TYR A 46 3.68 -3.55 0.39
N LYS A 47 4.85 -3.45 0.97
CA LYS A 47 4.92 -3.57 2.46
C LYS A 47 4.70 -2.18 2.98
N ALA A 48 3.92 -2.04 4.02
CA ALA A 48 3.66 -0.67 4.55
C ALA A 48 3.08 -0.71 5.91
N GLU A 49 2.70 0.44 6.39
CA GLU A 49 2.18 0.50 7.74
C GLU A 49 1.24 1.70 7.93
N LEU A 50 0.15 1.41 8.51
CA LEU A 50 -0.88 2.47 8.78
C LEU A 50 -0.84 2.93 10.19
N ASN A 51 -0.16 4.00 10.37
CA ASN A 51 -0.05 4.66 11.70
C ASN A 51 0.13 3.67 12.88
N GLY A 52 0.65 2.50 12.63
CA GLY A 52 0.83 1.52 13.76
C GLY A 52 0.76 0.10 13.21
N LYS A 53 -0.14 -0.15 12.28
CA LYS A 53 -0.25 -1.47 11.69
C LYS A 53 0.78 -1.56 10.62
N ASP A 54 1.03 -2.72 10.19
CA ASP A 54 2.04 -2.93 9.15
C ASP A 54 1.71 -4.19 8.34
N GLY A 55 2.49 -4.46 7.35
CA GLY A 55 2.29 -5.69 6.51
C GLY A 55 2.02 -5.33 5.05
N PHE A 56 1.96 -6.34 4.22
CA PHE A 56 1.75 -6.14 2.76
C PHE A 56 0.39 -5.49 2.47
N ILE A 57 0.23 -5.01 1.27
CA ILE A 57 -1.05 -4.40 0.84
C ILE A 57 -1.12 -4.54 -0.70
N PRO A 58 -2.13 -5.25 -1.21
CA PRO A 58 -2.25 -5.48 -2.66
C PRO A 58 -2.55 -4.19 -3.41
N LYS A 59 -1.63 -3.76 -4.22
CA LYS A 59 -1.75 -2.52 -5.04
C LYS A 59 -3.14 -2.34 -5.71
N ASN A 60 -3.94 -3.38 -5.86
CA ASN A 60 -5.25 -3.23 -6.51
C ASN A 60 -6.14 -2.26 -5.72
N TYR A 61 -6.01 -2.29 -4.44
CA TYR A 61 -6.79 -1.37 -3.57
C TYR A 61 -5.87 -0.26 -3.15
N ILE A 62 -4.95 0.11 -4.01
CA ILE A 62 -3.99 1.15 -3.63
C ILE A 62 -3.33 1.82 -4.84
N GLU A 63 -2.53 2.79 -4.55
CA GLU A 63 -1.75 3.50 -5.57
C GLU A 63 -0.48 4.00 -4.87
N MET A 64 0.53 4.29 -5.62
CA MET A 64 1.82 4.73 -4.98
C MET A 64 2.03 6.23 -5.04
N LYS A 65 1.98 6.89 -3.90
CA LYS A 65 2.21 8.32 -3.87
C LYS A 65 3.65 8.65 -3.48
N PRO A 66 4.24 9.62 -4.21
CA PRO A 66 5.61 10.04 -3.99
C PRO A 66 5.77 10.95 -2.77
N HIS A 67 6.90 11.59 -2.65
CA HIS A 67 7.15 12.52 -1.50
C HIS A 67 8.00 13.71 -2.02
N PRO A 68 7.34 14.78 -2.48
CA PRO A 68 8.05 15.95 -3.03
C PRO A 68 8.63 16.83 -1.91
N GLU A 69 9.95 16.91 -1.84
CA GLU A 69 10.61 17.77 -0.80
C GLU A 69 10.02 17.51 0.60
N PHE A 70 10.34 18.35 1.55
CA PHE A 70 9.81 18.18 2.93
C PHE A 70 8.38 18.74 3.00
N ILE A 71 7.41 17.94 2.69
CA ILE A 71 5.98 18.41 2.73
C ILE A 71 5.78 19.53 1.70
N VAL A 72 4.56 19.94 1.48
CA VAL A 72 4.27 21.03 0.50
C VAL A 72 3.16 21.93 1.03
N THR A 73 1.99 21.37 1.25
CA THR A 73 0.86 22.18 1.77
C THR A 73 1.03 22.41 3.28
N ASP A 74 1.01 23.65 3.70
CA ASP A 74 1.18 23.94 5.16
C ASP A 74 0.46 25.24 5.51
N SER B 1 -22.74 -0.20 -1.24
CA SER B 1 -22.53 -1.60 -1.71
C SER B 1 -21.16 -1.69 -2.41
N PRO B 2 -20.09 -1.83 -1.64
CA PRO B 2 -18.73 -1.93 -2.20
C PRO B 2 -18.49 -3.34 -2.77
N LEU B 3 -18.13 -4.29 -1.93
CA LEU B 3 -17.90 -5.69 -2.42
C LEU B 3 -16.78 -5.69 -3.47
N LEU B 4 -15.61 -6.17 -3.11
CA LEU B 4 -14.47 -6.20 -4.09
C LEU B 4 -13.81 -7.62 -4.08
N PRO B 5 -14.57 -8.64 -4.44
CA PRO B 5 -14.05 -10.01 -4.48
C PRO B 5 -13.20 -10.22 -5.74
N LYS B 6 -11.90 -10.09 -5.62
CA LYS B 6 -11.01 -10.28 -6.81
C LYS B 6 -9.83 -11.16 -6.44
N LEU B 7 -8.93 -10.68 -5.59
CA LEU B 7 -7.72 -11.49 -5.19
C LEU B 7 -8.15 -12.93 -4.78
N PRO B 8 -7.92 -13.92 -5.66
CA PRO B 8 -8.31 -15.31 -5.39
C PRO B 8 -7.22 -16.06 -4.56
N PRO B 9 -7.53 -16.41 -3.30
CA PRO B 9 -6.57 -17.14 -2.46
C PRO B 9 -6.62 -18.63 -2.81
N LYS B 10 -5.47 -19.26 -2.97
CA LYS B 10 -5.49 -20.72 -3.31
C LYS B 10 -4.05 -21.26 -3.37
N THR B 11 -3.91 -22.55 -3.60
CA THR B 11 -2.55 -23.17 -3.68
C THR B 11 -2.64 -24.47 -4.48
N TYR B 12 -1.54 -24.94 -5.02
CA TYR B 12 -1.57 -26.21 -5.81
C TYR B 12 -0.20 -26.87 -5.81
N LYS B 13 -0.15 -28.17 -5.63
CA LYS B 13 1.16 -28.89 -5.62
C LYS B 13 0.91 -30.39 -5.45
N ARG B 14 0.78 -31.10 -6.55
CA ARG B 14 0.54 -32.57 -6.47
C ARG B 14 1.00 -33.23 -7.78
N GLU B 15 1.19 -34.52 -7.77
CA GLU B 15 1.65 -35.22 -9.01
C GLU B 15 0.44 -35.89 -9.69
N GLY A 1 19.59 4.80 -10.75
CA GLY A 1 20.28 5.67 -9.66
C GLY A 1 20.38 5.19 -8.29
N SER A 2 20.64 6.08 -7.36
CA SER A 2 20.76 5.65 -5.93
C SER A 2 20.17 6.74 -5.02
N ARG A 3 19.09 6.43 -4.35
CA ARG A 3 18.46 7.44 -3.44
C ARG A 3 17.93 6.74 -2.19
N ARG A 4 18.74 5.90 -1.58
CA ARG A 4 18.29 5.18 -0.36
C ARG A 4 18.83 5.90 0.88
N ALA A 5 19.01 7.21 0.80
CA ALA A 5 19.53 7.97 1.97
C ALA A 5 18.36 8.40 2.86
N SER A 6 17.19 8.58 2.29
CA SER A 6 16.01 9.00 3.10
C SER A 6 15.72 7.95 4.18
N VAL A 7 15.17 8.36 5.29
CA VAL A 7 14.85 7.38 6.39
C VAL A 7 13.34 7.22 6.51
N GLY A 8 12.59 8.23 6.15
CA GLY A 8 11.10 8.16 6.26
C GLY A 8 10.56 7.16 5.23
N SER A 9 9.60 7.57 4.44
CA SER A 9 9.00 6.66 3.43
C SER A 9 7.93 7.40 2.64
N MET A 10 7.27 6.73 1.74
CA MET A 10 6.20 7.38 0.95
C MET A 10 4.85 6.89 1.41
N GLU A 11 3.80 7.37 0.80
CA GLU A 11 2.47 6.96 1.18
C GLU A 11 1.81 6.46 -0.08
N ALA A 12 0.68 5.87 0.07
CA ALA A 12 -0.05 5.36 -1.12
C ALA A 12 -1.54 5.31 -0.82
N ILE A 13 -2.29 6.11 -1.51
CA ILE A 13 -3.76 6.20 -1.29
C ILE A 13 -4.44 4.87 -1.46
N ALA A 14 -5.12 4.45 -0.44
CA ALA A 14 -5.91 3.19 -0.53
C ALA A 14 -7.16 3.48 -1.37
N LYS A 15 -7.15 3.08 -2.60
CA LYS A 15 -8.31 3.37 -3.51
C LYS A 15 -9.63 2.78 -2.97
N TYR A 16 -9.58 1.67 -2.25
CA TYR A 16 -10.86 1.06 -1.72
C TYR A 16 -10.61 0.41 -0.38
N ASP A 17 -11.61 -0.23 0.14
CA ASP A 17 -11.48 -0.90 1.45
C ASP A 17 -10.88 -2.30 1.26
N PHE A 18 -10.31 -2.84 2.29
CA PHE A 18 -9.67 -4.20 2.19
C PHE A 18 -9.14 -4.57 3.59
N LYS A 19 -8.72 -5.79 3.79
CA LYS A 19 -8.19 -6.19 5.14
C LYS A 19 -7.03 -7.16 5.00
N ALA A 20 -6.29 -7.32 6.06
CA ALA A 20 -5.14 -8.24 6.02
C ALA A 20 -5.66 -9.68 5.90
N THR A 21 -5.10 -10.47 5.04
CA THR A 21 -5.58 -11.88 4.89
C THR A 21 -4.50 -12.84 5.36
N ALA A 22 -3.27 -12.57 5.02
CA ALA A 22 -2.14 -13.45 5.46
C ALA A 22 -1.62 -12.98 6.79
N ASP A 23 -0.90 -13.82 7.44
CA ASP A 23 -0.32 -13.49 8.76
C ASP A 23 0.60 -12.26 8.64
N ASP A 24 1.05 -11.96 7.45
CA ASP A 24 1.93 -10.80 7.25
C ASP A 24 1.29 -9.83 6.26
N GLU A 25 -0.01 -9.60 6.36
CA GLU A 25 -0.68 -8.67 5.43
C GLU A 25 -1.17 -7.44 6.21
N LEU A 26 -1.58 -6.39 5.52
CA LEU A 26 -2.03 -5.16 6.23
C LEU A 26 -3.49 -4.84 5.89
N SER A 27 -4.21 -4.29 6.85
CA SER A 27 -5.62 -3.96 6.63
C SER A 27 -5.80 -2.43 6.49
N PHE A 28 -6.80 -2.01 5.78
CA PHE A 28 -7.06 -0.54 5.62
C PHE A 28 -8.43 -0.35 4.97
N LYS A 29 -8.94 0.85 4.94
CA LYS A 29 -10.29 1.10 4.34
C LYS A 29 -10.14 2.02 3.13
N ARG A 30 -11.25 2.34 2.53
CA ARG A 30 -11.24 3.24 1.35
C ARG A 30 -10.92 4.66 1.80
N GLY A 31 -9.74 5.13 1.50
CA GLY A 31 -9.33 6.51 1.92
C GLY A 31 -8.26 6.44 3.02
N ASP A 32 -7.86 5.24 3.43
CA ASP A 32 -6.82 5.10 4.44
C ASP A 32 -5.50 4.93 3.74
N ILE A 33 -4.78 5.98 3.59
CA ILE A 33 -3.48 5.89 2.89
C ILE A 33 -2.49 5.12 3.76
N LEU A 34 -1.68 4.30 3.14
CA LEU A 34 -0.69 3.47 3.91
C LEU A 34 0.69 4.09 3.82
N LYS A 35 1.61 3.68 4.68
CA LYS A 35 3.00 4.26 4.62
C LYS A 35 3.92 3.21 4.01
N VAL A 36 4.18 3.29 2.73
CA VAL A 36 5.06 2.25 2.08
C VAL A 36 6.44 2.25 2.71
N LEU A 37 6.73 1.22 3.47
CA LEU A 37 8.06 1.10 4.12
C LEU A 37 9.02 0.49 3.12
N ASN A 38 8.52 -0.41 2.30
CA ASN A 38 9.41 -1.07 1.30
C ASN A 38 8.67 -1.30 -0.02
N GLU A 39 9.36 -1.15 -1.12
CA GLU A 39 8.72 -1.39 -2.45
C GLU A 39 9.42 -2.54 -3.14
N GLU A 40 9.49 -3.67 -2.49
CA GLU A 40 10.15 -4.86 -3.08
C GLU A 40 9.35 -5.31 -4.29
N CYS A 41 9.94 -6.13 -5.14
CA CYS A 41 9.19 -6.60 -6.34
C CYS A 41 7.95 -7.39 -5.91
N ASP A 42 6.95 -7.43 -6.75
CA ASP A 42 5.73 -8.15 -6.42
C ASP A 42 4.80 -8.10 -7.62
N GLN A 43 3.71 -8.83 -7.56
CA GLN A 43 2.79 -8.85 -8.70
C GLN A 43 1.73 -7.77 -8.56
N ASN A 44 1.35 -7.49 -7.36
CA ASN A 44 0.29 -6.47 -7.10
C ASN A 44 0.23 -6.13 -5.60
N TRP A 45 1.34 -6.19 -4.92
CA TRP A 45 1.37 -5.87 -3.45
C TRP A 45 2.68 -5.12 -3.09
N TYR A 46 2.73 -4.51 -1.92
CA TYR A 46 3.94 -3.76 -1.46
C TYR A 46 4.09 -3.98 0.05
N LYS A 47 4.93 -3.22 0.72
CA LYS A 47 5.05 -3.30 2.19
C LYS A 47 4.73 -1.90 2.73
N ALA A 48 3.94 -1.80 3.78
CA ALA A 48 3.58 -0.44 4.29
C ALA A 48 3.00 -0.52 5.65
N GLU A 49 2.59 0.60 6.17
CA GLU A 49 2.08 0.57 7.54
C GLU A 49 1.11 1.72 7.84
N LEU A 50 0.09 1.37 8.53
CA LEU A 50 -0.93 2.37 8.95
C LEU A 50 -0.70 2.86 10.34
N ASN A 51 -0.05 3.96 10.40
CA ASN A 51 0.23 4.66 11.69
C ASN A 51 0.60 3.70 12.85
N GLY A 52 1.11 2.54 12.58
CA GLY A 52 1.46 1.60 13.69
C GLY A 52 1.40 0.17 13.17
N LYS A 53 0.36 -0.16 12.44
CA LYS A 53 0.26 -1.50 11.88
C LYS A 53 1.12 -1.51 10.67
N ASP A 54 1.49 -2.66 10.26
CA ASP A 54 2.36 -2.76 9.10
C ASP A 54 2.08 -4.06 8.33
N GLY A 55 2.77 -4.27 7.24
CA GLY A 55 2.60 -5.53 6.45
C GLY A 55 2.26 -5.28 4.99
N PHE A 56 2.17 -6.35 4.24
CA PHE A 56 1.88 -6.29 2.78
C PHE A 56 0.67 -5.39 2.49
N ILE A 57 0.57 -4.91 1.27
CA ILE A 57 -0.58 -4.05 0.89
C ILE A 57 -0.81 -4.19 -0.63
N PRO A 58 -1.89 -4.83 -1.04
CA PRO A 58 -2.15 -5.03 -2.47
C PRO A 58 -2.30 -3.70 -3.19
N LYS A 59 -1.34 -3.37 -4.01
CA LYS A 59 -1.34 -2.10 -4.77
C LYS A 59 -2.64 -1.91 -5.59
N ASN A 60 -3.40 -2.97 -5.83
CA ASN A 60 -4.64 -2.83 -6.60
C ASN A 60 -5.64 -1.96 -5.82
N TYR A 61 -5.54 -2.01 -4.52
CA TYR A 61 -6.41 -1.17 -3.64
C TYR A 61 -5.64 0.06 -3.27
N ILE A 62 -4.67 0.44 -4.05
CA ILE A 62 -3.86 1.57 -3.67
C ILE A 62 -3.25 2.30 -4.87
N GLU A 63 -2.65 3.41 -4.60
CA GLU A 63 -1.95 4.19 -5.61
C GLU A 63 -0.76 4.84 -4.92
N MET A 64 0.30 5.04 -5.62
CA MET A 64 1.54 5.62 -5.00
C MET A 64 1.52 7.15 -4.95
N LYS A 65 1.39 7.72 -3.78
CA LYS A 65 1.38 9.16 -3.64
C LYS A 65 2.53 9.65 -2.75
N PRO A 66 2.91 10.91 -2.96
CA PRO A 66 4.00 11.50 -2.19
C PRO A 66 3.51 11.95 -0.81
N HIS A 67 4.28 12.78 -0.14
CA HIS A 67 3.87 13.27 1.21
C HIS A 67 3.60 14.80 1.14
N PRO A 68 2.66 15.30 1.95
CA PRO A 68 2.32 16.73 1.96
C PRO A 68 3.35 17.53 2.78
N GLU A 69 3.00 18.74 3.18
CA GLU A 69 3.95 19.59 4.00
C GLU A 69 5.09 20.08 3.10
N PHE A 70 5.18 21.36 2.89
CA PHE A 70 6.28 21.92 2.04
C PHE A 70 6.46 23.42 2.38
N ILE A 71 5.38 24.16 2.48
CA ILE A 71 5.47 25.62 2.83
C ILE A 71 4.38 25.92 3.87
N VAL A 72 4.66 26.81 4.80
CA VAL A 72 3.63 27.15 5.84
C VAL A 72 3.07 28.55 5.56
N THR A 73 1.90 28.84 6.09
CA THR A 73 1.28 30.17 5.87
C THR A 73 1.55 31.08 7.07
N ASP A 74 1.50 30.53 8.26
CA ASP A 74 1.76 31.35 9.48
C ASP A 74 2.48 30.50 10.53
N SER B 1 -18.61 4.01 -6.55
CA SER B 1 -18.76 2.64 -5.98
C SER B 1 -18.81 1.61 -7.13
N PRO B 2 -17.64 1.15 -7.58
CA PRO B 2 -17.57 0.17 -8.67
C PRO B 2 -17.89 -1.24 -8.14
N LEU B 3 -17.55 -2.26 -8.89
CA LEU B 3 -17.83 -3.66 -8.41
C LEU B 3 -16.51 -4.34 -8.06
N LEU B 4 -16.47 -5.00 -6.93
CA LEU B 4 -15.20 -5.70 -6.50
C LEU B 4 -15.58 -7.13 -5.98
N PRO B 5 -15.00 -8.20 -6.57
CA PRO B 5 -15.31 -9.58 -6.17
C PRO B 5 -14.57 -10.02 -4.86
N LYS B 6 -13.40 -10.64 -4.96
CA LYS B 6 -12.65 -11.08 -3.71
C LYS B 6 -11.16 -11.15 -4.01
N LEU B 7 -10.31 -11.29 -2.98
CA LEU B 7 -8.83 -11.33 -3.27
C LEU B 7 -8.14 -12.68 -2.87
N PRO B 8 -8.70 -13.82 -3.27
CA PRO B 8 -8.07 -15.13 -3.02
C PRO B 8 -7.04 -15.33 -4.15
N PRO B 9 -6.43 -16.52 -4.27
CA PRO B 9 -5.50 -16.77 -5.37
C PRO B 9 -6.30 -17.14 -6.64
N LYS B 10 -7.13 -16.23 -7.14
CA LYS B 10 -7.96 -16.50 -8.34
C LYS B 10 -8.74 -15.22 -8.72
N THR B 11 -9.44 -14.63 -7.77
CA THR B 11 -10.22 -13.37 -8.07
C THR B 11 -9.29 -12.15 -7.85
N TYR B 12 -9.80 -10.95 -7.50
CA TYR B 12 -8.85 -9.78 -7.34
C TYR B 12 -9.20 -8.79 -6.18
N LYS B 13 -10.45 -8.61 -5.75
CA LYS B 13 -10.71 -7.58 -4.66
C LYS B 13 -11.59 -8.10 -3.46
N ARG B 14 -12.83 -7.62 -3.29
CA ARG B 14 -13.66 -8.06 -2.11
C ARG B 14 -15.04 -7.41 -2.14
N GLU B 15 -15.92 -7.81 -1.23
CA GLU B 15 -17.30 -7.22 -1.19
C GLU B 15 -18.03 -7.56 -2.50
N GLY A 1 27.62 4.40 -6.12
CA GLY A 1 27.36 3.40 -4.97
C GLY A 1 25.99 2.97 -4.67
N SER A 2 25.71 2.67 -3.42
CA SER A 2 24.33 2.22 -3.06
C SER A 2 23.58 3.38 -2.40
N ARG A 3 22.37 3.15 -1.95
CA ARG A 3 21.57 4.22 -1.30
C ARG A 3 21.71 4.10 0.23
N ARG A 4 22.87 4.37 0.75
CA ARG A 4 23.08 4.26 2.23
C ARG A 4 22.41 5.45 2.92
N ALA A 5 22.35 6.58 2.26
CA ALA A 5 21.72 7.79 2.87
C ALA A 5 20.53 8.23 2.02
N SER A 6 19.94 9.36 2.33
CA SER A 6 18.78 9.86 1.54
C SER A 6 17.63 8.86 1.63
N VAL A 7 17.50 8.19 2.75
CA VAL A 7 16.39 7.20 2.92
C VAL A 7 15.08 7.95 3.15
N GLY A 8 13.96 7.29 2.95
CA GLY A 8 12.64 7.96 3.16
C GLY A 8 11.54 7.14 2.51
N SER A 9 10.44 6.97 3.20
CA SER A 9 9.31 6.18 2.63
C SER A 9 8.27 7.12 2.04
N MET A 10 7.37 6.60 1.25
CA MET A 10 6.31 7.44 0.64
C MET A 10 4.96 7.03 1.18
N GLU A 11 3.91 7.59 0.66
CA GLU A 11 2.59 7.23 1.11
C GLU A 11 1.84 6.70 -0.08
N ALA A 12 0.69 6.18 0.12
CA ALA A 12 -0.09 5.65 -1.02
C ALA A 12 -1.57 5.62 -0.69
N ILE A 13 -2.34 6.34 -1.44
CA ILE A 13 -3.80 6.42 -1.21
C ILE A 13 -4.48 5.09 -1.40
N ALA A 14 -5.08 4.62 -0.35
CA ALA A 14 -5.86 3.34 -0.46
C ALA A 14 -7.14 3.67 -1.25
N LYS A 15 -7.20 3.26 -2.49
CA LYS A 15 -8.39 3.58 -3.33
C LYS A 15 -9.66 2.96 -2.74
N TYR A 16 -9.55 1.88 -2.01
CA TYR A 16 -10.78 1.22 -1.44
C TYR A 16 -10.44 0.51 -0.15
N ASP A 17 -11.39 -0.21 0.37
CA ASP A 17 -11.18 -0.93 1.65
C ASP A 17 -10.57 -2.32 1.40
N PHE A 18 -10.16 -2.98 2.45
CA PHE A 18 -9.54 -4.34 2.33
C PHE A 18 -9.02 -4.78 3.71
N LYS A 19 -8.53 -5.99 3.81
CA LYS A 19 -8.02 -6.49 5.13
C LYS A 19 -6.80 -7.36 4.92
N ALA A 20 -6.08 -7.63 5.97
CA ALA A 20 -4.87 -8.47 5.86
C ALA A 20 -5.29 -9.91 5.54
N THR A 21 -4.64 -10.54 4.61
CA THR A 21 -5.01 -11.95 4.25
C THR A 21 -3.83 -12.88 4.57
N ALA A 22 -3.17 -12.63 5.67
CA ALA A 22 -2.00 -13.48 6.06
C ALA A 22 -1.42 -12.97 7.34
N ASP A 23 -0.47 -13.69 7.85
CA ASP A 23 0.19 -13.29 9.12
C ASP A 23 1.17 -12.15 8.87
N ASP A 24 1.37 -11.76 7.62
CA ASP A 24 2.29 -10.66 7.32
C ASP A 24 1.64 -9.70 6.32
N GLU A 25 0.33 -9.63 6.33
CA GLU A 25 -0.37 -8.72 5.39
C GLU A 25 -0.85 -7.50 6.17
N LEU A 26 -1.41 -6.53 5.49
CA LEU A 26 -1.86 -5.30 6.20
C LEU A 26 -3.31 -4.96 5.83
N SER A 27 -4.06 -4.48 6.79
CA SER A 27 -5.47 -4.13 6.56
C SER A 27 -5.62 -2.62 6.37
N PHE A 28 -6.74 -2.19 5.85
CA PHE A 28 -6.96 -0.72 5.65
C PHE A 28 -8.36 -0.51 5.07
N LYS A 29 -8.83 0.72 5.04
CA LYS A 29 -10.19 0.99 4.50
C LYS A 29 -10.11 1.95 3.33
N ARG A 30 -11.23 2.26 2.73
CA ARG A 30 -11.26 3.20 1.59
C ARG A 30 -10.93 4.61 2.08
N GLY A 31 -9.80 5.14 1.70
CA GLY A 31 -9.41 6.50 2.16
C GLY A 31 -8.30 6.41 3.22
N ASP A 32 -7.80 5.22 3.49
CA ASP A 32 -6.76 5.05 4.49
C ASP A 32 -5.42 5.03 3.77
N ILE A 33 -4.79 6.16 3.62
CA ILE A 33 -3.48 6.19 2.92
C ILE A 33 -2.45 5.50 3.80
N LEU A 34 -1.80 4.53 3.25
CA LEU A 34 -0.81 3.72 4.02
C LEU A 34 0.59 4.32 3.87
N LYS A 35 1.53 3.90 4.71
CA LYS A 35 2.94 4.45 4.61
C LYS A 35 3.85 3.40 3.99
N VAL A 36 4.13 3.50 2.72
CA VAL A 36 5.00 2.48 2.06
C VAL A 36 6.38 2.45 2.72
N LEU A 37 6.64 1.41 3.48
CA LEU A 37 7.95 1.27 4.15
C LEU A 37 8.90 0.59 3.17
N ASN A 38 8.36 -0.28 2.34
CA ASN A 38 9.23 -1.00 1.37
C ASN A 38 8.39 -1.54 0.22
N GLU A 39 9.03 -1.90 -0.86
CA GLU A 39 8.30 -2.46 -2.03
C GLU A 39 9.08 -3.64 -2.60
N GLU A 40 9.23 -4.68 -1.82
CA GLU A 40 9.97 -5.89 -2.31
C GLU A 40 9.31 -6.41 -3.58
N CYS A 41 9.91 -7.38 -4.23
CA CYS A 41 9.30 -7.92 -5.48
C CYS A 41 7.89 -8.44 -5.22
N ASP A 42 7.05 -8.35 -6.20
CA ASP A 42 5.67 -8.81 -6.07
C ASP A 42 4.96 -8.62 -7.39
N GLN A 43 3.75 -9.10 -7.51
CA GLN A 43 3.04 -8.96 -8.79
C GLN A 43 2.24 -7.65 -8.81
N ASN A 44 1.77 -7.26 -7.68
CA ASN A 44 0.94 -5.99 -7.59
C ASN A 44 0.70 -5.60 -6.11
N TRP A 45 1.58 -5.95 -5.22
CA TRP A 45 1.38 -5.59 -3.76
C TRP A 45 2.70 -5.00 -3.18
N TYR A 46 2.59 -3.95 -2.40
CA TYR A 46 3.80 -3.29 -1.78
C TYR A 46 3.88 -3.70 -0.27
N LYS A 47 4.56 -2.89 0.55
CA LYS A 47 4.65 -3.12 2.01
C LYS A 47 4.47 -1.74 2.66
N ALA A 48 3.66 -1.61 3.68
CA ALA A 48 3.44 -0.25 4.27
C ALA A 48 2.92 -0.32 5.66
N GLU A 49 2.56 0.81 6.20
CA GLU A 49 2.12 0.82 7.58
C GLU A 49 1.11 1.93 7.87
N LEU A 50 0.07 1.56 8.51
CA LEU A 50 -0.99 2.53 8.90
C LEU A 50 -0.88 2.92 10.33
N ASN A 51 -0.28 4.03 10.53
CA ASN A 51 -0.12 4.62 11.88
C ASN A 51 0.26 3.59 12.98
N GLY A 52 0.84 2.48 12.63
CA GLY A 52 1.22 1.48 13.68
C GLY A 52 1.20 0.07 13.08
N LYS A 53 0.23 -0.23 12.24
CA LYS A 53 0.16 -1.55 11.65
C LYS A 53 0.98 -1.53 10.40
N ASP A 54 1.18 -2.66 9.83
CA ASP A 54 1.98 -2.74 8.62
C ASP A 54 1.86 -4.11 7.93
N GLY A 55 2.52 -4.26 6.79
CA GLY A 55 2.49 -5.55 6.05
C GLY A 55 2.20 -5.33 4.57
N PHE A 56 2.24 -6.38 3.79
CA PHE A 56 1.99 -6.25 2.31
C PHE A 56 0.59 -5.72 2.03
N ILE A 57 0.41 -4.99 0.94
CA ILE A 57 -0.94 -4.46 0.59
C ILE A 57 -1.12 -4.52 -0.94
N PRO A 58 -2.30 -4.91 -1.41
CA PRO A 58 -2.56 -4.96 -2.85
C PRO A 58 -2.64 -3.57 -3.45
N LYS A 59 -1.63 -3.19 -4.16
CA LYS A 59 -1.56 -1.85 -4.83
C LYS A 59 -2.84 -1.60 -5.70
N ASN A 60 -3.58 -2.63 -6.07
CA ASN A 60 -4.81 -2.43 -6.86
C ASN A 60 -5.80 -1.56 -6.07
N TYR A 61 -5.78 -1.71 -4.78
CA TYR A 61 -6.65 -0.90 -3.88
C TYR A 61 -5.81 0.27 -3.38
N ILE A 62 -4.90 0.74 -4.20
CA ILE A 62 -4.02 1.83 -3.73
C ILE A 62 -3.43 2.62 -4.90
N GLU A 63 -2.74 3.68 -4.56
CA GLU A 63 -2.04 4.49 -5.54
C GLU A 63 -0.83 5.09 -4.82
N MET A 64 0.18 5.44 -5.54
CA MET A 64 1.44 5.97 -4.88
C MET A 64 1.47 7.49 -4.84
N LYS A 65 1.32 8.06 -3.67
CA LYS A 65 1.37 9.51 -3.53
C LYS A 65 2.71 9.96 -2.92
N PRO A 66 3.20 11.11 -3.42
CA PRO A 66 4.45 11.67 -2.97
C PRO A 66 4.29 12.41 -1.63
N HIS A 67 5.29 13.19 -1.27
CA HIS A 67 5.22 13.97 -0.01
C HIS A 67 5.56 15.45 -0.34
N PRO A 68 4.58 16.18 -0.88
CA PRO A 68 4.80 17.59 -1.25
C PRO A 68 4.83 18.49 -0.01
N GLU A 69 5.84 19.31 0.11
CA GLU A 69 5.95 20.23 1.27
C GLU A 69 7.23 21.08 1.12
N PHE A 70 7.25 21.93 0.12
CA PHE A 70 8.46 22.80 -0.09
C PHE A 70 8.58 23.79 1.05
N ILE A 71 9.64 24.56 1.06
CA ILE A 71 9.84 25.56 2.16
C ILE A 71 9.68 26.99 1.60
N VAL A 72 8.93 27.13 0.52
CA VAL A 72 8.72 28.48 -0.06
C VAL A 72 7.31 28.57 -0.66
N THR A 73 6.73 29.74 -0.66
CA THR A 73 5.34 29.89 -1.23
C THR A 73 5.43 30.34 -2.68
N ASP A 74 4.36 30.19 -3.43
CA ASP A 74 4.37 30.61 -4.87
C ASP A 74 5.43 29.82 -5.63
N SER B 1 -16.31 2.84 -6.80
CA SER B 1 -17.64 2.34 -7.24
C SER B 1 -18.16 1.29 -6.24
N PRO B 2 -19.46 0.97 -6.31
CA PRO B 2 -20.06 -0.01 -5.40
C PRO B 2 -19.71 -1.44 -5.87
N LEU B 3 -20.37 -2.44 -5.29
CA LEU B 3 -20.10 -3.91 -5.66
C LEU B 3 -18.63 -4.15 -6.00
N LEU B 4 -17.73 -3.56 -5.26
CA LEU B 4 -16.28 -3.73 -5.51
C LEU B 4 -15.82 -5.16 -5.10
N PRO B 5 -15.40 -5.99 -6.07
CA PRO B 5 -14.94 -7.36 -5.76
C PRO B 5 -13.50 -7.30 -5.25
N LYS B 6 -12.89 -8.44 -5.03
CA LYS B 6 -11.47 -8.45 -4.50
C LYS B 6 -10.53 -9.07 -5.52
N LEU B 7 -9.56 -8.31 -6.00
CA LEU B 7 -8.58 -8.84 -7.00
C LEU B 7 -9.37 -9.49 -8.18
N PRO B 8 -10.17 -8.68 -8.89
CA PRO B 8 -11.01 -9.17 -10.01
C PRO B 8 -10.18 -9.34 -11.33
N PRO B 9 -10.00 -10.59 -11.78
CA PRO B 9 -9.26 -10.87 -13.03
C PRO B 9 -10.22 -10.71 -14.22
N LYS B 10 -9.86 -9.93 -15.21
CA LYS B 10 -10.77 -9.75 -16.40
C LYS B 10 -9.95 -9.47 -17.66
N THR B 11 -9.75 -10.46 -18.50
CA THR B 11 -8.96 -10.25 -19.76
C THR B 11 -8.86 -11.56 -20.53
N TYR B 12 -9.75 -11.77 -21.49
CA TYR B 12 -9.69 -13.03 -22.30
C TYR B 12 -8.49 -12.96 -23.24
N LYS B 13 -8.46 -13.77 -24.28
CA LYS B 13 -7.29 -13.72 -25.22
C LYS B 13 -7.70 -14.28 -26.59
N ARG B 14 -8.47 -15.34 -26.63
CA ARG B 14 -8.89 -15.94 -27.95
C ARG B 14 -9.62 -14.89 -28.79
N GLU B 15 -8.95 -14.33 -29.79
CA GLU B 15 -9.60 -13.30 -30.66
C GLU B 15 -10.05 -12.11 -29.81
N GLY A 1 24.08 2.26 -3.77
CA GLY A 1 24.48 3.72 -4.16
C GLY A 1 25.17 4.57 -3.20
N SER A 2 24.98 5.87 -3.29
CA SER A 2 25.65 6.80 -2.34
C SER A 2 24.62 7.32 -1.32
N ARG A 3 24.10 6.43 -0.51
CA ARG A 3 23.09 6.87 0.52
C ARG A 3 22.69 5.66 1.37
N ARG A 4 23.01 5.70 2.65
CA ARG A 4 22.66 4.56 3.55
C ARG A 4 21.58 5.02 4.55
N ALA A 5 21.65 6.25 4.97
CA ALA A 5 20.65 6.77 5.95
C ALA A 5 19.63 7.67 5.22
N SER A 6 18.98 8.56 5.92
CA SER A 6 17.97 9.48 5.27
C SER A 6 16.75 8.66 4.83
N VAL A 7 15.83 8.42 5.74
CA VAL A 7 14.62 7.64 5.38
C VAL A 7 13.80 8.42 4.35
N GLY A 8 13.20 7.74 3.40
CA GLY A 8 12.40 8.45 2.36
C GLY A 8 11.24 7.56 1.91
N SER A 9 10.35 7.22 2.81
CA SER A 9 9.19 6.36 2.43
C SER A 9 8.07 7.24 1.89
N MET A 10 7.30 6.74 0.96
CA MET A 10 6.18 7.54 0.39
C MET A 10 4.88 7.03 0.95
N GLU A 11 3.79 7.55 0.47
CA GLU A 11 2.49 7.10 0.96
C GLU A 11 1.70 6.63 -0.24
N ALA A 12 0.55 6.13 0.00
CA ALA A 12 -0.29 5.64 -1.11
C ALA A 12 -1.75 5.58 -0.67
N ILE A 13 -2.58 6.31 -1.35
CA ILE A 13 -4.02 6.37 -1.01
C ILE A 13 -4.69 5.03 -1.17
N ALA A 14 -5.27 4.56 -0.11
CA ALA A 14 -6.04 3.27 -0.20
C ALA A 14 -7.30 3.56 -1.02
N LYS A 15 -7.25 3.31 -2.30
CA LYS A 15 -8.42 3.58 -3.20
C LYS A 15 -9.71 2.97 -2.65
N TYR A 16 -9.60 1.89 -1.90
CA TYR A 16 -10.84 1.24 -1.35
C TYR A 16 -10.54 0.55 -0.04
N ASP A 17 -11.48 -0.19 0.45
CA ASP A 17 -11.30 -0.90 1.73
C ASP A 17 -10.77 -2.33 1.49
N PHE A 18 -10.31 -2.98 2.53
CA PHE A 18 -9.77 -4.37 2.40
C PHE A 18 -9.12 -4.77 3.74
N LYS A 19 -8.66 -5.98 3.85
CA LYS A 19 -8.01 -6.44 5.12
C LYS A 19 -6.73 -7.18 4.81
N ALA A 20 -6.04 -7.61 5.82
CA ALA A 20 -4.79 -8.34 5.60
C ALA A 20 -5.13 -9.75 5.13
N THR A 21 -4.42 -10.26 4.14
CA THR A 21 -4.73 -11.64 3.64
C THR A 21 -3.51 -12.55 3.85
N ALA A 22 -2.88 -12.43 5.00
CA ALA A 22 -1.69 -13.28 5.30
C ALA A 22 -1.16 -12.95 6.67
N ASP A 23 -0.14 -13.65 7.06
CA ASP A 23 0.46 -13.42 8.39
C ASP A 23 1.40 -12.20 8.35
N ASP A 24 1.53 -11.56 7.21
CA ASP A 24 2.40 -10.39 7.11
C ASP A 24 1.75 -9.39 6.15
N GLU A 25 0.43 -9.34 6.14
CA GLU A 25 -0.26 -8.41 5.22
C GLU A 25 -0.82 -7.24 6.02
N LEU A 26 -1.45 -6.30 5.36
CA LEU A 26 -1.99 -5.10 6.07
C LEU A 26 -3.50 -4.97 5.88
N SER A 27 -4.17 -4.46 6.89
CA SER A 27 -5.63 -4.25 6.82
C SER A 27 -5.89 -2.74 6.77
N PHE A 28 -6.74 -2.28 5.89
CA PHE A 28 -7.01 -0.82 5.81
C PHE A 28 -8.42 -0.57 5.26
N LYS A 29 -8.87 0.65 5.30
CA LYS A 29 -10.23 0.99 4.79
C LYS A 29 -10.10 1.92 3.61
N ARG A 30 -11.22 2.30 3.04
CA ARG A 30 -11.20 3.23 1.88
C ARG A 30 -10.84 4.62 2.37
N GLY A 31 -9.68 5.10 2.03
CA GLY A 31 -9.24 6.45 2.47
C GLY A 31 -8.07 6.34 3.47
N ASP A 32 -7.70 5.12 3.85
CA ASP A 32 -6.61 4.93 4.77
C ASP A 32 -5.31 4.93 3.99
N ILE A 33 -4.72 6.07 3.79
CA ILE A 33 -3.46 6.12 3.03
C ILE A 33 -2.36 5.45 3.84
N LEU A 34 -1.76 4.45 3.27
CA LEU A 34 -0.70 3.67 3.97
C LEU A 34 0.68 4.29 3.75
N LYS A 35 1.66 3.83 4.49
CA LYS A 35 3.06 4.39 4.32
C LYS A 35 3.98 3.32 3.75
N VAL A 36 4.31 3.40 2.49
CA VAL A 36 5.19 2.35 1.88
C VAL A 36 6.54 2.32 2.59
N LEU A 37 6.78 1.27 3.33
CA LEU A 37 8.08 1.13 4.06
C LEU A 37 9.06 0.40 3.17
N ASN A 38 8.57 -0.49 2.32
CA ASN A 38 9.53 -1.27 1.46
C ASN A 38 8.89 -1.77 0.16
N GLU A 39 9.74 -2.01 -0.81
CA GLU A 39 9.30 -2.53 -2.13
C GLU A 39 9.63 -4.02 -2.19
N GLU A 40 9.85 -4.54 -3.36
CA GLU A 40 10.17 -6.00 -3.53
C GLU A 40 8.97 -6.84 -3.15
N CYS A 41 9.14 -8.14 -3.10
CA CYS A 41 7.99 -9.05 -2.78
C CYS A 41 7.08 -9.10 -4.00
N ASP A 42 5.85 -9.51 -3.81
CA ASP A 42 4.86 -9.60 -4.95
C ASP A 42 5.04 -8.48 -5.95
N GLN A 43 4.69 -8.72 -7.18
CA GLN A 43 4.86 -7.67 -8.21
C GLN A 43 3.59 -6.81 -8.30
N ASN A 44 2.72 -6.88 -7.33
CA ASN A 44 1.47 -6.07 -7.38
C ASN A 44 1.03 -5.58 -6.00
N TRP A 45 1.75 -5.89 -4.96
CA TRP A 45 1.35 -5.41 -3.59
C TRP A 45 2.57 -4.68 -2.95
N TYR A 46 2.34 -3.61 -2.22
CA TYR A 46 3.48 -2.85 -1.59
C TYR A 46 3.56 -3.13 -0.09
N LYS A 47 4.74 -3.08 0.48
CA LYS A 47 4.87 -3.25 1.95
C LYS A 47 4.66 -1.86 2.55
N ALA A 48 3.87 -1.73 3.58
CA ALA A 48 3.60 -0.35 4.14
C ALA A 48 3.05 -0.41 5.51
N GLU A 49 2.65 0.72 6.01
CA GLU A 49 2.15 0.75 7.40
C GLU A 49 1.18 1.90 7.64
N LEU A 50 0.11 1.57 8.25
CA LEU A 50 -0.93 2.58 8.60
C LEU A 50 -0.86 2.99 10.02
N ASN A 51 -0.21 4.08 10.23
CA ASN A 51 -0.09 4.67 11.58
C ASN A 51 0.18 3.63 12.70
N GLY A 52 0.71 2.49 12.40
CA GLY A 52 0.98 1.48 13.46
C GLY A 52 0.93 0.07 12.88
N LYS A 53 0.01 -0.19 11.97
CA LYS A 53 -0.08 -1.51 11.36
C LYS A 53 0.84 -1.52 10.20
N ASP A 54 1.06 -2.67 9.67
CA ASP A 54 1.96 -2.78 8.54
C ASP A 54 1.76 -4.10 7.77
N GLY A 55 2.52 -4.28 6.71
CA GLY A 55 2.42 -5.52 5.91
C GLY A 55 2.14 -5.17 4.44
N PHE A 56 2.21 -6.16 3.58
CA PHE A 56 1.97 -5.92 2.13
C PHE A 56 0.54 -5.46 1.90
N ILE A 57 0.26 -4.87 0.76
CA ILE A 57 -1.13 -4.42 0.46
C ILE A 57 -1.36 -4.52 -1.05
N PRO A 58 -2.53 -4.98 -1.48
CA PRO A 58 -2.82 -5.08 -2.90
C PRO A 58 -2.89 -3.72 -3.54
N LYS A 59 -1.93 -3.43 -4.35
CA LYS A 59 -1.81 -2.13 -5.04
C LYS A 59 -3.08 -1.76 -5.84
N ASN A 60 -3.93 -2.72 -6.16
CA ASN A 60 -5.14 -2.42 -6.93
C ASN A 60 -6.06 -1.51 -6.11
N TYR A 61 -6.00 -1.63 -4.81
CA TYR A 61 -6.82 -0.77 -3.93
C TYR A 61 -5.93 0.33 -3.41
N ILE A 62 -4.96 0.74 -4.20
CA ILE A 62 -4.04 1.78 -3.74
C ILE A 62 -3.55 2.64 -4.90
N GLU A 63 -3.10 3.81 -4.56
CA GLU A 63 -2.49 4.70 -5.54
C GLU A 63 -1.26 5.26 -4.84
N MET A 64 -0.27 5.65 -5.58
CA MET A 64 1.00 6.14 -4.94
C MET A 64 1.09 7.65 -4.88
N LYS A 65 1.01 8.21 -3.69
CA LYS A 65 1.11 9.64 -3.54
C LYS A 65 2.48 10.04 -2.97
N PRO A 66 2.96 11.21 -3.39
CA PRO A 66 4.24 11.72 -2.95
C PRO A 66 4.16 12.33 -1.55
N HIS A 67 5.18 13.07 -1.17
CA HIS A 67 5.18 13.72 0.17
C HIS A 67 6.03 15.02 0.08
N PRO A 68 5.42 16.18 0.37
CA PRO A 68 6.14 17.45 0.31
C PRO A 68 7.05 17.64 1.53
N GLU A 69 7.73 18.75 1.61
CA GLU A 69 8.64 19.00 2.78
C GLU A 69 7.89 19.80 3.85
N PHE A 70 7.25 20.88 3.46
CA PHE A 70 6.50 21.70 4.44
C PHE A 70 5.49 22.59 3.71
N ILE A 71 4.57 21.99 2.98
CA ILE A 71 3.55 22.78 2.23
C ILE A 71 4.23 23.69 1.22
N VAL A 72 4.15 23.37 -0.05
CA VAL A 72 4.80 24.22 -1.09
C VAL A 72 3.85 25.35 -1.49
N THR A 73 2.71 25.00 -2.06
CA THR A 73 1.73 26.05 -2.47
C THR A 73 0.42 25.85 -1.71
N ASP A 74 -0.50 26.77 -1.85
CA ASP A 74 -1.81 26.65 -1.13
C ASP A 74 -2.63 25.53 -1.77
N SER B 1 -24.36 0.50 -6.25
CA SER B 1 -23.62 1.44 -5.37
C SER B 1 -22.21 0.87 -5.01
N PRO B 2 -22.15 -0.38 -4.54
CA PRO B 2 -20.86 -0.99 -4.18
C PRO B 2 -20.11 -1.47 -5.43
N LEU B 3 -18.92 -0.96 -5.64
CA LEU B 3 -18.12 -1.37 -6.84
C LEU B 3 -16.75 -1.86 -6.39
N LEU B 4 -16.71 -2.89 -5.59
CA LEU B 4 -15.39 -3.42 -5.10
C LEU B 4 -15.14 -4.83 -5.71
N PRO B 5 -13.95 -5.06 -6.28
CA PRO B 5 -13.61 -6.36 -6.88
C PRO B 5 -13.22 -7.35 -5.77
N LYS B 6 -12.56 -8.43 -6.11
CA LYS B 6 -12.15 -9.42 -5.07
C LYS B 6 -10.69 -9.85 -5.27
N LEU B 7 -9.88 -8.99 -5.84
CA LEU B 7 -8.44 -9.34 -6.06
C LEU B 7 -8.34 -10.62 -6.94
N PRO B 8 -8.18 -10.45 -8.26
CA PRO B 8 -8.08 -11.59 -9.17
C PRO B 8 -6.74 -12.41 -9.05
N PRO B 9 -5.59 -11.79 -8.72
CA PRO B 9 -4.34 -12.55 -8.61
C PRO B 9 -4.30 -13.33 -7.28
N LYS B 10 -4.21 -14.63 -7.36
CA LYS B 10 -4.17 -15.46 -6.12
C LYS B 10 -2.81 -16.17 -6.00
N THR B 11 -2.05 -16.25 -7.08
CA THR B 11 -0.70 -16.93 -7.04
C THR B 11 -0.88 -18.41 -6.67
N TYR B 12 0.04 -19.24 -7.07
CA TYR B 12 -0.06 -20.69 -6.76
C TYR B 12 1.19 -21.42 -7.28
N LYS B 13 2.35 -20.81 -7.10
CA LYS B 13 3.61 -21.45 -7.58
C LYS B 13 4.30 -22.16 -6.41
N ARG B 14 5.22 -23.04 -6.71
CA ARG B 14 5.93 -23.77 -5.62
C ARG B 14 7.15 -22.95 -5.17
N GLU B 15 6.99 -22.15 -4.15
CA GLU B 15 8.13 -21.33 -3.66
C GLU B 15 8.47 -21.73 -2.21
N GLY A 1 19.86 3.91 -8.78
CA GLY A 1 19.13 2.85 -7.90
C GLY A 1 19.75 2.40 -6.65
N SER A 2 20.35 3.29 -5.90
CA SER A 2 21.00 2.88 -4.62
C SER A 2 20.45 3.74 -3.48
N ARG A 3 20.83 3.44 -2.26
CA ARG A 3 20.34 4.23 -1.09
C ARG A 3 21.51 4.56 -0.17
N ARG A 4 22.25 5.60 -0.48
CA ARG A 4 23.40 5.99 0.38
C ARG A 4 23.26 7.45 0.80
N ALA A 5 22.05 7.93 0.90
CA ALA A 5 21.84 9.36 1.31
C ALA A 5 21.05 9.40 2.62
N SER A 6 19.80 9.04 2.59
CA SER A 6 18.97 9.06 3.83
C SER A 6 17.66 8.32 3.59
N VAL A 7 16.85 8.18 4.61
CA VAL A 7 15.54 7.47 4.46
C VAL A 7 14.56 8.36 3.70
N GLY A 8 13.32 7.96 3.61
CA GLY A 8 12.31 8.78 2.88
C GLY A 8 11.22 7.88 2.30
N SER A 9 10.32 7.40 3.13
CA SER A 9 9.23 6.51 2.62
C SER A 9 8.12 7.37 2.04
N MET A 10 7.36 6.82 1.12
CA MET A 10 6.24 7.59 0.51
C MET A 10 4.94 7.04 1.01
N GLU A 11 3.83 7.50 0.47
CA GLU A 11 2.54 7.00 0.92
C GLU A 11 1.79 6.46 -0.26
N ALA A 12 0.64 5.95 -0.01
CA ALA A 12 -0.19 5.41 -1.10
C ALA A 12 -1.65 5.37 -0.66
N ILE A 13 -2.46 6.13 -1.33
CA ILE A 13 -3.90 6.21 -0.97
C ILE A 13 -4.61 4.89 -1.13
N ALA A 14 -5.21 4.46 -0.06
CA ALA A 14 -6.02 3.21 -0.13
C ALA A 14 -7.25 3.53 -0.98
N LYS A 15 -7.19 3.23 -2.24
CA LYS A 15 -8.33 3.55 -3.16
C LYS A 15 -9.66 3.03 -2.62
N TYR A 16 -9.64 1.94 -1.90
CA TYR A 16 -10.94 1.37 -1.38
C TYR A 16 -10.69 0.60 -0.10
N ASP A 17 -11.70 -0.05 0.37
CA ASP A 17 -11.60 -0.82 1.63
C ASP A 17 -10.98 -2.21 1.36
N PHE A 18 -10.52 -2.85 2.41
CA PHE A 18 -9.90 -4.19 2.27
C PHE A 18 -9.36 -4.64 3.63
N LYS A 19 -8.81 -5.83 3.70
CA LYS A 19 -8.25 -6.33 4.99
C LYS A 19 -6.98 -7.12 4.75
N ALA A 20 -6.26 -7.41 5.79
CA ALA A 20 -5.01 -8.18 5.63
C ALA A 20 -5.40 -9.65 5.40
N THR A 21 -4.80 -10.30 4.44
CA THR A 21 -5.16 -11.74 4.18
C THR A 21 -3.96 -12.64 4.49
N ALA A 22 -3.32 -12.43 5.61
CA ALA A 22 -2.15 -13.27 5.99
C ALA A 22 -1.58 -12.78 7.30
N ASP A 23 -0.61 -13.47 7.80
CA ASP A 23 0.02 -13.09 9.06
C ASP A 23 1.00 -11.93 8.84
N ASP A 24 1.18 -11.49 7.61
CA ASP A 24 2.08 -10.37 7.34
C ASP A 24 1.43 -9.45 6.30
N GLU A 25 0.11 -9.39 6.28
CA GLU A 25 -0.57 -8.51 5.29
C GLU A 25 -1.06 -7.26 6.01
N LEU A 26 -1.65 -6.34 5.27
CA LEU A 26 -2.13 -5.07 5.92
C LEU A 26 -3.62 -4.83 5.68
N SER A 27 -4.34 -4.52 6.73
CA SER A 27 -5.75 -4.22 6.64
C SER A 27 -5.93 -2.72 6.51
N PHE A 28 -7.04 -2.27 5.95
CA PHE A 28 -7.26 -0.79 5.82
C PHE A 28 -8.63 -0.53 5.19
N LYS A 29 -9.08 0.70 5.21
CA LYS A 29 -10.40 1.04 4.62
C LYS A 29 -10.22 2.02 3.47
N ARG A 30 -11.30 2.44 2.88
CA ARG A 30 -11.23 3.40 1.76
C ARG A 30 -10.82 4.77 2.28
N GLY A 31 -9.60 5.16 2.02
CA GLY A 31 -9.12 6.49 2.51
C GLY A 31 -7.95 6.30 3.49
N ASP A 32 -7.64 5.07 3.85
CA ASP A 32 -6.55 4.80 4.77
C ASP A 32 -5.26 4.80 3.98
N ILE A 33 -4.65 5.93 3.81
CA ILE A 33 -3.38 5.98 3.03
C ILE A 33 -2.29 5.30 3.86
N LEU A 34 -1.66 4.34 3.28
CA LEU A 34 -0.61 3.56 3.99
C LEU A 34 0.77 4.19 3.76
N LYS A 35 1.76 3.74 4.49
CA LYS A 35 3.15 4.31 4.33
C LYS A 35 4.06 3.26 3.71
N VAL A 36 4.38 3.37 2.44
CA VAL A 36 5.25 2.35 1.79
C VAL A 36 6.62 2.31 2.48
N LEU A 37 6.87 1.25 3.21
CA LEU A 37 8.18 1.09 3.89
C LEU A 37 9.14 0.42 2.93
N ASN A 38 8.62 -0.43 2.07
CA ASN A 38 9.53 -1.14 1.11
C ASN A 38 8.76 -1.58 -0.15
N GLU A 39 9.37 -1.41 -1.30
CA GLU A 39 8.71 -1.83 -2.56
C GLU A 39 9.40 -3.12 -3.03
N GLU A 40 9.48 -4.07 -2.15
CA GLU A 40 10.13 -5.37 -2.49
C GLU A 40 9.05 -6.43 -2.66
N CYS A 41 9.46 -7.66 -2.81
CA CYS A 41 8.47 -8.78 -2.99
C CYS A 41 7.71 -8.56 -4.29
N ASP A 42 6.62 -9.25 -4.46
CA ASP A 42 5.79 -9.14 -5.70
C ASP A 42 5.69 -7.73 -6.20
N GLN A 43 5.47 -7.58 -7.48
CA GLN A 43 5.34 -6.25 -8.05
C GLN A 43 3.86 -5.86 -8.13
N ASN A 44 3.02 -6.52 -7.35
CA ASN A 44 1.56 -6.20 -7.37
C ASN A 44 1.11 -5.69 -6.02
N TRP A 45 1.75 -6.12 -4.97
CA TRP A 45 1.34 -5.63 -3.60
C TRP A 45 2.55 -4.88 -2.99
N TYR A 46 2.31 -3.79 -2.30
CA TYR A 46 3.45 -3.01 -1.68
C TYR A 46 3.58 -3.31 -0.19
N LYS A 47 4.76 -3.12 0.35
CA LYS A 47 4.93 -3.29 1.81
C LYS A 47 4.75 -1.90 2.42
N ALA A 48 3.94 -1.76 3.44
CA ALA A 48 3.70 -0.41 4.02
C ALA A 48 3.18 -0.49 5.41
N GLU A 49 2.80 0.63 5.95
CA GLU A 49 2.35 0.64 7.33
C GLU A 49 1.35 1.76 7.62
N LEU A 50 0.31 1.40 8.25
CA LEU A 50 -0.75 2.37 8.63
C LEU A 50 -0.64 2.78 10.06
N ASN A 51 -0.02 3.88 10.25
CA ASN A 51 0.13 4.48 11.60
C ASN A 51 0.50 3.46 12.70
N GLY A 52 1.06 2.34 12.36
CA GLY A 52 1.43 1.33 13.41
C GLY A 52 1.36 -0.08 12.84
N LYS A 53 0.42 -0.35 11.96
CA LYS A 53 0.33 -1.67 11.34
C LYS A 53 1.18 -1.68 10.14
N ASP A 54 1.36 -2.81 9.57
CA ASP A 54 2.20 -2.92 8.38
C ASP A 54 2.00 -4.25 7.64
N GLY A 55 2.70 -4.41 6.55
CA GLY A 55 2.61 -5.68 5.77
C GLY A 55 2.29 -5.39 4.29
N PHE A 56 2.15 -6.42 3.50
CA PHE A 56 1.86 -6.24 2.05
C PHE A 56 0.45 -5.73 1.82
N ILE A 57 0.21 -5.07 0.71
CA ILE A 57 -1.15 -4.57 0.41
C ILE A 57 -1.41 -4.71 -1.10
N PRO A 58 -2.56 -5.19 -1.51
CA PRO A 58 -2.86 -5.34 -2.93
C PRO A 58 -2.99 -3.97 -3.58
N LYS A 59 -2.03 -3.67 -4.40
CA LYS A 59 -1.99 -2.36 -5.10
C LYS A 59 -3.29 -2.02 -5.86
N ASN A 60 -4.15 -2.99 -6.11
CA ASN A 60 -5.41 -2.71 -6.82
C ASN A 60 -6.27 -1.75 -5.99
N TYR A 61 -6.20 -1.87 -4.70
CA TYR A 61 -6.96 -0.98 -3.80
C TYR A 61 -6.04 0.12 -3.33
N ILE A 62 -5.07 0.49 -4.14
CA ILE A 62 -4.12 1.52 -3.70
C ILE A 62 -3.61 2.35 -4.86
N GLU A 63 -3.08 3.48 -4.52
CA GLU A 63 -2.43 4.36 -5.48
C GLU A 63 -1.21 4.90 -4.74
N MET A 64 -0.19 5.25 -5.43
CA MET A 64 1.05 5.73 -4.72
C MET A 64 1.23 7.24 -4.79
N LYS A 65 1.12 7.89 -3.66
CA LYS A 65 1.30 9.33 -3.62
C LYS A 65 2.75 9.69 -3.25
N PRO A 66 3.24 10.77 -3.86
CA PRO A 66 4.60 11.23 -3.67
C PRO A 66 4.77 11.92 -2.30
N HIS A 67 6.00 12.19 -1.90
CA HIS A 67 6.22 12.85 -0.57
C HIS A 67 7.35 13.96 -0.60
N PRO A 68 7.45 14.79 -1.66
CA PRO A 68 8.46 15.86 -1.70
C PRO A 68 7.94 17.12 -0.97
N GLU A 69 7.31 16.98 0.16
CA GLU A 69 6.78 18.17 0.89
C GLU A 69 7.92 19.12 1.27
N PHE A 70 7.87 20.34 0.80
CA PHE A 70 8.93 21.33 1.13
C PHE A 70 8.33 22.43 2.02
N ILE A 71 9.07 23.45 2.35
CA ILE A 71 8.54 24.53 3.23
C ILE A 71 7.39 25.26 2.52
N VAL A 72 6.21 25.21 3.12
CA VAL A 72 5.02 25.90 2.51
C VAL A 72 4.74 25.32 1.12
N THR A 73 3.56 25.55 0.59
CA THR A 73 3.21 25.02 -0.76
C THR A 73 2.46 26.10 -1.54
N ASP A 74 3.17 26.89 -2.33
CA ASP A 74 2.51 27.98 -3.12
C ASP A 74 1.83 28.96 -2.17
N SER B 1 -24.19 -2.85 -12.43
CA SER B 1 -22.87 -2.18 -12.60
C SER B 1 -21.79 -2.92 -11.80
N PRO B 2 -20.53 -2.83 -12.23
CA PRO B 2 -19.43 -3.51 -11.54
C PRO B 2 -19.01 -2.69 -10.31
N LEU B 3 -18.90 -3.32 -9.16
CA LEU B 3 -18.52 -2.57 -7.93
C LEU B 3 -17.18 -3.08 -7.38
N LEU B 4 -16.10 -2.78 -8.06
CA LEU B 4 -14.74 -3.21 -7.58
C LEU B 4 -14.65 -4.75 -7.55
N PRO B 5 -13.43 -5.28 -7.72
CA PRO B 5 -13.21 -6.72 -7.66
C PRO B 5 -13.13 -7.14 -6.19
N LYS B 6 -12.57 -8.29 -5.89
CA LYS B 6 -12.48 -8.71 -4.46
C LYS B 6 -11.36 -9.74 -4.29
N LEU B 7 -10.35 -9.72 -5.14
CA LEU B 7 -9.25 -10.73 -5.01
C LEU B 7 -9.86 -12.15 -5.04
N PRO B 8 -9.99 -12.74 -6.24
CA PRO B 8 -10.60 -14.07 -6.40
C PRO B 8 -9.68 -15.22 -5.90
N PRO B 9 -10.08 -15.91 -4.81
CA PRO B 9 -9.30 -17.02 -4.27
C PRO B 9 -9.58 -18.30 -5.08
N LYS B 10 -9.26 -19.45 -4.54
CA LYS B 10 -9.52 -20.73 -5.28
C LYS B 10 -10.52 -21.59 -4.50
N THR B 11 -11.32 -22.38 -5.20
CA THR B 11 -12.34 -23.27 -4.53
C THR B 11 -13.20 -22.47 -3.55
N TYR B 12 -14.41 -22.13 -3.96
CA TYR B 12 -15.33 -21.36 -3.06
C TYR B 12 -16.00 -22.31 -2.07
N LYS B 13 -16.97 -23.07 -2.52
CA LYS B 13 -17.68 -24.02 -1.61
C LYS B 13 -16.83 -25.29 -1.43
N ARG B 14 -16.30 -25.48 -0.25
CA ARG B 14 -15.46 -26.69 0.01
C ARG B 14 -16.29 -27.74 0.76
N GLU B 15 -15.78 -28.94 0.87
CA GLU B 15 -16.54 -30.01 1.59
C GLU B 15 -15.60 -30.75 2.55
N GLY A 1 25.95 6.20 -7.71
CA GLY A 1 25.74 6.30 -6.16
C GLY A 1 24.43 6.03 -5.59
N SER A 2 23.98 6.84 -4.66
CA SER A 2 22.66 6.62 -4.03
C SER A 2 22.20 7.92 -3.35
N ARG A 3 20.98 7.94 -2.88
CA ARG A 3 20.46 9.17 -2.22
C ARG A 3 20.06 8.84 -0.77
N ARG A 4 21.02 8.87 0.14
CA ARG A 4 20.71 8.56 1.56
C ARG A 4 20.58 9.85 2.36
N ALA A 5 20.13 10.91 1.71
CA ALA A 5 19.98 12.21 2.43
C ALA A 5 18.52 12.41 2.84
N SER A 6 17.82 11.33 3.09
CA SER A 6 16.39 11.45 3.50
C SER A 6 15.94 10.14 4.17
N VAL A 7 15.69 10.18 5.46
CA VAL A 7 15.25 8.96 6.18
C VAL A 7 13.74 9.03 6.43
N GLY A 8 12.97 8.28 5.66
CA GLY A 8 11.49 8.31 5.85
C GLY A 8 10.84 7.24 4.97
N SER A 9 9.82 7.61 4.23
CA SER A 9 9.12 6.62 3.36
C SER A 9 8.05 7.34 2.54
N MET A 10 7.43 6.64 1.61
CA MET A 10 6.36 7.28 0.79
C MET A 10 5.01 6.75 1.23
N GLU A 11 3.96 7.17 0.58
CA GLU A 11 2.64 6.71 0.96
C GLU A 11 1.94 6.23 -0.29
N ALA A 12 0.78 5.72 -0.12
CA ALA A 12 0.00 5.23 -1.28
C ALA A 12 -1.48 5.23 -0.93
N ILE A 13 -2.23 6.05 -1.59
CA ILE A 13 -3.69 6.17 -1.33
C ILE A 13 -4.41 4.86 -1.49
N ALA A 14 -5.02 4.43 -0.43
CA ALA A 14 -5.86 3.19 -0.50
C ALA A 14 -7.12 3.56 -1.29
N LYS A 15 -7.26 3.06 -2.49
CA LYS A 15 -8.44 3.42 -3.33
C LYS A 15 -9.74 2.84 -2.75
N TYR A 16 -9.66 1.76 -2.01
CA TYR A 16 -10.92 1.13 -1.47
C TYR A 16 -10.65 0.45 -0.14
N ASP A 17 -11.65 -0.23 0.35
CA ASP A 17 -11.52 -0.94 1.65
C ASP A 17 -10.81 -2.28 1.43
N PHE A 18 -10.42 -2.90 2.50
CA PHE A 18 -9.72 -4.23 2.41
C PHE A 18 -9.20 -4.61 3.81
N LYS A 19 -8.67 -5.80 3.96
CA LYS A 19 -8.14 -6.23 5.29
C LYS A 19 -6.96 -7.15 5.14
N ALA A 20 -6.15 -7.20 6.15
CA ALA A 20 -4.95 -8.06 6.11
C ALA A 20 -5.41 -9.53 6.07
N THR A 21 -4.88 -10.32 5.19
CA THR A 21 -5.29 -11.75 5.10
C THR A 21 -4.17 -12.65 5.65
N ALA A 22 -2.98 -12.52 5.10
CA ALA A 22 -1.84 -13.35 5.58
C ALA A 22 -1.41 -12.89 6.94
N ASP A 23 -0.62 -13.68 7.57
CA ASP A 23 -0.12 -13.34 8.92
C ASP A 23 0.75 -12.09 8.87
N ASP A 24 1.18 -11.68 7.70
CA ASP A 24 2.02 -10.47 7.57
C ASP A 24 1.38 -9.52 6.56
N GLU A 25 0.06 -9.50 6.47
CA GLU A 25 -0.61 -8.60 5.51
C GLU A 25 -1.07 -7.35 6.26
N LEU A 26 -1.54 -6.35 5.56
CA LEU A 26 -1.98 -5.10 6.25
C LEU A 26 -3.45 -4.81 5.95
N SER A 27 -4.17 -4.33 6.94
CA SER A 27 -5.59 -4.01 6.77
C SER A 27 -5.76 -2.51 6.50
N PHE A 28 -6.84 -2.11 5.88
CA PHE A 28 -7.06 -0.66 5.61
C PHE A 28 -8.45 -0.44 5.01
N LYS A 29 -8.92 0.77 5.02
CA LYS A 29 -10.27 1.07 4.47
C LYS A 29 -10.16 1.96 3.24
N ARG A 30 -11.28 2.31 2.68
CA ARG A 30 -11.29 3.18 1.48
C ARG A 30 -10.89 4.59 1.88
N GLY A 31 -9.70 5.00 1.56
CA GLY A 31 -9.23 6.37 1.93
C GLY A 31 -8.13 6.28 3.00
N ASP A 32 -7.71 5.09 3.36
CA ASP A 32 -6.67 4.93 4.36
C ASP A 32 -5.35 4.77 3.64
N ILE A 33 -4.63 5.83 3.49
CA ILE A 33 -3.34 5.75 2.77
C ILE A 33 -2.35 4.96 3.62
N LEU A 34 -1.55 4.15 2.98
CA LEU A 34 -0.57 3.30 3.71
C LEU A 34 0.82 3.93 3.64
N LYS A 35 1.70 3.54 4.54
CA LYS A 35 3.10 4.12 4.50
C LYS A 35 4.06 3.07 3.94
N VAL A 36 4.39 3.15 2.68
CA VAL A 36 5.29 2.12 2.08
C VAL A 36 6.62 2.06 2.84
N LEU A 37 6.83 0.99 3.58
CA LEU A 37 8.08 0.80 4.34
C LEU A 37 9.08 0.12 3.42
N ASN A 38 8.61 -0.77 2.57
CA ASN A 38 9.55 -1.48 1.66
C ASN A 38 8.93 -1.71 0.28
N GLU A 39 9.67 -1.40 -0.74
CA GLU A 39 9.20 -1.59 -2.14
C GLU A 39 9.68 -2.95 -2.62
N GLU A 40 9.64 -3.17 -3.91
CA GLU A 40 10.08 -4.50 -4.50
C GLU A 40 9.02 -5.54 -4.23
N CYS A 41 9.34 -6.78 -4.45
CA CYS A 41 8.36 -7.90 -4.24
C CYS A 41 7.35 -7.89 -5.38
N ASP A 42 6.26 -8.60 -5.21
CA ASP A 42 5.19 -8.70 -6.25
C ASP A 42 4.98 -7.40 -6.99
N GLN A 43 4.45 -7.50 -8.18
CA GLN A 43 4.19 -6.27 -8.95
C GLN A 43 2.74 -5.82 -8.71
N ASN A 44 2.12 -6.31 -7.64
CA ASN A 44 0.73 -5.91 -7.34
C ASN A 44 0.52 -5.75 -5.83
N TRP A 45 1.58 -5.75 -5.06
CA TRP A 45 1.44 -5.56 -3.55
C TRP A 45 2.70 -4.80 -3.03
N TYR A 46 2.61 -4.19 -1.86
CA TYR A 46 3.78 -3.42 -1.30
C TYR A 46 3.80 -3.59 0.21
N LYS A 47 4.95 -3.49 0.83
CA LYS A 47 5.00 -3.55 2.32
C LYS A 47 4.73 -2.13 2.82
N ALA A 48 3.88 -1.96 3.80
CA ALA A 48 3.59 -0.56 4.28
C ALA A 48 2.99 -0.57 5.65
N GLU A 49 2.62 0.59 6.13
CA GLU A 49 2.14 0.66 7.51
C GLU A 49 1.11 1.79 7.73
N LEU A 50 0.09 1.43 8.42
CA LEU A 50 -0.99 2.41 8.78
C LEU A 50 -0.83 2.90 10.17
N ASN A 51 -0.22 4.02 10.28
CA ASN A 51 -0.02 4.69 11.59
C ASN A 51 0.37 3.71 12.74
N GLY A 52 0.92 2.58 12.45
CA GLY A 52 1.29 1.62 13.53
C GLY A 52 1.24 0.18 13.01
N LYS A 53 0.22 -0.17 12.24
CA LYS A 53 0.13 -1.51 11.70
C LYS A 53 0.97 -1.56 10.47
N ASP A 54 1.11 -2.71 9.93
CA ASP A 54 1.94 -2.86 8.74
C ASP A 54 1.70 -4.20 8.02
N GLY A 55 2.45 -4.42 6.96
CA GLY A 55 2.32 -5.69 6.19
C GLY A 55 2.06 -5.38 4.71
N PHE A 56 2.11 -6.40 3.87
CA PHE A 56 1.89 -6.20 2.41
C PHE A 56 0.52 -5.54 2.14
N ILE A 57 0.36 -4.96 0.96
CA ILE A 57 -0.92 -4.30 0.59
C ILE A 57 -1.08 -4.38 -0.94
N PRO A 58 -2.12 -5.05 -1.43
CA PRO A 58 -2.33 -5.18 -2.88
C PRO A 58 -2.56 -3.81 -3.51
N LYS A 59 -1.58 -3.33 -4.22
CA LYS A 59 -1.66 -2.00 -4.90
C LYS A 59 -2.99 -1.82 -5.69
N ASN A 60 -3.71 -2.88 -6.03
CA ASN A 60 -4.98 -2.73 -6.78
C ASN A 60 -5.96 -1.86 -5.99
N TYR A 61 -5.93 -1.99 -4.70
CA TYR A 61 -6.79 -1.16 -3.81
C TYR A 61 -5.94 0.00 -3.31
N ILE A 62 -5.05 0.47 -4.14
CA ILE A 62 -4.15 1.55 -3.71
C ILE A 62 -3.53 2.27 -4.91
N GLU A 63 -2.81 3.29 -4.63
CA GLU A 63 -2.07 4.07 -5.63
C GLU A 63 -0.88 4.67 -4.89
N MET A 64 0.19 4.92 -5.55
CA MET A 64 1.40 5.46 -4.81
C MET A 64 1.55 6.98 -4.94
N LYS A 65 1.43 7.66 -3.82
CA LYS A 65 1.58 9.11 -3.81
C LYS A 65 2.85 9.53 -3.06
N PRO A 66 3.37 10.70 -3.44
CA PRO A 66 4.57 11.24 -2.86
C PRO A 66 4.29 11.89 -1.50
N HIS A 67 5.23 12.67 -1.00
CA HIS A 67 5.02 13.35 0.32
C HIS A 67 3.89 14.40 0.18
N PRO A 68 3.33 14.83 1.31
CA PRO A 68 2.25 15.83 1.30
C PRO A 68 2.81 17.24 1.10
N GLU A 69 2.04 18.10 0.45
CA GLU A 69 2.48 19.52 0.18
C GLU A 69 3.95 19.60 -0.28
N PHE A 70 4.51 20.79 -0.28
CA PHE A 70 5.94 20.95 -0.72
C PHE A 70 6.42 22.36 -0.39
N ILE A 71 5.69 23.36 -0.81
CA ILE A 71 6.10 24.77 -0.52
C ILE A 71 5.05 25.43 0.41
N VAL A 72 5.51 26.31 1.27
CA VAL A 72 4.55 26.99 2.21
C VAL A 72 4.43 28.46 1.82
N THR A 73 3.24 29.01 1.89
CA THR A 73 3.05 30.44 1.50
C THR A 73 2.68 31.26 2.75
N ASP A 74 1.59 30.94 3.39
CA ASP A 74 1.18 31.71 4.60
C ASP A 74 1.00 30.75 5.77
N SER B 1 -15.54 3.13 -7.23
CA SER B 1 -15.96 2.52 -8.53
C SER B 1 -16.89 1.32 -8.26
N PRO B 2 -17.68 0.93 -9.27
CA PRO B 2 -18.61 -0.19 -9.13
C PRO B 2 -17.86 -1.52 -9.23
N LEU B 3 -18.37 -2.56 -8.62
CA LEU B 3 -17.69 -3.90 -8.68
C LEU B 3 -16.30 -3.79 -8.07
N LEU B 4 -16.12 -4.32 -6.87
CA LEU B 4 -14.79 -4.27 -6.21
C LEU B 4 -14.17 -5.68 -6.23
N PRO B 5 -13.20 -5.92 -7.13
CA PRO B 5 -12.55 -7.23 -7.22
C PRO B 5 -11.56 -7.40 -6.06
N LYS B 6 -11.89 -8.25 -5.12
CA LYS B 6 -11.00 -8.47 -3.95
C LYS B 6 -9.99 -9.59 -4.26
N LEU B 7 -9.26 -9.46 -5.34
CA LEU B 7 -8.25 -10.51 -5.70
C LEU B 7 -8.97 -11.89 -5.83
N PRO B 8 -9.34 -12.28 -7.06
CA PRO B 8 -10.05 -13.56 -7.28
C PRO B 8 -9.08 -14.76 -7.16
N PRO B 9 -9.58 -15.89 -6.65
CA PRO B 9 -8.77 -17.10 -6.47
C PRO B 9 -8.67 -17.89 -7.79
N LYS B 10 -9.50 -17.58 -8.77
CA LYS B 10 -9.45 -18.34 -10.07
C LYS B 10 -9.82 -19.82 -9.81
N THR B 11 -10.48 -20.47 -10.75
CA THR B 11 -10.89 -21.89 -10.54
C THR B 11 -10.32 -22.79 -11.66
N TYR B 12 -9.11 -22.53 -12.08
CA TYR B 12 -8.49 -23.37 -13.17
C TYR B 12 -9.36 -23.31 -14.44
N LYS B 13 -10.30 -24.22 -14.60
CA LYS B 13 -11.16 -24.22 -15.84
C LYS B 13 -12.21 -25.33 -15.75
N ARG B 14 -12.83 -25.67 -16.85
CA ARG B 14 -13.87 -26.76 -16.84
C ARG B 14 -13.52 -27.80 -17.91
N GLU B 15 -14.37 -28.78 -18.10
CA GLU B 15 -14.09 -29.82 -19.12
C GLU B 15 -14.00 -29.19 -20.51
N GLY A 1 21.22 -2.43 -8.93
CA GLY A 1 21.76 -2.60 -7.48
C GLY A 1 22.10 -1.42 -6.69
N SER A 2 22.68 -1.61 -5.54
CA SER A 2 23.06 -0.46 -4.66
C SER A 2 21.80 0.35 -4.29
N ARG A 3 21.43 1.34 -5.09
CA ARG A 3 20.20 2.16 -4.78
C ARG A 3 20.42 2.89 -3.45
N ARG A 4 20.57 4.19 -3.50
CA ARG A 4 20.79 4.97 -2.25
C ARG A 4 19.64 5.97 -2.07
N ALA A 5 18.90 5.87 -1.00
CA ALA A 5 17.77 6.81 -0.76
C ALA A 5 17.82 7.29 0.68
N SER A 6 16.83 8.07 1.09
CA SER A 6 16.81 8.58 2.49
C SER A 6 15.67 7.91 3.25
N VAL A 7 15.86 7.68 4.53
CA VAL A 7 14.79 7.02 5.34
C VAL A 7 13.53 7.91 5.34
N GLY A 8 12.43 7.40 4.87
CA GLY A 8 11.17 8.20 4.84
C GLY A 8 10.12 7.46 4.05
N SER A 9 10.45 7.05 2.85
CA SER A 9 9.48 6.30 1.99
C SER A 9 8.34 7.23 1.59
N MET A 10 7.37 6.70 0.89
CA MET A 10 6.21 7.52 0.45
C MET A 10 4.94 6.91 0.98
N GLU A 11 3.81 7.41 0.55
CA GLU A 11 2.55 6.86 1.01
C GLU A 11 1.81 6.38 -0.21
N ALA A 12 0.67 5.82 0.00
CA ALA A 12 -0.12 5.34 -1.15
C ALA A 12 -1.60 5.29 -0.78
N ILE A 13 -2.37 6.08 -1.45
CA ILE A 13 -3.82 6.18 -1.16
C ILE A 13 -4.54 4.86 -1.36
N ALA A 14 -5.17 4.41 -0.33
CA ALA A 14 -5.98 3.15 -0.45
C ALA A 14 -7.19 3.46 -1.34
N LYS A 15 -7.14 3.09 -2.59
CA LYS A 15 -8.27 3.41 -3.52
C LYS A 15 -9.60 2.84 -3.01
N TYR A 16 -9.56 1.73 -2.30
CA TYR A 16 -10.83 1.11 -1.77
C TYR A 16 -10.57 0.50 -0.43
N ASP A 17 -11.53 -0.21 0.07
CA ASP A 17 -11.39 -0.85 1.38
C ASP A 17 -10.72 -2.22 1.19
N PHE A 18 -10.23 -2.79 2.26
CA PHE A 18 -9.53 -4.11 2.18
C PHE A 18 -9.13 -4.53 3.61
N LYS A 19 -8.74 -5.76 3.81
CA LYS A 19 -8.34 -6.22 5.18
C LYS A 19 -7.16 -7.16 5.09
N ALA A 20 -6.33 -7.16 6.11
CA ALA A 20 -5.15 -8.06 6.10
C ALA A 20 -5.62 -9.51 6.02
N THR A 21 -5.05 -10.29 5.15
CA THR A 21 -5.48 -11.71 5.01
C THR A 21 -4.34 -12.63 5.45
N ALA A 22 -3.67 -12.30 6.52
CA ALA A 22 -2.55 -13.15 7.01
C ALA A 22 -1.87 -12.46 8.18
N ASP A 23 -1.05 -13.18 8.85
CA ASP A 23 -0.32 -12.61 10.00
C ASP A 23 0.71 -11.57 9.52
N ASP A 24 0.97 -11.50 8.23
CA ASP A 24 1.93 -10.53 7.71
C ASP A 24 1.27 -9.66 6.63
N GLU A 25 -0.04 -9.53 6.66
CA GLU A 25 -0.73 -8.70 5.65
C GLU A 25 -1.21 -7.42 6.34
N LEU A 26 -1.64 -6.43 5.58
CA LEU A 26 -2.08 -5.16 6.21
C LEU A 26 -3.57 -4.91 5.99
N SER A 27 -4.20 -4.23 6.93
CA SER A 27 -5.64 -3.93 6.83
C SER A 27 -5.83 -2.42 6.63
N PHE A 28 -6.85 -2.01 5.93
CA PHE A 28 -7.09 -0.55 5.71
C PHE A 28 -8.43 -0.37 4.99
N LYS A 29 -8.97 0.82 5.00
CA LYS A 29 -10.29 1.06 4.33
C LYS A 29 -10.12 2.04 3.18
N ARG A 30 -11.21 2.37 2.55
CA ARG A 30 -11.17 3.32 1.42
C ARG A 30 -10.85 4.72 1.95
N GLY A 31 -9.72 5.25 1.59
CA GLY A 31 -9.33 6.61 2.08
C GLY A 31 -8.21 6.48 3.13
N ASP A 32 -7.85 5.27 3.50
CA ASP A 32 -6.79 5.07 4.47
C ASP A 32 -5.50 4.90 3.70
N ILE A 33 -4.68 5.90 3.72
CA ILE A 33 -3.40 5.82 2.96
C ILE A 33 -2.36 5.08 3.79
N LEU A 34 -1.67 4.15 3.17
CA LEU A 34 -0.65 3.33 3.91
C LEU A 34 0.72 3.97 3.79
N LYS A 35 1.66 3.55 4.63
CA LYS A 35 3.05 4.12 4.55
C LYS A 35 3.95 3.08 3.89
N VAL A 36 4.28 3.26 2.62
CA VAL A 36 5.11 2.23 1.92
C VAL A 36 6.43 1.96 2.68
N LEU A 37 6.54 0.79 3.21
CA LEU A 37 7.75 0.37 3.97
C LEU A 37 8.75 -0.17 2.95
N ASN A 38 8.25 -0.86 1.95
CA ASN A 38 9.15 -1.43 0.92
C ASN A 38 8.48 -1.39 -0.45
N GLU A 39 9.09 -0.73 -1.40
CA GLU A 39 8.52 -0.64 -2.76
C GLU A 39 9.23 -1.66 -3.65
N GLU A 40 9.23 -2.89 -3.22
CA GLU A 40 9.90 -3.97 -4.00
C GLU A 40 9.03 -5.21 -3.94
N CYS A 41 9.57 -6.33 -4.36
CA CYS A 41 8.79 -7.62 -4.35
C CYS A 41 7.78 -7.60 -5.49
N ASP A 42 6.84 -8.52 -5.46
CA ASP A 42 5.79 -8.64 -6.52
C ASP A 42 5.37 -7.31 -7.08
N GLN A 43 4.90 -7.31 -8.30
CA GLN A 43 4.46 -6.06 -8.92
C GLN A 43 2.96 -5.86 -8.68
N ASN A 44 2.38 -6.59 -7.76
CA ASN A 44 0.92 -6.42 -7.48
C ASN A 44 0.67 -6.10 -6.00
N TRP A 45 1.66 -6.29 -5.15
CA TRP A 45 1.49 -5.95 -3.69
C TRP A 45 2.83 -5.39 -3.15
N TYR A 46 2.77 -4.33 -2.39
CA TYR A 46 4.02 -3.72 -1.80
C TYR A 46 4.06 -4.07 -0.30
N LYS A 47 4.84 -3.33 0.47
CA LYS A 47 4.91 -3.51 1.94
C LYS A 47 4.53 -2.14 2.51
N ALA A 48 3.97 -2.03 3.69
CA ALA A 48 3.60 -0.67 4.21
C ALA A 48 3.07 -0.74 5.59
N GLU A 49 2.66 0.38 6.11
CA GLU A 49 2.20 0.38 7.49
C GLU A 49 1.27 1.57 7.82
N LEU A 50 0.25 1.26 8.55
CA LEU A 50 -0.73 2.28 8.99
C LEU A 50 -0.56 2.61 10.44
N ASN A 51 0.12 3.68 10.65
CA ASN A 51 0.34 4.21 12.03
C ASN A 51 0.61 3.12 13.10
N GLY A 52 1.08 1.97 12.74
CA GLY A 52 1.33 0.91 13.77
C GLY A 52 1.23 -0.47 13.13
N LYS A 53 0.23 -0.68 12.29
CA LYS A 53 0.09 -1.96 11.62
C LYS A 53 0.96 -1.94 10.42
N ASP A 54 1.16 -3.05 9.83
CA ASP A 54 2.02 -3.12 8.66
C ASP A 54 1.86 -4.45 7.90
N GLY A 55 2.65 -4.61 6.87
CA GLY A 55 2.63 -5.87 6.07
C GLY A 55 2.35 -5.59 4.60
N PHE A 56 2.18 -6.64 3.83
CA PHE A 56 1.94 -6.48 2.37
C PHE A 56 0.58 -5.83 2.09
N ILE A 57 0.49 -5.07 1.01
CA ILE A 57 -0.78 -4.42 0.66
C ILE A 57 -0.99 -4.56 -0.86
N PRO A 58 -2.12 -5.10 -1.30
CA PRO A 58 -2.38 -5.24 -2.73
C PRO A 58 -2.46 -3.88 -3.39
N LYS A 59 -1.47 -3.56 -4.16
CA LYS A 59 -1.39 -2.25 -4.86
C LYS A 59 -2.68 -1.95 -5.67
N ASN A 60 -3.47 -2.95 -6.00
CA ASN A 60 -4.70 -2.71 -6.77
C ASN A 60 -5.66 -1.82 -5.97
N TYR A 61 -5.60 -1.93 -4.69
CA TYR A 61 -6.45 -1.09 -3.79
C TYR A 61 -5.62 0.07 -3.31
N ILE A 62 -4.67 0.51 -4.10
CA ILE A 62 -3.81 1.60 -3.68
C ILE A 62 -3.36 2.45 -4.88
N GLU A 63 -2.86 3.61 -4.57
CA GLU A 63 -2.30 4.49 -5.59
C GLU A 63 -1.06 5.10 -4.97
N MET A 64 -0.14 5.56 -5.77
CA MET A 64 1.15 6.10 -5.21
C MET A 64 1.09 7.60 -4.92
N LYS A 65 1.07 7.96 -3.65
CA LYS A 65 1.08 9.36 -3.26
C LYS A 65 2.47 9.81 -2.81
N PRO A 66 2.79 11.08 -3.11
CA PRO A 66 4.08 11.64 -2.77
C PRO A 66 4.20 11.96 -1.28
N HIS A 67 5.22 12.70 -0.92
CA HIS A 67 5.42 13.08 0.51
C HIS A 67 5.88 14.56 0.57
N PRO A 68 6.06 15.09 1.79
CA PRO A 68 6.50 16.49 1.96
C PRO A 68 8.01 16.61 1.74
N GLU A 69 8.41 17.29 0.69
CA GLU A 69 9.88 17.44 0.40
C GLU A 69 10.27 18.92 0.50
N PHE A 70 9.92 19.71 -0.50
CA PHE A 70 10.26 21.17 -0.47
C PHE A 70 9.56 21.85 0.71
N ILE A 71 9.91 23.08 1.00
CA ILE A 71 9.26 23.80 2.13
C ILE A 71 7.98 24.47 1.64
N VAL A 72 6.98 24.56 2.49
CA VAL A 72 5.70 25.20 2.09
C VAL A 72 5.11 25.98 3.27
N THR A 73 5.40 27.26 3.35
CA THR A 73 4.88 28.10 4.49
C THR A 73 5.16 27.42 5.85
N ASP A 74 6.34 27.64 6.38
CA ASP A 74 6.71 27.02 7.69
C ASP A 74 6.11 27.85 8.83
N SER B 1 -18.98 2.48 -2.55
CA SER B 1 -18.36 1.19 -2.14
C SER B 1 -18.96 0.05 -3.00
N PRO B 2 -18.35 -0.22 -4.15
CA PRO B 2 -18.84 -1.30 -5.04
C PRO B 2 -18.43 -2.67 -4.49
N LEU B 3 -19.18 -3.69 -4.82
CA LEU B 3 -18.87 -5.06 -4.31
C LEU B 3 -17.47 -5.52 -4.78
N LEU B 4 -16.64 -5.97 -3.87
CA LEU B 4 -15.28 -6.45 -4.25
C LEU B 4 -14.99 -7.79 -3.51
N PRO B 5 -15.70 -8.86 -3.87
CA PRO B 5 -15.52 -10.17 -3.22
C PRO B 5 -14.34 -10.97 -3.82
N LYS B 6 -13.65 -11.71 -2.98
CA LYS B 6 -12.48 -12.57 -3.43
C LYS B 6 -11.24 -11.72 -3.75
N LEU B 7 -10.06 -12.30 -3.60
CA LEU B 7 -8.78 -11.60 -3.89
C LEU B 7 -7.61 -12.55 -3.56
N PRO B 8 -7.47 -13.60 -4.38
CA PRO B 8 -6.40 -14.59 -4.17
C PRO B 8 -5.06 -13.98 -4.63
N PRO B 9 -3.98 -14.76 -4.58
CA PRO B 9 -2.67 -14.26 -5.02
C PRO B 9 -2.55 -14.35 -6.56
N LYS B 10 -3.41 -13.65 -7.26
CA LYS B 10 -3.37 -13.66 -8.74
C LYS B 10 -3.85 -12.28 -9.24
N THR B 11 -5.14 -11.98 -9.08
CA THR B 11 -5.71 -10.66 -9.52
C THR B 11 -7.25 -10.77 -9.52
N TYR B 12 -7.91 -10.23 -8.53
CA TYR B 12 -9.41 -10.32 -8.51
C TYR B 12 -10.05 -9.11 -7.78
N LYS B 13 -10.48 -9.23 -6.52
CA LYS B 13 -11.12 -8.04 -5.85
C LYS B 13 -10.59 -7.83 -4.38
N ARG B 14 -11.36 -8.15 -3.33
CA ARG B 14 -10.87 -7.88 -1.93
C ARG B 14 -10.80 -9.14 -1.05
N GLU B 15 -11.93 -9.78 -0.81
CA GLU B 15 -11.92 -10.99 0.09
C GLU B 15 -11.13 -12.14 -0.55
N GLY A 1 19.43 6.29 -12.78
CA GLY A 1 20.40 6.90 -11.73
C GLY A 1 21.02 6.04 -10.72
N SER A 2 21.71 6.63 -9.76
CA SER A 2 22.36 5.82 -8.70
C SER A 2 21.65 6.05 -7.36
N ARG A 3 21.33 4.99 -6.66
CA ARG A 3 20.65 5.15 -5.34
C ARG A 3 21.69 5.27 -4.22
N ARG A 4 21.54 6.23 -3.35
CA ARG A 4 22.52 6.41 -2.24
C ARG A 4 21.89 7.23 -1.12
N ALA A 5 21.50 8.45 -1.41
CA ALA A 5 20.87 9.32 -0.36
C ALA A 5 19.36 9.40 -0.60
N SER A 6 18.64 10.03 0.30
CA SER A 6 17.16 10.15 0.15
C SER A 6 16.54 8.76 0.11
N VAL A 7 16.34 8.15 1.25
CA VAL A 7 15.74 6.79 1.29
C VAL A 7 14.79 6.67 2.49
N GLY A 8 13.67 7.36 2.43
CA GLY A 8 12.69 7.30 3.56
C GLY A 8 11.53 6.37 3.18
N SER A 9 10.43 6.94 2.73
CA SER A 9 9.26 6.11 2.33
C SER A 9 8.19 6.99 1.70
N MET A 10 7.33 6.40 0.91
CA MET A 10 6.22 7.18 0.28
C MET A 10 4.92 6.71 0.85
N GLU A 11 3.82 7.17 0.30
CA GLU A 11 2.53 6.75 0.80
C GLU A 11 1.76 6.17 -0.35
N ALA A 12 0.62 5.67 -0.09
CA ALA A 12 -0.21 5.09 -1.17
C ALA A 12 -1.68 5.15 -0.79
N ILE A 13 -2.41 5.97 -1.47
CA ILE A 13 -3.85 6.14 -1.19
C ILE A 13 -4.60 4.83 -1.28
N ALA A 14 -5.24 4.48 -0.20
CA ALA A 14 -6.11 3.27 -0.23
C ALA A 14 -7.26 3.58 -1.18
N LYS A 15 -7.43 2.80 -2.18
CA LYS A 15 -8.49 3.04 -3.17
C LYS A 15 -9.85 2.59 -2.62
N TYR A 16 -9.84 1.53 -1.87
CA TYR A 16 -11.10 0.97 -1.28
C TYR A 16 -10.78 0.26 0.00
N ASP A 17 -11.75 -0.39 0.56
CA ASP A 17 -11.54 -1.12 1.81
C ASP A 17 -10.92 -2.50 1.51
N PHE A 18 -10.24 -3.07 2.47
CA PHE A 18 -9.59 -4.40 2.24
C PHE A 18 -8.72 -4.77 3.47
N LYS A 19 -9.08 -5.77 4.23
CA LYS A 19 -8.25 -6.17 5.42
C LYS A 19 -7.01 -6.88 4.95
N ALA A 20 -6.18 -7.27 5.87
CA ALA A 20 -4.93 -7.95 5.51
C ALA A 20 -5.28 -9.37 5.00
N THR A 21 -4.65 -9.82 3.94
CA THR A 21 -4.96 -11.17 3.39
C THR A 21 -3.81 -12.14 3.69
N ALA A 22 -3.20 -12.04 4.84
CA ALA A 22 -2.08 -12.95 5.20
C ALA A 22 -1.54 -12.60 6.56
N ASP A 23 -0.70 -13.45 7.05
CA ASP A 23 -0.10 -13.23 8.39
C ASP A 23 0.90 -12.05 8.35
N ASP A 24 1.24 -11.57 7.16
CA ASP A 24 2.19 -10.46 7.06
C ASP A 24 1.60 -9.41 6.11
N GLU A 25 0.29 -9.32 6.04
CA GLU A 25 -0.34 -8.32 5.14
C GLU A 25 -0.80 -7.14 5.97
N LEU A 26 -1.36 -6.15 5.34
CA LEU A 26 -1.81 -4.94 6.08
C LEU A 26 -3.26 -4.62 5.74
N SER A 27 -4.07 -4.44 6.76
CA SER A 27 -5.47 -4.11 6.58
C SER A 27 -5.63 -2.60 6.46
N PHE A 28 -6.65 -2.17 5.79
CA PHE A 28 -6.89 -0.70 5.65
C PHE A 28 -8.30 -0.49 5.08
N LYS A 29 -8.78 0.72 5.13
CA LYS A 29 -10.14 1.00 4.59
C LYS A 29 -10.03 1.95 3.41
N ARG A 30 -11.15 2.33 2.88
CA ARG A 30 -11.16 3.26 1.72
C ARG A 30 -10.67 4.64 2.18
N GLY A 31 -9.73 5.21 1.48
CA GLY A 31 -9.19 6.55 1.89
C GLY A 31 -8.08 6.37 2.94
N ASP A 32 -7.85 5.16 3.41
CA ASP A 32 -6.81 4.93 4.41
C ASP A 32 -5.49 4.78 3.69
N ILE A 33 -4.76 5.85 3.58
CA ILE A 33 -3.45 5.78 2.89
C ILE A 33 -2.45 5.01 3.75
N LEU A 34 -1.60 4.25 3.12
CA LEU A 34 -0.60 3.44 3.87
C LEU A 34 0.78 4.08 3.75
N LYS A 35 1.72 3.68 4.58
CA LYS A 35 3.10 4.27 4.52
C LYS A 35 4.05 3.24 3.90
N VAL A 36 4.27 3.30 2.60
CA VAL A 36 5.16 2.30 1.93
C VAL A 36 6.55 2.29 2.59
N LEU A 37 6.84 1.25 3.33
CA LEU A 37 8.18 1.14 3.99
C LEU A 37 9.13 0.45 3.03
N ASN A 38 8.61 -0.45 2.22
CA ASN A 38 9.49 -1.18 1.26
C ASN A 38 8.66 -1.69 0.08
N GLU A 39 9.32 -2.18 -0.94
CA GLU A 39 8.59 -2.72 -2.12
C GLU A 39 9.03 -4.15 -2.39
N GLU A 40 8.82 -5.00 -1.43
CA GLU A 40 9.21 -6.44 -1.59
C GLU A 40 8.04 -7.21 -2.18
N CYS A 41 8.21 -8.49 -2.40
CA CYS A 41 7.11 -9.32 -2.98
C CYS A 41 6.82 -8.86 -4.39
N ASP A 42 5.74 -9.33 -4.94
CA ASP A 42 5.35 -8.96 -6.34
C ASP A 42 5.48 -7.47 -6.59
N GLN A 43 5.38 -7.07 -7.83
CA GLN A 43 5.49 -5.65 -8.15
C GLN A 43 4.11 -4.98 -8.09
N ASN A 44 3.13 -5.64 -7.50
CA ASN A 44 1.76 -5.06 -7.41
C ASN A 44 1.45 -4.75 -5.97
N TRP A 45 1.90 -5.58 -5.09
CA TRP A 45 1.65 -5.33 -3.63
C TRP A 45 2.87 -4.60 -3.06
N TYR A 46 2.70 -3.77 -2.04
CA TYR A 46 3.86 -3.03 -1.46
C TYR A 46 3.88 -3.15 0.05
N LYS A 47 5.05 -3.23 0.62
CA LYS A 47 5.15 -3.25 2.10
C LYS A 47 4.83 -1.84 2.58
N ALA A 48 4.07 -1.72 3.63
CA ALA A 48 3.70 -0.36 4.14
C ALA A 48 3.11 -0.45 5.49
N GLU A 49 2.73 0.67 6.04
CA GLU A 49 2.21 0.63 7.41
C GLU A 49 1.23 1.76 7.72
N LEU A 50 0.21 1.40 8.39
CA LEU A 50 -0.83 2.38 8.83
C LEU A 50 -0.62 2.85 10.22
N ASN A 51 0.01 3.96 10.31
CA ASN A 51 0.27 4.63 11.61
C ASN A 51 0.63 3.66 12.76
N GLY A 52 1.16 2.53 12.47
CA GLY A 52 1.51 1.56 13.57
C GLY A 52 1.48 0.14 13.03
N LYS A 53 0.43 -0.20 12.30
CA LYS A 53 0.34 -1.52 11.71
C LYS A 53 1.19 -1.51 10.50
N ASP A 54 1.54 -2.65 10.05
CA ASP A 54 2.41 -2.73 8.89
C ASP A 54 2.08 -3.98 8.05
N GLY A 55 2.79 -4.18 6.95
CA GLY A 55 2.54 -5.38 6.09
C GLY A 55 2.29 -4.98 4.63
N PHE A 56 2.36 -5.95 3.72
CA PHE A 56 2.15 -5.68 2.25
C PHE A 56 0.72 -5.26 1.95
N ILE A 57 0.47 -4.66 0.80
CA ILE A 57 -0.92 -4.26 0.44
C ILE A 57 -1.10 -4.35 -1.09
N PRO A 58 -2.14 -5.06 -1.55
CA PRO A 58 -2.38 -5.19 -3.00
C PRO A 58 -2.74 -3.83 -3.59
N LYS A 59 -1.85 -3.27 -4.35
CA LYS A 59 -2.06 -1.93 -4.97
C LYS A 59 -3.44 -1.82 -5.68
N ASN A 60 -4.10 -2.90 -6.03
CA ASN A 60 -5.41 -2.80 -6.70
C ASN A 60 -6.38 -2.01 -5.82
N TYR A 61 -6.27 -2.18 -4.54
CA TYR A 61 -7.11 -1.44 -3.57
C TYR A 61 -6.28 -0.29 -3.04
N ILE A 62 -5.49 0.31 -3.91
CA ILE A 62 -4.60 1.42 -3.49
C ILE A 62 -4.07 2.18 -4.71
N GLU A 63 -3.24 3.14 -4.44
CA GLU A 63 -2.57 3.92 -5.48
C GLU A 63 -1.31 4.51 -4.84
N MET A 64 -0.34 4.82 -5.63
CA MET A 64 0.96 5.34 -5.06
C MET A 64 1.03 6.85 -5.05
N LYS A 65 0.99 7.46 -3.89
CA LYS A 65 1.09 8.90 -3.79
C LYS A 65 2.49 9.33 -3.36
N PRO A 66 2.95 10.47 -3.91
CA PRO A 66 4.27 10.98 -3.61
C PRO A 66 4.29 11.68 -2.25
N HIS A 67 5.33 12.43 -1.99
CA HIS A 67 5.43 13.18 -0.71
C HIS A 67 6.19 14.51 -0.97
N PRO A 68 5.53 15.65 -0.74
CA PRO A 68 6.15 16.96 -0.98
C PRO A 68 7.14 17.30 0.15
N GLU A 69 6.66 17.81 1.26
CA GLU A 69 7.59 18.16 2.39
C GLU A 69 6.87 17.96 3.74
N PHE A 70 7.42 18.49 4.79
CA PHE A 70 6.80 18.33 6.14
C PHE A 70 5.60 19.29 6.27
N ILE A 71 4.95 19.27 7.40
CA ILE A 71 3.77 20.17 7.61
C ILE A 71 4.25 21.59 7.89
N VAL A 72 4.52 22.35 6.86
CA VAL A 72 4.99 23.75 7.05
C VAL A 72 3.85 24.60 7.63
N THR A 73 2.72 24.61 6.96
CA THR A 73 1.57 25.42 7.45
C THR A 73 0.27 24.64 7.24
N ASP A 74 0.33 23.34 7.34
CA ASP A 74 -0.90 22.51 7.14
C ASP A 74 -1.39 21.98 8.50
N SER B 1 -19.86 0.19 -5.05
CA SER B 1 -19.26 -0.79 -4.08
C SER B 1 -19.14 -2.20 -4.75
N PRO B 2 -20.22 -2.71 -5.35
CA PRO B 2 -20.19 -4.04 -5.99
C PRO B 2 -19.54 -3.94 -7.38
N LEU B 3 -18.26 -4.18 -7.48
CA LEU B 3 -17.57 -4.11 -8.80
C LEU B 3 -16.10 -4.49 -8.65
N LEU B 4 -15.49 -4.10 -7.55
CA LEU B 4 -14.05 -4.42 -7.34
C LEU B 4 -13.88 -5.96 -7.23
N PRO B 5 -12.92 -6.53 -7.95
CA PRO B 5 -12.66 -7.97 -7.90
C PRO B 5 -11.86 -8.31 -6.65
N LYS B 6 -11.82 -9.55 -6.25
CA LYS B 6 -11.06 -9.94 -5.03
C LYS B 6 -9.71 -10.55 -5.45
N LEU B 7 -9.01 -11.16 -4.52
CA LEU B 7 -7.70 -11.79 -4.87
C LEU B 7 -7.65 -13.24 -4.30
N PRO B 8 -8.54 -14.11 -4.80
CA PRO B 8 -8.59 -15.51 -4.34
C PRO B 8 -7.51 -16.37 -5.06
N PRO B 9 -6.74 -17.17 -4.29
CA PRO B 9 -5.70 -18.03 -4.87
C PRO B 9 -6.32 -19.33 -5.40
N LYS B 10 -5.53 -20.16 -6.03
CA LYS B 10 -6.07 -21.45 -6.57
C LYS B 10 -4.92 -22.25 -7.20
N THR B 11 -5.18 -23.49 -7.56
CA THR B 11 -4.11 -24.34 -8.17
C THR B 11 -4.57 -24.84 -9.55
N TYR B 12 -3.81 -25.70 -10.17
CA TYR B 12 -4.19 -26.23 -11.51
C TYR B 12 -3.90 -27.74 -11.60
N LYS B 13 -2.66 -28.12 -11.89
CA LYS B 13 -2.32 -29.57 -12.00
C LYS B 13 -0.83 -29.77 -11.69
N ARG B 14 -0.28 -30.91 -12.07
CA ARG B 14 1.18 -31.17 -11.81
C ARG B 14 1.99 -30.92 -13.08
N GLU B 15 1.40 -31.10 -14.23
CA GLU B 15 2.14 -30.86 -15.51
C GLU B 15 1.49 -29.71 -16.27
N GLY A 1 20.96 9.93 -11.08
CA GLY A 1 20.32 10.00 -9.66
C GLY A 1 19.03 9.34 -9.40
N SER A 2 18.52 8.63 -10.37
CA SER A 2 17.20 7.95 -10.18
C SER A 2 17.37 6.80 -9.18
N ARG A 3 18.54 6.20 -9.12
CA ARG A 3 18.77 5.08 -8.18
C ARG A 3 19.42 5.61 -6.90
N ARG A 4 20.29 6.59 -7.02
CA ARG A 4 20.96 7.16 -5.82
C ARG A 4 20.10 8.30 -5.24
N ALA A 5 19.66 8.16 -4.02
CA ALA A 5 18.82 9.22 -3.40
C ALA A 5 18.75 9.00 -1.89
N SER A 6 18.40 10.02 -1.14
CA SER A 6 18.32 9.88 0.34
C SER A 6 17.15 8.95 0.70
N VAL A 7 17.11 8.47 1.93
CA VAL A 7 16.00 7.56 2.35
C VAL A 7 14.71 8.35 2.50
N GLY A 8 13.66 7.72 2.98
CA GLY A 8 12.36 8.43 3.15
C GLY A 8 11.23 7.60 2.55
N SER A 9 10.47 6.91 3.36
CA SER A 9 9.35 6.08 2.83
C SER A 9 8.31 6.98 2.16
N MET A 10 7.52 6.40 1.30
CA MET A 10 6.45 7.19 0.61
C MET A 10 5.11 6.73 1.09
N GLU A 11 4.06 7.22 0.50
CA GLU A 11 2.73 6.81 0.91
C GLU A 11 2.03 6.25 -0.29
N ALA A 12 0.86 5.78 -0.11
CA ALA A 12 0.09 5.22 -1.24
C ALA A 12 -1.39 5.21 -0.92
N ILE A 13 -2.13 6.01 -1.62
CA ILE A 13 -3.60 6.12 -1.38
C ILE A 13 -4.31 4.82 -1.55
N ALA A 14 -4.99 4.41 -0.51
CA ALA A 14 -5.82 3.16 -0.59
C ALA A 14 -7.09 3.51 -1.39
N LYS A 15 -7.17 3.07 -2.62
CA LYS A 15 -8.35 3.39 -3.46
C LYS A 15 -9.62 2.74 -2.90
N TYR A 16 -9.49 1.64 -2.20
CA TYR A 16 -10.71 0.93 -1.65
C TYR A 16 -10.43 0.37 -0.27
N ASP A 17 -11.35 -0.40 0.23
CA ASP A 17 -11.20 -0.99 1.57
C ASP A 17 -10.67 -2.43 1.47
N PHE A 18 -10.25 -2.99 2.58
CA PHE A 18 -9.72 -4.39 2.61
C PHE A 18 -9.18 -4.69 4.01
N LYS A 19 -8.70 -5.88 4.23
CA LYS A 19 -8.15 -6.24 5.58
C LYS A 19 -7.02 -7.22 5.43
N ALA A 20 -6.17 -7.27 6.42
CA ALA A 20 -5.02 -8.19 6.36
C ALA A 20 -5.55 -9.63 6.38
N THR A 21 -5.13 -10.47 5.46
CA THR A 21 -5.64 -11.87 5.45
C THR A 21 -4.54 -12.89 5.11
N ALA A 22 -3.33 -12.69 5.59
CA ALA A 22 -2.24 -13.69 5.30
C ALA A 22 -1.24 -13.77 6.41
N ASP A 23 -1.63 -13.38 7.55
CA ASP A 23 -0.73 -13.42 8.77
C ASP A 23 0.31 -12.29 8.73
N ASP A 24 0.65 -11.80 7.56
CA ASP A 24 1.62 -10.71 7.46
C ASP A 24 1.06 -9.67 6.49
N GLU A 25 -0.25 -9.59 6.37
CA GLU A 25 -0.86 -8.61 5.44
C GLU A 25 -1.22 -7.34 6.21
N LEU A 26 -1.61 -6.29 5.52
CA LEU A 26 -1.95 -5.02 6.23
C LEU A 26 -3.39 -4.60 5.90
N SER A 27 -4.18 -4.39 6.92
CA SER A 27 -5.57 -3.99 6.73
C SER A 27 -5.67 -2.48 6.46
N PHE A 28 -6.79 -2.05 5.96
CA PHE A 28 -7.00 -0.60 5.68
C PHE A 28 -8.40 -0.40 5.11
N LYS A 29 -8.86 0.81 5.03
CA LYS A 29 -10.23 1.09 4.49
C LYS A 29 -10.12 1.93 3.23
N ARG A 30 -11.23 2.22 2.63
CA ARG A 30 -11.24 3.06 1.41
C ARG A 30 -10.91 4.51 1.80
N GLY A 31 -9.74 4.96 1.48
CA GLY A 31 -9.34 6.35 1.85
C GLY A 31 -8.24 6.31 2.94
N ASP A 32 -7.77 5.13 3.28
CA ASP A 32 -6.72 5.01 4.29
C ASP A 32 -5.40 4.83 3.57
N ILE A 33 -4.65 5.86 3.49
CA ILE A 33 -3.35 5.78 2.77
C ILE A 33 -2.34 5.03 3.63
N LEU A 34 -1.58 4.17 3.02
CA LEU A 34 -0.57 3.35 3.77
C LEU A 34 0.80 4.01 3.68
N LYS A 35 1.69 3.65 4.57
CA LYS A 35 3.08 4.25 4.53
C LYS A 35 4.06 3.20 4.00
N VAL A 36 4.37 3.25 2.72
CA VAL A 36 5.31 2.24 2.14
C VAL A 36 6.66 2.28 2.86
N LEU A 37 6.91 1.29 3.68
CA LEU A 37 8.20 1.23 4.41
C LEU A 37 9.22 0.56 3.50
N ASN A 38 8.77 -0.35 2.64
CA ASN A 38 9.75 -1.05 1.75
C ASN A 38 9.03 -2.07 0.84
N GLU A 39 9.76 -3.05 0.34
CA GLU A 39 9.16 -4.10 -0.55
C GLU A 39 8.71 -3.49 -1.87
N GLU A 40 9.61 -3.35 -2.80
CA GLU A 40 9.25 -2.80 -4.13
C GLU A 40 8.26 -3.74 -4.80
N CYS A 41 7.94 -3.51 -6.04
CA CYS A 41 6.95 -4.40 -6.75
C CYS A 41 7.31 -5.88 -6.56
N ASP A 42 6.33 -6.74 -6.71
CA ASP A 42 6.55 -8.17 -6.53
C ASP A 42 5.50 -8.89 -7.30
N GLN A 43 4.29 -8.74 -6.88
CA GLN A 43 3.19 -9.33 -7.59
C GLN A 43 2.05 -8.31 -7.52
N ASN A 44 2.41 -7.03 -7.65
CA ASN A 44 1.46 -5.87 -7.57
C ASN A 44 1.10 -5.53 -6.11
N TRP A 45 1.94 -5.87 -5.16
CA TRP A 45 1.64 -5.48 -3.71
C TRP A 45 2.84 -4.67 -3.16
N TYR A 46 2.73 -4.15 -1.96
CA TYR A 46 3.85 -3.34 -1.36
C TYR A 46 3.94 -3.61 0.14
N LYS A 47 5.00 -3.17 0.77
CA LYS A 47 5.08 -3.32 2.24
C LYS A 47 4.88 -1.91 2.81
N ALA A 48 3.96 -1.75 3.73
CA ALA A 48 3.68 -0.38 4.26
C ALA A 48 3.12 -0.43 5.63
N GLU A 49 2.71 0.71 6.13
CA GLU A 49 2.23 0.73 7.51
C GLU A 49 1.20 1.84 7.78
N LEU A 50 0.18 1.46 8.46
CA LEU A 50 -0.90 2.43 8.84
C LEU A 50 -0.75 2.87 10.25
N ASN A 51 -0.14 3.99 10.39
CA ASN A 51 0.05 4.63 11.72
C ASN A 51 0.45 3.63 12.85
N GLY A 52 1.00 2.51 12.53
CA GLY A 52 1.38 1.53 13.60
C GLY A 52 1.35 0.10 13.06
N LYS A 53 0.38 -0.22 12.23
CA LYS A 53 0.30 -1.55 11.65
C LYS A 53 1.12 -1.56 10.41
N ASP A 54 1.30 -2.69 9.84
CA ASP A 54 2.10 -2.78 8.63
C ASP A 54 1.96 -4.17 7.94
N GLY A 55 2.66 -4.34 6.86
CA GLY A 55 2.63 -5.65 6.12
C GLY A 55 2.32 -5.44 4.64
N PHE A 56 2.13 -6.51 3.91
CA PHE A 56 1.86 -6.40 2.44
C PHE A 56 0.57 -5.60 2.17
N ILE A 57 0.44 -5.03 1.00
CA ILE A 57 -0.78 -4.26 0.65
C ILE A 57 -1.00 -4.39 -0.88
N PRO A 58 -2.08 -5.04 -1.30
CA PRO A 58 -2.34 -5.20 -2.73
C PRO A 58 -2.56 -3.86 -3.41
N LYS A 59 -1.62 -3.47 -4.20
CA LYS A 59 -1.65 -2.18 -4.94
C LYS A 59 -2.98 -1.96 -5.72
N ASN A 60 -3.76 -3.00 -5.96
CA ASN A 60 -5.02 -2.81 -6.70
C ASN A 60 -5.97 -1.92 -5.89
N TYR A 61 -5.87 -1.99 -4.59
CA TYR A 61 -6.69 -1.13 -3.70
C TYR A 61 -5.83 0.04 -3.30
N ILE A 62 -4.93 0.45 -4.16
CA ILE A 62 -4.04 1.55 -3.78
C ILE A 62 -3.42 2.27 -4.99
N GLU A 63 -2.69 3.30 -4.69
CA GLU A 63 -1.96 4.08 -5.70
C GLU A 63 -0.75 4.67 -5.00
N MET A 64 0.29 4.96 -5.72
CA MET A 64 1.54 5.48 -5.06
C MET A 64 1.64 7.00 -5.04
N LYS A 65 1.55 7.59 -3.86
CA LYS A 65 1.68 9.04 -3.74
C LYS A 65 3.07 9.43 -3.19
N PRO A 66 3.54 10.61 -3.60
CA PRO A 66 4.85 11.10 -3.22
C PRO A 66 4.89 11.56 -1.74
N HIS A 67 4.86 12.86 -1.45
CA HIS A 67 4.93 13.31 -0.01
C HIS A 67 3.69 14.14 0.46
N PRO A 68 2.53 14.13 -0.23
CA PRO A 68 1.37 14.90 0.25
C PRO A 68 0.71 14.19 1.44
N GLU A 69 0.88 14.74 2.62
CA GLU A 69 0.28 14.11 3.83
C GLU A 69 -1.24 14.13 3.74
N PHE A 70 -1.85 15.28 3.97
CA PHE A 70 -3.34 15.37 3.90
C PHE A 70 -3.73 16.80 3.49
N ILE A 71 -3.57 17.75 4.38
CA ILE A 71 -3.93 19.15 4.06
C ILE A 71 -2.91 20.11 4.68
N VAL A 72 -2.55 21.15 3.97
CA VAL A 72 -1.55 22.13 4.51
C VAL A 72 -2.29 23.26 5.23
N THR A 73 -1.59 24.00 6.05
CA THR A 73 -2.25 25.13 6.79
C THR A 73 -2.15 26.41 5.96
N ASP A 74 -0.98 26.71 5.45
CA ASP A 74 -0.81 27.94 4.62
C ASP A 74 0.32 27.74 3.62
N SER B 1 -21.41 -3.86 -10.51
CA SER B 1 -20.99 -5.23 -10.91
C SER B 1 -19.95 -5.77 -9.90
N PRO B 2 -19.81 -7.09 -9.83
CA PRO B 2 -18.86 -7.72 -8.91
C PRO B 2 -17.43 -7.63 -9.47
N LEU B 3 -16.68 -6.66 -9.02
CA LEU B 3 -15.28 -6.49 -9.52
C LEU B 3 -14.51 -5.57 -8.58
N LEU B 4 -13.90 -6.11 -7.55
CA LEU B 4 -13.13 -5.27 -6.60
C LEU B 4 -12.58 -6.16 -5.45
N PRO B 5 -13.45 -6.94 -4.79
CA PRO B 5 -13.03 -7.80 -3.67
C PRO B 5 -12.52 -9.16 -4.19
N LYS B 6 -11.63 -9.16 -5.16
CA LYS B 6 -11.09 -10.44 -5.70
C LYS B 6 -9.69 -10.23 -6.26
N LEU B 7 -8.72 -10.93 -5.72
CA LEU B 7 -7.32 -10.80 -6.21
C LEU B 7 -6.82 -12.16 -6.73
N PRO B 8 -7.15 -12.48 -7.99
CA PRO B 8 -6.75 -13.74 -8.60
C PRO B 8 -5.28 -13.70 -9.06
N PRO B 9 -4.61 -14.86 -9.09
CA PRO B 9 -3.21 -14.94 -9.51
C PRO B 9 -3.12 -14.91 -11.05
N LYS B 10 -3.79 -15.84 -11.70
CA LYS B 10 -3.76 -15.88 -13.19
C LYS B 10 -4.98 -16.66 -13.70
N THR B 11 -5.07 -16.86 -14.99
CA THR B 11 -6.24 -17.61 -15.56
C THR B 11 -5.76 -18.89 -16.27
N TYR B 12 -4.47 -19.02 -16.51
CA TYR B 12 -3.95 -20.24 -17.20
C TYR B 12 -4.26 -21.48 -16.35
N LYS B 13 -4.11 -21.38 -15.06
CA LYS B 13 -4.39 -22.54 -14.14
C LYS B 13 -3.42 -23.68 -14.44
N ARG B 14 -2.69 -24.12 -13.44
CA ARG B 14 -1.72 -25.24 -13.65
C ARG B 14 -2.25 -26.50 -12.97
N GLU B 15 -1.46 -27.55 -12.90
CA GLU B 15 -1.92 -28.81 -12.24
C GLU B 15 -2.20 -28.54 -10.77
N GLY A 1 25.03 10.45 -12.00
CA GLY A 1 24.43 9.12 -11.45
C GLY A 1 24.28 8.93 -10.00
N SER A 2 24.09 10.01 -9.27
CA SER A 2 23.93 9.88 -7.79
C SER A 2 22.62 10.55 -7.36
N ARG A 3 21.63 10.53 -8.22
CA ARG A 3 20.33 11.16 -7.86
C ARG A 3 19.28 10.06 -7.62
N ARG A 4 19.20 9.56 -6.42
CA ARG A 4 18.21 8.49 -6.11
C ARG A 4 17.36 8.90 -4.90
N ALA A 5 16.07 9.04 -5.10
CA ALA A 5 15.17 9.45 -3.96
C ALA A 5 14.63 8.19 -3.29
N SER A 6 15.28 7.72 -2.26
CA SER A 6 14.80 6.50 -1.56
C SER A 6 15.30 6.50 -0.11
N VAL A 7 15.22 7.62 0.56
CA VAL A 7 15.69 7.68 1.98
C VAL A 7 14.50 8.05 2.89
N GLY A 8 13.73 7.07 3.28
CA GLY A 8 12.55 7.34 4.16
C GLY A 8 11.40 6.41 3.75
N SER A 9 10.36 6.97 3.18
CA SER A 9 9.19 6.14 2.75
C SER A 9 8.16 7.01 2.05
N MET A 10 7.36 6.42 1.22
CA MET A 10 6.31 7.18 0.50
C MET A 10 4.96 6.76 1.05
N GLU A 11 3.89 7.18 0.42
CA GLU A 11 2.58 6.81 0.90
C GLU A 11 1.82 6.24 -0.28
N ALA A 12 0.67 5.74 -0.04
CA ALA A 12 -0.15 5.18 -1.15
C ALA A 12 -1.63 5.26 -0.78
N ILE A 13 -2.35 6.02 -1.53
CA ILE A 13 -3.80 6.20 -1.25
C ILE A 13 -4.56 4.91 -1.39
N ALA A 14 -5.13 4.48 -0.31
CA ALA A 14 -6.00 3.25 -0.37
C ALA A 14 -7.29 3.66 -1.09
N LYS A 15 -7.49 3.18 -2.27
CA LYS A 15 -8.71 3.58 -3.05
C LYS A 15 -9.98 2.98 -2.45
N TYR A 16 -9.87 1.87 -1.74
CA TYR A 16 -11.10 1.23 -1.15
C TYR A 16 -10.78 0.57 0.17
N ASP A 17 -11.72 -0.16 0.69
CA ASP A 17 -11.53 -0.86 1.98
C ASP A 17 -10.81 -2.19 1.73
N PHE A 18 -10.37 -2.83 2.77
CA PHE A 18 -9.69 -4.14 2.62
C PHE A 18 -9.13 -4.58 3.99
N LYS A 19 -8.55 -5.75 4.05
CA LYS A 19 -7.97 -6.23 5.34
C LYS A 19 -6.75 -7.07 5.09
N ALA A 20 -6.01 -7.36 6.12
CA ALA A 20 -4.79 -8.16 5.96
C ALA A 20 -5.18 -9.64 5.95
N THR A 21 -4.68 -10.39 5.01
CA THR A 21 -5.04 -11.85 4.96
C THR A 21 -3.84 -12.69 5.37
N ALA A 22 -2.73 -12.54 4.70
CA ALA A 22 -1.52 -13.32 5.05
C ALA A 22 -1.06 -12.93 6.43
N ASP A 23 -0.14 -13.67 6.95
CA ASP A 23 0.41 -13.39 8.28
C ASP A 23 1.24 -12.10 8.27
N ASP A 24 1.52 -11.57 7.10
CA ASP A 24 2.30 -10.32 7.01
C ASP A 24 1.59 -9.36 6.06
N GLU A 25 0.28 -9.42 5.98
CA GLU A 25 -0.46 -8.51 5.08
C GLU A 25 -0.90 -7.28 5.89
N LEU A 26 -1.46 -6.29 5.24
CA LEU A 26 -1.87 -5.06 5.97
C LEU A 26 -3.35 -4.74 5.69
N SER A 27 -4.02 -4.25 6.70
CA SER A 27 -5.46 -3.91 6.55
C SER A 27 -5.60 -2.41 6.33
N PHE A 28 -6.74 -1.98 5.84
CA PHE A 28 -6.95 -0.51 5.62
C PHE A 28 -8.38 -0.26 5.13
N LYS A 29 -8.80 0.98 5.11
CA LYS A 29 -10.19 1.30 4.67
C LYS A 29 -10.15 2.15 3.41
N ARG A 30 -11.30 2.50 2.93
CA ARG A 30 -11.41 3.33 1.70
C ARG A 30 -11.03 4.77 2.02
N GLY A 31 -9.80 5.14 1.76
CA GLY A 31 -9.35 6.53 2.06
C GLY A 31 -8.24 6.53 3.12
N ASP A 32 -7.77 5.36 3.52
CA ASP A 32 -6.71 5.28 4.51
C ASP A 32 -5.39 5.13 3.79
N ILE A 33 -4.71 6.21 3.57
CA ILE A 33 -3.41 6.12 2.84
C ILE A 33 -2.38 5.42 3.72
N LEU A 34 -1.74 4.44 3.17
CA LEU A 34 -0.73 3.64 3.95
C LEU A 34 0.65 4.29 3.86
N LYS A 35 1.58 3.86 4.68
CA LYS A 35 2.96 4.46 4.64
C LYS A 35 3.96 3.44 4.06
N VAL A 36 4.20 3.49 2.77
CA VAL A 36 5.13 2.53 2.12
C VAL A 36 6.51 2.58 2.79
N LEU A 37 6.83 1.57 3.56
CA LEU A 37 8.16 1.50 4.20
C LEU A 37 9.12 0.80 3.24
N ASN A 38 8.59 -0.04 2.36
CA ASN A 38 9.49 -0.77 1.42
C ASN A 38 8.67 -1.55 0.39
N GLU A 39 9.28 -2.54 -0.23
CA GLU A 39 8.54 -3.34 -1.24
C GLU A 39 9.39 -4.56 -1.63
N GLU A 40 9.38 -5.59 -0.81
CA GLU A 40 10.17 -6.83 -1.13
C GLU A 40 9.68 -7.39 -2.46
N CYS A 41 10.13 -8.57 -2.84
CA CYS A 41 9.68 -9.15 -4.14
C CYS A 41 8.16 -9.12 -4.23
N ASP A 42 7.65 -8.86 -5.40
CA ASP A 42 6.18 -8.75 -5.62
C ASP A 42 5.95 -8.12 -6.99
N GLN A 43 4.72 -8.18 -7.48
CA GLN A 43 4.44 -7.59 -8.80
C GLN A 43 3.16 -6.73 -8.80
N ASN A 44 2.51 -6.58 -7.68
CA ASN A 44 1.24 -5.75 -7.65
C ASN A 44 0.80 -5.37 -6.22
N TRP A 45 1.68 -5.44 -5.26
CA TRP A 45 1.30 -5.05 -3.83
C TRP A 45 2.49 -4.26 -3.22
N TYR A 46 2.21 -3.27 -2.38
CA TYR A 46 3.32 -2.45 -1.75
C TYR A 46 3.53 -2.89 -0.30
N LYS A 47 4.67 -2.56 0.27
CA LYS A 47 4.90 -2.86 1.72
C LYS A 47 4.73 -1.52 2.44
N ALA A 48 3.81 -1.43 3.38
CA ALA A 48 3.58 -0.11 4.05
C ALA A 48 3.06 -0.29 5.44
N GLU A 49 2.68 0.81 6.05
CA GLU A 49 2.24 0.74 7.42
C GLU A 49 1.23 1.84 7.75
N LEU A 50 0.19 1.45 8.39
CA LEU A 50 -0.88 2.40 8.78
C LEU A 50 -0.82 2.73 10.23
N ASN A 51 -0.23 3.84 10.49
CA ASN A 51 -0.14 4.36 11.88
C ASN A 51 0.23 3.29 12.93
N GLY A 52 0.84 2.20 12.54
CA GLY A 52 1.20 1.15 13.54
C GLY A 52 1.19 -0.24 12.89
N LYS A 53 0.26 -0.49 11.99
CA LYS A 53 0.20 -1.79 11.34
C LYS A 53 1.05 -1.72 10.11
N ASP A 54 1.21 -2.81 9.45
CA ASP A 54 2.03 -2.82 8.24
C ASP A 54 1.91 -4.16 7.47
N GLY A 55 2.66 -4.27 6.41
CA GLY A 55 2.66 -5.52 5.60
C GLY A 55 2.31 -5.22 4.14
N PHE A 56 2.17 -6.25 3.34
CA PHE A 56 1.86 -6.07 1.88
C PHE A 56 0.42 -5.61 1.67
N ILE A 57 0.16 -4.87 0.60
CA ILE A 57 -1.23 -4.41 0.31
C ILE A 57 -1.43 -4.50 -1.21
N PRO A 58 -2.53 -5.06 -1.67
CA PRO A 58 -2.79 -5.18 -3.10
C PRO A 58 -3.05 -3.83 -3.73
N LYS A 59 -2.11 -3.38 -4.51
CA LYS A 59 -2.18 -2.08 -5.23
C LYS A 59 -3.55 -1.81 -5.90
N ASN A 60 -4.37 -2.82 -6.16
CA ASN A 60 -5.67 -2.58 -6.81
C ASN A 60 -6.54 -1.69 -5.93
N TYR A 61 -6.40 -1.85 -4.64
CA TYR A 61 -7.16 -1.03 -3.68
C TYR A 61 -6.26 0.08 -3.21
N ILE A 62 -5.37 0.55 -4.05
CA ILE A 62 -4.44 1.61 -3.64
C ILE A 62 -3.85 2.33 -4.83
N GLU A 63 -3.07 3.34 -4.55
CA GLU A 63 -2.36 4.10 -5.56
C GLU A 63 -1.08 4.61 -4.90
N MET A 64 -0.09 4.93 -5.68
CA MET A 64 1.21 5.37 -5.08
C MET A 64 1.39 6.88 -5.06
N LYS A 65 1.30 7.48 -3.89
CA LYS A 65 1.50 8.92 -3.75
C LYS A 65 2.91 9.23 -3.25
N PRO A 66 3.40 10.42 -3.61
CA PRO A 66 4.72 10.87 -3.24
C PRO A 66 4.77 11.31 -1.78
N HIS A 67 5.81 12.00 -1.39
CA HIS A 67 5.93 12.48 0.02
C HIS A 67 6.66 13.84 0.06
N PRO A 68 6.12 14.83 0.78
CA PRO A 68 6.75 16.16 0.87
C PRO A 68 7.90 16.13 1.89
N GLU A 69 8.96 16.86 1.62
CA GLU A 69 10.13 16.89 2.57
C GLU A 69 9.66 17.26 3.99
N PHE A 70 9.12 18.44 4.18
CA PHE A 70 8.65 18.85 5.54
C PHE A 70 7.36 19.66 5.41
N ILE A 71 6.66 19.88 6.51
CA ILE A 71 5.39 20.66 6.45
C ILE A 71 5.54 21.95 7.25
N VAL A 72 5.78 23.06 6.58
CA VAL A 72 5.94 24.37 7.30
C VAL A 72 4.63 24.73 7.98
N THR A 73 4.66 24.94 9.29
CA THR A 73 3.40 25.31 10.02
C THR A 73 3.73 26.36 11.09
N ASP A 74 4.65 26.05 11.97
CA ASP A 74 5.02 27.01 13.04
C ASP A 74 6.34 27.71 12.68
N SER B 1 -17.41 -1.35 -5.93
CA SER B 1 -18.90 -1.42 -6.15
C SER B 1 -19.21 -2.11 -7.51
N PRO B 2 -18.62 -1.62 -8.61
CA PRO B 2 -18.85 -2.21 -9.92
C PRO B 2 -18.05 -3.50 -10.09
N LEU B 3 -16.81 -3.51 -9.63
CA LEU B 3 -15.98 -4.75 -9.77
C LEU B 3 -15.27 -5.05 -8.41
N LEU B 4 -13.97 -4.75 -8.26
CA LEU B 4 -13.27 -5.05 -6.97
C LEU B 4 -13.41 -6.55 -6.63
N PRO B 5 -12.57 -7.38 -7.25
CA PRO B 5 -12.61 -8.84 -7.02
C PRO B 5 -11.90 -9.20 -5.71
N LYS B 6 -12.36 -10.23 -5.05
CA LYS B 6 -11.71 -10.64 -3.76
C LYS B 6 -10.40 -11.36 -4.09
N LEU B 7 -9.29 -10.64 -4.08
CA LEU B 7 -7.96 -11.26 -4.38
C LEU B 7 -7.75 -12.54 -3.52
N PRO B 8 -7.85 -13.73 -4.14
CA PRO B 8 -7.68 -14.98 -3.39
C PRO B 8 -6.18 -15.29 -3.17
N PRO B 9 -5.85 -15.94 -2.05
CA PRO B 9 -4.46 -16.29 -1.73
C PRO B 9 -4.00 -17.57 -2.48
N LYS B 10 -4.84 -18.11 -3.34
CA LYS B 10 -4.46 -19.35 -4.08
C LYS B 10 -3.86 -18.98 -5.46
N THR B 11 -3.11 -17.90 -5.52
CA THR B 11 -2.49 -17.47 -6.82
C THR B 11 -3.55 -17.43 -7.94
N TYR B 12 -3.14 -17.20 -9.15
CA TYR B 12 -4.11 -17.15 -10.29
C TYR B 12 -3.35 -16.87 -11.59
N LYS B 13 -3.91 -17.25 -12.71
CA LYS B 13 -3.24 -17.00 -14.03
C LYS B 13 -1.88 -17.74 -14.05
N ARG B 14 -1.00 -17.36 -14.94
CA ARG B 14 0.33 -18.04 -15.04
C ARG B 14 0.13 -19.51 -15.38
N GLU B 15 0.44 -19.88 -16.60
CA GLU B 15 0.26 -21.30 -17.02
C GLU B 15 1.23 -22.19 -16.24
N GLY A 1 20.77 10.63 -10.41
CA GLY A 1 21.15 9.12 -10.57
C GLY A 1 21.79 8.41 -9.46
N SER A 2 21.99 9.08 -8.35
CA SER A 2 22.62 8.42 -7.17
C SER A 2 21.59 7.56 -6.45
N ARG A 3 21.94 6.33 -6.14
CA ARG A 3 20.98 5.43 -5.45
C ARG A 3 21.48 5.15 -4.03
N ARG A 4 21.97 6.16 -3.35
CA ARG A 4 22.48 5.96 -1.96
C ARG A 4 21.47 6.54 -0.95
N ALA A 5 20.20 6.40 -1.23
CA ALA A 5 19.16 6.94 -0.30
C ALA A 5 19.03 6.01 0.91
N SER A 6 18.56 6.53 2.02
CA SER A 6 18.40 5.67 3.24
C SER A 6 16.98 5.81 3.78
N VAL A 7 16.63 6.97 4.26
CA VAL A 7 15.26 7.18 4.82
C VAL A 7 14.43 8.00 3.83
N GLY A 8 13.15 7.77 3.77
CA GLY A 8 12.27 8.52 2.83
C GLY A 8 11.23 7.59 2.23
N SER A 9 10.31 7.11 3.03
CA SER A 9 9.26 6.19 2.50
C SER A 9 8.18 7.00 1.79
N MET A 10 7.38 6.33 0.99
CA MET A 10 6.28 7.04 0.27
C MET A 10 4.96 6.57 0.82
N GLU A 11 3.89 7.00 0.22
CA GLU A 11 2.57 6.59 0.69
C GLU A 11 1.78 6.13 -0.51
N ALA A 12 0.63 5.64 -0.29
CA ALA A 12 -0.22 5.18 -1.40
C ALA A 12 -1.69 5.27 -1.00
N ILE A 13 -2.41 6.10 -1.66
CA ILE A 13 -3.85 6.29 -1.34
C ILE A 13 -4.62 5.01 -1.50
N ALA A 14 -5.20 4.56 -0.44
CA ALA A 14 -6.06 3.34 -0.51
C ALA A 14 -7.34 3.75 -1.26
N LYS A 15 -7.54 3.24 -2.45
CA LYS A 15 -8.74 3.63 -3.24
C LYS A 15 -10.02 3.03 -2.64
N TYR A 16 -9.90 1.91 -1.94
CA TYR A 16 -11.12 1.27 -1.35
C TYR A 16 -10.78 0.59 -0.05
N ASP A 17 -11.72 -0.14 0.48
CA ASP A 17 -11.51 -0.84 1.76
C ASP A 17 -10.98 -2.27 1.52
N PHE A 18 -10.45 -2.88 2.55
CA PHE A 18 -9.91 -4.27 2.43
C PHE A 18 -9.30 -4.70 3.76
N LYS A 19 -8.74 -5.88 3.82
CA LYS A 19 -8.12 -6.36 5.10
C LYS A 19 -6.87 -7.15 4.80
N ALA A 20 -6.07 -7.36 5.82
CA ALA A 20 -4.82 -8.13 5.64
C ALA A 20 -5.19 -9.56 5.24
N THR A 21 -4.53 -10.11 4.25
CA THR A 21 -4.85 -11.51 3.81
C THR A 21 -3.65 -12.42 4.07
N ALA A 22 -2.98 -12.22 5.17
CA ALA A 22 -1.80 -13.07 5.51
C ALA A 22 -1.21 -12.62 6.82
N ASP A 23 -0.39 -13.44 7.38
CA ASP A 23 0.24 -13.13 8.67
C ASP A 23 1.17 -11.91 8.52
N ASP A 24 1.50 -11.53 7.30
CA ASP A 24 2.38 -10.37 7.11
C ASP A 24 1.73 -9.39 6.12
N GLU A 25 0.41 -9.29 6.16
CA GLU A 25 -0.28 -8.36 5.23
C GLU A 25 -0.82 -7.16 6.02
N LEU A 26 -1.39 -6.20 5.34
CA LEU A 26 -1.88 -4.98 6.06
C LEU A 26 -3.38 -4.73 5.80
N SER A 27 -4.14 -4.55 6.85
CA SER A 27 -5.56 -4.27 6.73
C SER A 27 -5.75 -2.76 6.53
N PHE A 28 -6.88 -2.34 5.99
CA PHE A 28 -7.10 -0.87 5.78
C PHE A 28 -8.51 -0.63 5.27
N LYS A 29 -8.89 0.62 5.16
CA LYS A 29 -10.26 0.95 4.67
C LYS A 29 -10.18 1.89 3.48
N ARG A 30 -11.30 2.28 2.97
CA ARG A 30 -11.33 3.20 1.82
C ARG A 30 -10.89 4.60 2.28
N GLY A 31 -9.79 5.07 1.76
CA GLY A 31 -9.29 6.41 2.18
C GLY A 31 -8.14 6.25 3.20
N ASP A 32 -7.72 5.04 3.46
CA ASP A 32 -6.64 4.81 4.41
C ASP A 32 -5.34 4.70 3.63
N ILE A 33 -4.63 5.76 3.53
CA ILE A 33 -3.36 5.73 2.76
C ILE A 33 -2.34 4.91 3.55
N LEU A 34 -1.57 4.12 2.87
CA LEU A 34 -0.56 3.26 3.57
C LEU A 34 0.81 3.92 3.51
N LYS A 35 1.68 3.54 4.42
CA LYS A 35 3.06 4.15 4.41
C LYS A 35 4.05 3.13 3.85
N VAL A 36 4.30 3.18 2.56
CA VAL A 36 5.24 2.19 1.94
C VAL A 36 6.60 2.19 2.64
N LEU A 37 6.88 1.15 3.39
CA LEU A 37 8.19 1.05 4.08
C LEU A 37 9.17 0.34 3.16
N ASN A 38 8.66 -0.56 2.33
CA ASN A 38 9.57 -1.29 1.40
C ASN A 38 8.80 -1.79 0.18
N GLU A 39 9.45 -1.82 -0.96
CA GLU A 39 8.77 -2.30 -2.20
C GLU A 39 9.31 -3.68 -2.55
N GLU A 40 9.13 -4.62 -1.65
CA GLU A 40 9.62 -6.01 -1.89
C GLU A 40 8.45 -6.90 -2.28
N CYS A 41 8.71 -8.17 -2.46
CA CYS A 41 7.62 -9.12 -2.85
C CYS A 41 7.10 -8.75 -4.24
N ASP A 42 5.99 -9.33 -4.62
CA ASP A 42 5.37 -9.09 -5.96
C ASP A 42 5.43 -7.63 -6.34
N GLN A 43 5.24 -7.35 -7.61
CA GLN A 43 5.28 -5.95 -8.07
C GLN A 43 3.87 -5.34 -8.06
N ASN A 44 2.96 -5.94 -7.32
CA ASN A 44 1.58 -5.41 -7.26
C ASN A 44 1.25 -5.00 -5.84
N TRP A 45 1.67 -5.78 -4.90
CA TRP A 45 1.42 -5.43 -3.47
C TRP A 45 2.70 -4.79 -2.88
N TYR A 46 2.57 -3.82 -2.01
CA TYR A 46 3.78 -3.15 -1.43
C TYR A 46 3.81 -3.29 0.09
N LYS A 47 4.98 -3.39 0.66
CA LYS A 47 5.07 -3.44 2.15
C LYS A 47 4.82 -2.01 2.65
N ALA A 48 4.03 -1.85 3.68
CA ALA A 48 3.72 -0.46 4.17
C ALA A 48 3.20 -0.48 5.55
N GLU A 49 2.77 0.65 6.03
CA GLU A 49 2.31 0.71 7.41
C GLU A 49 1.25 1.79 7.66
N LEU A 50 0.25 1.39 8.37
CA LEU A 50 -0.85 2.32 8.75
C LEU A 50 -0.75 2.76 10.16
N ASN A 51 -0.17 3.90 10.31
CA ASN A 51 -0.03 4.54 11.64
C ASN A 51 0.37 3.55 12.77
N GLY A 52 0.96 2.44 12.45
CA GLY A 52 1.35 1.46 13.52
C GLY A 52 1.36 0.04 12.97
N LYS A 53 0.40 -0.31 12.13
CA LYS A 53 0.38 -1.65 11.55
C LYS A 53 1.22 -1.64 10.34
N ASP A 54 1.38 -2.77 9.74
CA ASP A 54 2.19 -2.86 8.55
C ASP A 54 1.95 -4.18 7.78
N GLY A 55 2.66 -4.35 6.70
CA GLY A 55 2.53 -5.58 5.88
C GLY A 55 2.24 -5.21 4.41
N PHE A 56 2.29 -6.19 3.53
CA PHE A 56 2.05 -5.94 2.07
C PHE A 56 0.64 -5.38 1.87
N ILE A 57 0.41 -4.67 0.77
CA ILE A 57 -0.95 -4.11 0.51
C ILE A 57 -1.23 -4.22 -0.99
N PRO A 58 -2.35 -4.82 -1.40
CA PRO A 58 -2.66 -4.95 -2.82
C PRO A 58 -2.89 -3.59 -3.43
N LYS A 59 -1.98 -3.18 -4.27
CA LYS A 59 -2.07 -1.85 -4.94
C LYS A 59 -3.41 -1.66 -5.69
N ASN A 60 -4.14 -2.72 -5.98
CA ASN A 60 -5.42 -2.57 -6.69
C ASN A 60 -6.38 -1.69 -5.86
N TYR A 61 -6.27 -1.77 -4.57
CA TYR A 61 -7.11 -0.94 -3.66
C TYR A 61 -6.24 0.21 -3.20
N ILE A 62 -5.38 0.70 -4.07
CA ILE A 62 -4.48 1.79 -3.68
C ILE A 62 -3.94 2.50 -4.92
N GLU A 63 -3.18 3.54 -4.68
CA GLU A 63 -2.52 4.28 -5.74
C GLU A 63 -1.22 4.82 -5.16
N MET A 64 -0.27 5.11 -5.99
CA MET A 64 1.07 5.57 -5.50
C MET A 64 1.15 7.09 -5.32
N LYS A 65 1.14 7.56 -4.09
CA LYS A 65 1.25 8.98 -3.83
C LYS A 65 2.62 9.33 -3.25
N PRO A 66 3.05 10.57 -3.49
CA PRO A 66 4.32 11.06 -3.02
C PRO A 66 4.27 11.37 -1.53
N HIS A 67 3.69 12.49 -1.16
CA HIS A 67 3.62 12.88 0.28
C HIS A 67 2.80 14.19 0.41
N PRO A 68 1.66 14.16 1.11
CA PRO A 68 0.84 15.36 1.29
C PRO A 68 1.46 16.29 2.35
N GLU A 69 0.70 17.24 2.83
CA GLU A 69 1.25 18.18 3.86
C GLU A 69 1.52 17.41 5.16
N PHE A 70 2.53 17.80 5.88
CA PHE A 70 2.86 17.10 7.16
C PHE A 70 1.94 17.59 8.27
N ILE A 71 1.95 16.92 9.41
CA ILE A 71 1.07 17.34 10.53
C ILE A 71 1.50 18.72 11.03
N VAL A 72 0.62 19.69 10.97
CA VAL A 72 0.97 21.07 11.42
C VAL A 72 -0.02 21.52 12.50
N THR A 73 0.06 20.93 13.69
CA THR A 73 -0.86 21.32 14.79
C THR A 73 -0.34 22.60 15.46
N ASP A 74 0.94 22.66 15.73
CA ASP A 74 1.52 23.87 16.39
C ASP A 74 3.01 23.97 16.05
N SER B 1 -19.53 -6.38 -13.96
CA SER B 1 -19.13 -5.20 -13.14
C SER B 1 -19.84 -5.27 -11.77
N PRO B 2 -19.25 -6.01 -10.82
CA PRO B 2 -19.85 -6.14 -9.49
C PRO B 2 -19.54 -4.89 -8.64
N LEU B 3 -18.33 -4.78 -8.13
CA LEU B 3 -17.96 -3.59 -7.30
C LEU B 3 -16.51 -3.71 -6.85
N LEU B 4 -16.21 -4.67 -6.01
CA LEU B 4 -14.81 -4.86 -5.53
C LEU B 4 -14.55 -6.35 -5.25
N PRO B 5 -13.97 -7.07 -6.23
CA PRO B 5 -13.68 -8.50 -6.06
C PRO B 5 -12.43 -8.70 -5.20
N LYS B 6 -12.15 -9.93 -4.82
CA LYS B 6 -10.95 -10.21 -3.98
C LYS B 6 -9.67 -9.79 -4.75
N LEU B 7 -9.03 -10.69 -5.47
CA LEU B 7 -7.79 -10.33 -6.22
C LEU B 7 -7.20 -11.58 -6.91
N PRO B 8 -7.69 -11.88 -8.12
CA PRO B 8 -7.21 -13.05 -8.88
C PRO B 8 -5.86 -12.72 -9.58
N PRO B 9 -4.97 -13.71 -9.68
CA PRO B 9 -3.67 -13.50 -10.33
C PRO B 9 -3.83 -13.57 -11.86
N LYS B 10 -3.99 -12.43 -12.50
CA LYS B 10 -4.14 -12.43 -13.99
C LYS B 10 -5.39 -13.24 -14.38
N THR B 11 -5.50 -13.67 -15.61
CA THR B 11 -6.72 -14.45 -16.02
C THR B 11 -6.46 -15.25 -17.30
N TYR B 12 -5.85 -14.64 -18.30
CA TYR B 12 -5.61 -15.37 -19.59
C TYR B 12 -4.17 -15.15 -20.07
N LYS B 13 -3.39 -16.21 -20.14
CA LYS B 13 -1.98 -16.10 -20.63
C LYS B 13 -1.26 -17.44 -20.41
N ARG B 14 -1.62 -18.17 -19.39
CA ARG B 14 -0.96 -19.49 -19.13
C ARG B 14 -1.96 -20.44 -18.45
N GLU B 15 -2.67 -19.96 -17.46
CA GLU B 15 -3.65 -20.82 -16.75
C GLU B 15 -5.03 -20.16 -16.79
N GLY A 1 11.30 12.83 -8.18
CA GLY A 1 11.99 12.00 -9.31
C GLY A 1 12.68 10.76 -9.00
N SER A 2 13.89 10.60 -9.48
CA SER A 2 14.67 9.35 -9.20
C SER A 2 15.18 9.39 -7.75
N ARG A 3 15.19 8.25 -7.09
CA ARG A 3 15.69 8.20 -5.69
C ARG A 3 17.20 7.99 -5.68
N ARG A 4 17.86 8.37 -4.61
CA ARG A 4 19.34 8.19 -4.54
C ARG A 4 19.72 7.65 -3.16
N ALA A 5 19.38 8.38 -2.12
CA ALA A 5 19.72 7.92 -0.74
C ALA A 5 18.85 8.67 0.28
N SER A 6 17.55 8.64 0.10
CA SER A 6 16.64 9.36 1.04
C SER A 6 16.05 8.36 2.04
N VAL A 7 16.63 8.26 3.22
CA VAL A 7 16.11 7.31 4.24
C VAL A 7 14.73 7.76 4.72
N GLY A 8 13.68 7.15 4.22
CA GLY A 8 12.31 7.54 4.64
C GLY A 8 11.28 6.58 4.03
N SER A 9 10.24 7.10 3.44
CA SER A 9 9.20 6.22 2.82
C SER A 9 8.15 7.11 2.12
N MET A 10 7.34 6.50 1.28
CA MET A 10 6.27 7.26 0.58
C MET A 10 4.93 6.80 1.08
N GLU A 11 3.87 7.23 0.45
CA GLU A 11 2.55 6.80 0.89
C GLU A 11 1.81 6.30 -0.33
N ALA A 12 0.65 5.81 -0.12
CA ALA A 12 -0.17 5.30 -1.27
C ALA A 12 -1.65 5.33 -0.91
N ILE A 13 -2.38 6.13 -1.61
CA ILE A 13 -3.84 6.28 -1.33
C ILE A 13 -4.56 4.98 -1.52
N ALA A 14 -5.18 4.52 -0.46
CA ALA A 14 -6.00 3.29 -0.55
C ALA A 14 -7.29 3.65 -1.30
N LYS A 15 -7.46 3.16 -2.51
CA LYS A 15 -8.68 3.52 -3.29
C LYS A 15 -9.93 2.86 -2.70
N TYR A 16 -9.78 1.75 -2.02
CA TYR A 16 -10.98 1.06 -1.44
C TYR A 16 -10.65 0.46 -0.10
N ASP A 17 -11.57 -0.29 0.45
CA ASP A 17 -11.36 -0.91 1.78
C ASP A 17 -10.86 -2.36 1.61
N PHE A 18 -10.40 -2.97 2.68
CA PHE A 18 -9.89 -4.38 2.63
C PHE A 18 -9.16 -4.69 3.93
N LYS A 19 -8.65 -5.89 4.05
CA LYS A 19 -7.92 -6.27 5.30
C LYS A 19 -6.71 -7.12 4.97
N ALA A 20 -5.97 -7.51 5.97
CA ALA A 20 -4.78 -8.32 5.73
C ALA A 20 -5.21 -9.74 5.38
N THR A 21 -4.60 -10.34 4.38
CA THR A 21 -4.99 -11.73 3.99
C THR A 21 -3.81 -12.67 4.25
N ALA A 22 -3.10 -12.45 5.32
CA ALA A 22 -1.94 -13.33 5.65
C ALA A 22 -1.28 -12.85 6.91
N ASP A 23 -0.36 -13.62 7.39
CA ASP A 23 0.35 -13.26 8.63
C ASP A 23 1.33 -12.10 8.37
N ASP A 24 1.51 -11.72 7.12
CA ASP A 24 2.43 -10.62 6.80
C ASP A 24 1.73 -9.63 5.87
N GLU A 25 0.42 -9.56 5.92
CA GLU A 25 -0.30 -8.61 5.03
C GLU A 25 -0.77 -7.42 5.86
N LEU A 26 -1.32 -6.41 5.23
CA LEU A 26 -1.75 -5.19 5.98
C LEU A 26 -3.24 -4.92 5.73
N SER A 27 -3.90 -4.36 6.72
CA SER A 27 -5.34 -4.04 6.58
C SER A 27 -5.54 -2.53 6.46
N PHE A 28 -6.62 -2.12 5.85
CA PHE A 28 -6.89 -0.66 5.70
C PHE A 28 -8.30 -0.46 5.14
N LYS A 29 -8.78 0.76 5.11
CA LYS A 29 -10.16 1.01 4.60
C LYS A 29 -10.11 1.92 3.38
N ARG A 30 -11.25 2.24 2.85
CA ARG A 30 -11.32 3.13 1.67
C ARG A 30 -10.98 4.55 2.10
N GLY A 31 -9.86 5.06 1.65
CA GLY A 31 -9.45 6.44 2.05
C GLY A 31 -8.32 6.37 3.10
N ASP A 32 -7.83 5.18 3.39
CA ASP A 32 -6.76 5.03 4.36
C ASP A 32 -5.46 4.88 3.61
N ILE A 33 -4.72 5.94 3.53
CA ILE A 33 -3.43 5.88 2.79
C ILE A 33 -2.41 5.12 3.63
N LEU A 34 -1.60 4.31 3.00
CA LEU A 34 -0.60 3.49 3.75
C LEU A 34 0.78 4.16 3.69
N LYS A 35 1.65 3.81 4.61
CA LYS A 35 3.03 4.41 4.61
C LYS A 35 4.01 3.40 4.01
N VAL A 36 4.21 3.45 2.72
CA VAL A 36 5.14 2.47 2.06
C VAL A 36 6.53 2.51 2.68
N LEU A 37 6.85 1.53 3.49
CA LEU A 37 8.20 1.47 4.11
C LEU A 37 9.12 0.76 3.12
N ASN A 38 8.57 -0.17 2.36
CA ASN A 38 9.42 -0.91 1.37
C ASN A 38 8.54 -1.43 0.22
N GLU A 39 9.13 -2.14 -0.70
CA GLU A 39 8.36 -2.70 -1.85
C GLU A 39 8.74 -4.18 -2.04
N GLU A 40 8.52 -4.97 -1.03
CA GLU A 40 8.87 -6.42 -1.11
C GLU A 40 7.68 -7.20 -1.66
N CYS A 41 7.81 -8.50 -1.76
CA CYS A 41 6.69 -9.35 -2.29
C CYS A 41 6.50 -9.06 -3.76
N ASP A 42 5.42 -9.53 -4.32
CA ASP A 42 5.12 -9.34 -5.77
C ASP A 42 5.36 -7.91 -6.20
N GLN A 43 5.36 -7.69 -7.48
CA GLN A 43 5.59 -6.33 -7.98
C GLN A 43 4.24 -5.58 -8.10
N ASN A 44 3.19 -6.12 -7.50
CA ASN A 44 1.86 -5.45 -7.56
C ASN A 44 1.40 -5.04 -6.18
N TRP A 45 1.93 -5.63 -5.15
CA TRP A 45 1.52 -5.24 -3.76
C TRP A 45 2.67 -4.46 -3.11
N TYR A 46 2.35 -3.38 -2.43
CA TYR A 46 3.41 -2.56 -1.77
C TYR A 46 3.60 -2.98 -0.32
N LYS A 47 4.68 -2.59 0.27
CA LYS A 47 4.92 -2.88 1.72
C LYS A 47 4.75 -1.54 2.44
N ALA A 48 3.79 -1.42 3.32
CA ALA A 48 3.56 -0.10 3.98
C ALA A 48 3.10 -0.24 5.38
N GLU A 49 2.73 0.86 5.99
CA GLU A 49 2.34 0.80 7.39
C GLU A 49 1.34 1.91 7.77
N LEU A 50 0.36 1.51 8.49
CA LEU A 50 -0.68 2.46 8.98
C LEU A 50 -0.50 2.78 10.42
N ASN A 51 0.12 3.88 10.63
CA ASN A 51 0.35 4.41 12.00
C ASN A 51 0.74 3.33 13.04
N GLY A 52 1.27 2.22 12.62
CA GLY A 52 1.65 1.16 13.61
C GLY A 52 1.59 -0.23 12.96
N LYS A 53 0.62 -0.46 12.10
CA LYS A 53 0.53 -1.75 11.43
C LYS A 53 1.31 -1.66 10.18
N ASP A 54 1.44 -2.75 9.50
CA ASP A 54 2.21 -2.75 8.26
C ASP A 54 2.07 -4.09 7.50
N GLY A 55 2.79 -4.22 6.43
CA GLY A 55 2.77 -5.48 5.64
C GLY A 55 2.40 -5.21 4.18
N PHE A 56 2.34 -6.26 3.38
CA PHE A 56 2.01 -6.10 1.92
C PHE A 56 0.60 -5.54 1.73
N ILE A 57 0.34 -4.93 0.58
CA ILE A 57 -1.01 -4.39 0.30
C ILE A 57 -1.23 -4.48 -1.21
N PRO A 58 -2.36 -5.02 -1.66
CA PRO A 58 -2.60 -5.12 -3.09
C PRO A 58 -2.82 -3.73 -3.67
N LYS A 59 -1.92 -3.32 -4.51
CA LYS A 59 -1.98 -1.97 -5.14
C LYS A 59 -3.33 -1.72 -5.86
N ASN A 60 -4.11 -2.74 -6.14
CA ASN A 60 -5.39 -2.54 -6.83
C ASN A 60 -6.31 -1.68 -5.96
N TYR A 61 -6.18 -1.81 -4.67
CA TYR A 61 -6.98 -1.00 -3.73
C TYR A 61 -6.11 0.15 -3.27
N ILE A 62 -5.25 0.63 -4.14
CA ILE A 62 -4.35 1.73 -3.73
C ILE A 62 -3.80 2.48 -4.95
N GLU A 63 -3.04 3.51 -4.65
CA GLU A 63 -2.36 4.30 -5.67
C GLU A 63 -1.09 4.87 -5.03
N MET A 64 -0.13 5.22 -5.82
CA MET A 64 1.18 5.70 -5.25
C MET A 64 1.25 7.23 -5.10
N LYS A 65 1.22 7.72 -3.87
CA LYS A 65 1.32 9.15 -3.63
C LYS A 65 2.71 9.50 -3.07
N PRO A 66 3.14 10.73 -3.35
CA PRO A 66 4.43 11.20 -2.90
C PRO A 66 4.44 11.51 -1.40
N HIS A 67 4.03 12.71 -1.02
CA HIS A 67 4.02 13.08 0.43
C HIS A 67 2.92 14.16 0.68
N PRO A 68 1.82 13.78 1.34
CA PRO A 68 0.73 14.73 1.61
C PRO A 68 1.11 15.66 2.78
N GLU A 69 2.00 15.21 3.65
CA GLU A 69 2.40 16.07 4.81
C GLU A 69 3.90 16.30 4.77
N PHE A 70 4.40 17.18 5.62
CA PHE A 70 5.87 17.46 5.64
C PHE A 70 6.26 18.04 7.00
N ILE A 71 5.64 17.57 8.05
CA ILE A 71 5.97 18.09 9.42
C ILE A 71 5.66 17.01 10.46
N VAL A 72 5.85 17.34 11.72
CA VAL A 72 5.56 16.34 12.79
C VAL A 72 5.05 17.07 14.04
N THR A 73 4.11 16.47 14.75
CA THR A 73 3.57 17.12 15.98
C THR A 73 4.01 16.33 17.21
N ASP A 74 5.22 16.55 17.67
CA ASP A 74 5.72 15.82 18.86
C ASP A 74 5.29 16.56 20.13
N SER B 1 -18.76 -10.31 -14.17
CA SER B 1 -17.53 -10.98 -13.68
C SER B 1 -17.00 -10.25 -12.42
N PRO B 2 -16.07 -10.88 -11.70
CA PRO B 2 -15.51 -10.29 -10.48
C PRO B 2 -14.49 -9.21 -10.84
N LEU B 3 -14.51 -8.11 -10.14
CA LEU B 3 -13.53 -7.01 -10.44
C LEU B 3 -12.92 -6.50 -9.14
N LEU B 4 -13.69 -5.82 -8.32
CA LEU B 4 -13.15 -5.28 -7.03
C LEU B 4 -13.04 -6.42 -5.99
N PRO B 5 -14.16 -7.12 -5.73
CA PRO B 5 -14.15 -8.21 -4.74
C PRO B 5 -13.50 -9.48 -5.29
N LYS B 6 -12.19 -9.52 -5.31
CA LYS B 6 -11.47 -10.74 -5.82
C LYS B 6 -9.96 -10.50 -5.72
N LEU B 7 -9.33 -11.07 -4.71
CA LEU B 7 -7.85 -10.89 -4.56
C LEU B 7 -7.16 -12.28 -4.48
N PRO B 8 -7.10 -12.99 -5.60
CA PRO B 8 -6.47 -14.31 -5.64
C PRO B 8 -4.93 -14.17 -5.70
N PRO B 9 -4.21 -15.27 -5.50
CA PRO B 9 -2.74 -15.24 -5.55
C PRO B 9 -2.26 -15.21 -7.00
N LYS B 10 -3.02 -15.77 -7.90
CA LYS B 10 -2.63 -15.77 -9.34
C LYS B 10 -3.73 -15.11 -10.17
N THR B 11 -3.42 -14.06 -10.88
CA THR B 11 -4.45 -13.37 -11.70
C THR B 11 -5.00 -14.34 -12.76
N TYR B 12 -4.28 -14.53 -13.85
CA TYR B 12 -4.76 -15.46 -14.91
C TYR B 12 -3.72 -15.51 -16.04
N LYS B 13 -2.46 -15.47 -15.70
CA LYS B 13 -1.39 -15.52 -16.75
C LYS B 13 -0.04 -15.78 -16.08
N ARG B 14 0.27 -17.02 -15.80
CA ARG B 14 1.57 -17.35 -15.15
C ARG B 14 1.90 -18.83 -15.39
N GLU B 15 1.00 -19.71 -15.03
CA GLU B 15 1.25 -21.17 -15.22
C GLU B 15 -0.06 -21.87 -15.58
N GLY A 1 24.62 9.57 -8.42
CA GLY A 1 24.78 9.57 -6.86
C GLY A 1 23.63 9.84 -6.02
N SER A 2 23.86 10.22 -4.78
CA SER A 2 22.72 10.52 -3.85
C SER A 2 23.04 11.78 -3.06
N ARG A 3 22.05 12.32 -2.39
CA ARG A 3 22.28 13.57 -1.59
C ARG A 3 22.20 13.23 -0.09
N ARG A 4 22.36 14.21 0.76
CA ARG A 4 22.29 13.96 2.23
C ARG A 4 21.02 14.59 2.80
N ALA A 5 19.89 13.97 2.57
CA ALA A 5 18.61 14.53 3.10
C ALA A 5 18.19 13.73 4.35
N SER A 6 17.06 14.06 4.92
CA SER A 6 16.59 13.32 6.14
C SER A 6 15.77 12.11 5.72
N VAL A 7 15.47 11.23 6.64
CA VAL A 7 14.67 10.01 6.31
C VAL A 7 13.21 10.42 6.13
N GLY A 8 12.48 9.74 5.28
CA GLY A 8 11.05 10.08 5.05
C GLY A 8 10.46 9.16 3.98
N SER A 9 9.55 8.31 4.37
CA SER A 9 8.92 7.37 3.39
C SER A 9 7.76 8.08 2.69
N MET A 10 7.11 7.40 1.79
CA MET A 10 5.96 8.00 1.07
C MET A 10 4.68 7.33 1.51
N GLU A 11 3.59 7.69 0.90
CA GLU A 11 2.32 7.10 1.26
C GLU A 11 1.65 6.65 -0.01
N ALA A 12 0.53 6.05 0.12
CA ALA A 12 -0.21 5.58 -1.08
C ALA A 12 -1.70 5.49 -0.77
N ILE A 13 -2.46 6.30 -1.43
CA ILE A 13 -3.94 6.36 -1.17
C ILE A 13 -4.62 5.04 -1.37
N ALA A 14 -5.28 4.58 -0.35
CA ALA A 14 -6.06 3.31 -0.47
C ALA A 14 -7.35 3.63 -1.26
N LYS A 15 -7.35 3.36 -2.54
CA LYS A 15 -8.53 3.67 -3.39
C LYS A 15 -9.79 2.98 -2.83
N TYR A 16 -9.64 1.86 -2.17
CA TYR A 16 -10.84 1.15 -1.62
C TYR A 16 -10.50 0.50 -0.29
N ASP A 17 -11.42 -0.27 0.22
CA ASP A 17 -11.22 -0.94 1.51
C ASP A 17 -10.63 -2.35 1.28
N PHE A 18 -10.19 -2.99 2.32
CA PHE A 18 -9.58 -4.35 2.20
C PHE A 18 -9.06 -4.78 3.57
N LYS A 19 -8.51 -5.96 3.67
CA LYS A 19 -7.98 -6.43 4.99
C LYS A 19 -6.70 -7.19 4.79
N ALA A 20 -5.97 -7.38 5.85
CA ALA A 20 -4.70 -8.10 5.76
C ALA A 20 -5.02 -9.57 5.50
N THR A 21 -4.44 -10.15 4.49
CA THR A 21 -4.72 -11.59 4.17
C THR A 21 -3.51 -12.44 4.53
N ALA A 22 -2.93 -12.16 5.68
CA ALA A 22 -1.74 -12.94 6.13
C ALA A 22 -1.17 -12.28 7.36
N ASP A 23 -0.36 -13.00 8.05
CA ASP A 23 0.27 -12.47 9.28
C ASP A 23 1.18 -11.29 8.91
N ASP A 24 1.66 -11.26 7.69
CA ASP A 24 2.54 -10.18 7.26
C ASP A 24 1.83 -9.25 6.24
N GLU A 25 0.52 -9.14 6.32
CA GLU A 25 -0.21 -8.26 5.35
C GLU A 25 -0.77 -7.05 6.11
N LEU A 26 -1.40 -6.14 5.42
CA LEU A 26 -1.92 -4.91 6.10
C LEU A 26 -3.42 -4.71 5.85
N SER A 27 -4.17 -4.45 6.91
CA SER A 27 -5.59 -4.21 6.79
C SER A 27 -5.82 -2.69 6.61
N PHE A 28 -6.91 -2.30 5.99
CA PHE A 28 -7.17 -0.85 5.79
C PHE A 28 -8.57 -0.65 5.20
N LYS A 29 -9.01 0.57 5.09
CA LYS A 29 -10.36 0.84 4.52
C LYS A 29 -10.24 1.78 3.34
N ARG A 30 -11.35 2.07 2.72
CA ARG A 30 -11.34 2.99 1.57
C ARG A 30 -11.11 4.41 2.08
N GLY A 31 -9.97 4.98 1.77
CA GLY A 31 -9.66 6.36 2.27
C GLY A 31 -8.52 6.27 3.31
N ASP A 32 -7.99 5.09 3.56
CA ASP A 32 -6.91 4.95 4.51
C ASP A 32 -5.61 4.84 3.74
N ILE A 33 -4.87 5.90 3.72
CA ILE A 33 -3.58 5.88 2.97
C ILE A 33 -2.54 5.10 3.77
N LEU A 34 -1.83 4.20 3.11
CA LEU A 34 -0.80 3.36 3.80
C LEU A 34 0.57 4.03 3.75
N LYS A 35 1.48 3.61 4.60
CA LYS A 35 2.87 4.21 4.59
C LYS A 35 3.78 3.27 3.81
N VAL A 36 4.14 3.60 2.60
CA VAL A 36 5.01 2.66 1.81
C VAL A 36 6.33 2.40 2.57
N LEU A 37 6.46 1.19 3.04
CA LEU A 37 7.65 0.78 3.82
C LEU A 37 8.77 0.30 2.89
N ASN A 38 8.45 -0.60 1.98
CA ASN A 38 9.52 -1.13 1.07
C ASN A 38 8.94 -1.79 -0.18
N GLU A 39 9.81 -2.06 -1.12
CA GLU A 39 9.40 -2.73 -2.39
C GLU A 39 9.67 -4.22 -2.27
N GLU A 40 9.75 -4.90 -3.38
CA GLU A 40 10.00 -6.40 -3.41
C GLU A 40 8.69 -7.11 -3.17
N CYS A 41 8.73 -8.42 -3.03
CA CYS A 41 7.47 -9.22 -2.83
C CYS A 41 6.68 -9.20 -4.11
N ASP A 42 5.41 -9.54 -4.03
CA ASP A 42 4.52 -9.58 -5.24
C ASP A 42 4.78 -8.43 -6.19
N GLN A 43 4.40 -8.59 -7.42
CA GLN A 43 4.63 -7.52 -8.41
C GLN A 43 3.43 -6.58 -8.46
N ASN A 44 2.58 -6.61 -7.46
CA ASN A 44 1.38 -5.71 -7.47
C ASN A 44 0.99 -5.28 -6.06
N TRP A 45 1.78 -5.60 -5.05
CA TRP A 45 1.43 -5.16 -3.65
C TRP A 45 2.67 -4.47 -3.03
N TYR A 46 2.46 -3.38 -2.33
CA TYR A 46 3.61 -2.65 -1.69
C TYR A 46 3.72 -3.01 -0.21
N LYS A 47 4.91 -3.12 0.31
CA LYS A 47 5.04 -3.32 1.78
C LYS A 47 4.69 -1.96 2.38
N ALA A 48 4.12 -1.89 3.58
CA ALA A 48 3.75 -0.54 4.14
C ALA A 48 3.22 -0.66 5.51
N GLU A 49 2.75 0.45 6.05
CA GLU A 49 2.28 0.40 7.43
C GLU A 49 1.31 1.55 7.76
N LEU A 50 0.30 1.20 8.46
CA LEU A 50 -0.74 2.18 8.91
C LEU A 50 -0.56 2.56 10.33
N ASN A 51 0.10 3.64 10.52
CA ASN A 51 0.32 4.21 11.89
C ASN A 51 0.60 3.15 12.99
N GLY A 52 1.10 2.01 12.64
CA GLY A 52 1.36 0.96 13.68
C GLY A 52 1.29 -0.43 13.04
N LYS A 53 0.29 -0.67 12.23
CA LYS A 53 0.18 -1.96 11.56
C LYS A 53 1.10 -1.92 10.39
N ASP A 54 1.32 -3.03 9.81
CA ASP A 54 2.22 -3.09 8.67
C ASP A 54 1.99 -4.33 7.80
N GLY A 55 2.79 -4.46 6.77
CA GLY A 55 2.69 -5.64 5.87
C GLY A 55 2.35 -5.20 4.44
N PHE A 56 2.28 -6.15 3.55
CA PHE A 56 2.00 -5.85 2.11
C PHE A 56 0.56 -5.38 1.90
N ILE A 57 0.33 -4.65 0.84
CA ILE A 57 -1.05 -4.18 0.52
C ILE A 57 -1.23 -4.27 -1.02
N PRO A 58 -2.39 -4.72 -1.49
CA PRO A 58 -2.62 -4.83 -2.93
C PRO A 58 -2.76 -3.45 -3.56
N LYS A 59 -1.74 -3.06 -4.27
CA LYS A 59 -1.69 -1.73 -4.96
C LYS A 59 -2.92 -1.50 -5.86
N ASN A 60 -3.65 -2.53 -6.23
CA ASN A 60 -4.83 -2.34 -7.09
C ASN A 60 -5.86 -1.48 -6.38
N TYR A 61 -5.91 -1.58 -5.08
CA TYR A 61 -6.83 -0.74 -4.28
C TYR A 61 -6.02 0.39 -3.70
N ILE A 62 -5.04 0.85 -4.44
CA ILE A 62 -4.18 1.91 -3.91
C ILE A 62 -3.52 2.71 -5.03
N GLU A 63 -2.87 3.77 -4.66
CA GLU A 63 -2.13 4.61 -5.60
C GLU A 63 -0.96 5.21 -4.83
N MET A 64 0.09 5.52 -5.52
CA MET A 64 1.32 6.05 -4.84
C MET A 64 1.33 7.58 -4.76
N LYS A 65 1.17 8.13 -3.59
CA LYS A 65 1.19 9.57 -3.43
C LYS A 65 2.45 10.01 -2.67
N PRO A 66 2.89 11.25 -2.94
CA PRO A 66 4.06 11.80 -2.32
C PRO A 66 3.76 12.27 -0.89
N HIS A 67 3.10 13.40 -0.76
CA HIS A 67 2.78 13.94 0.59
C HIS A 67 1.53 14.85 0.49
N PRO A 68 0.35 14.33 0.83
CA PRO A 68 -0.89 15.11 0.75
C PRO A 68 -0.99 16.08 1.94
N GLU A 69 -0.35 15.77 3.05
CA GLU A 69 -0.41 16.67 4.23
C GLU A 69 0.99 17.18 4.56
N PHE A 70 1.09 18.32 5.20
CA PHE A 70 2.42 18.89 5.56
C PHE A 70 2.48 19.12 7.07
N ILE A 71 1.71 20.05 7.56
CA ILE A 71 1.71 20.35 9.02
C ILE A 71 0.27 20.55 9.50
N VAL A 72 -0.02 20.13 10.72
CA VAL A 72 -1.40 20.31 11.25
C VAL A 72 -1.72 21.79 11.45
N THR A 73 -2.79 22.26 10.87
CA THR A 73 -3.17 23.70 11.01
C THR A 73 -3.76 23.93 12.40
N ASP A 74 -4.38 22.93 12.98
CA ASP A 74 -4.98 23.09 14.33
C ASP A 74 -4.41 22.02 15.28
N SER B 1 -16.65 0.18 -9.25
CA SER B 1 -16.95 -1.25 -9.52
C SER B 1 -18.31 -1.62 -8.86
N PRO B 2 -19.04 -2.57 -9.45
CA PRO B 2 -20.33 -2.99 -8.92
C PRO B 2 -20.16 -3.97 -7.75
N LEU B 3 -18.98 -4.52 -7.56
CA LEU B 3 -18.76 -5.49 -6.45
C LEU B 3 -17.26 -5.69 -6.21
N LEU B 4 -16.87 -5.81 -4.96
CA LEU B 4 -15.41 -6.02 -4.64
C LEU B 4 -15.27 -7.30 -3.80
N PRO B 5 -15.06 -8.45 -4.46
CA PRO B 5 -14.92 -9.73 -3.76
C PRO B 5 -13.51 -9.86 -3.16
N LYS B 6 -12.53 -10.24 -3.94
CA LYS B 6 -11.15 -10.40 -3.41
C LYS B 6 -10.13 -10.10 -4.51
N LEU B 7 -8.88 -10.44 -4.28
CA LEU B 7 -7.82 -10.17 -5.30
C LEU B 7 -7.04 -11.48 -5.59
N PRO B 8 -7.45 -12.21 -6.63
CA PRO B 8 -6.77 -13.46 -7.00
C PRO B 8 -5.46 -13.15 -7.77
N PRO B 9 -4.32 -13.68 -7.30
CA PRO B 9 -3.04 -13.43 -7.97
C PRO B 9 -2.89 -14.31 -9.21
N LYS B 10 -1.85 -14.11 -9.98
CA LYS B 10 -1.64 -14.92 -11.22
C LYS B 10 -2.82 -14.73 -12.17
N THR B 11 -2.74 -15.30 -13.35
CA THR B 11 -3.86 -15.15 -14.33
C THR B 11 -4.20 -16.52 -14.92
N TYR B 12 -3.25 -17.16 -15.56
CA TYR B 12 -3.51 -18.50 -16.15
C TYR B 12 -2.19 -19.16 -16.55
N LYS B 13 -1.46 -18.55 -17.45
CA LYS B 13 -0.16 -19.13 -17.89
C LYS B 13 0.82 -19.12 -16.71
N ARG B 14 2.00 -19.69 -16.91
CA ARG B 14 3.04 -19.74 -15.81
C ARG B 14 2.67 -20.84 -14.79
N GLU B 15 1.72 -20.59 -13.91
CA GLU B 15 1.33 -21.62 -12.91
C GLU B 15 0.15 -21.10 -12.08
N GLY A 1 19.89 1.73 -4.75
CA GLY A 1 19.80 3.11 -4.06
C GLY A 1 20.77 3.49 -3.02
N SER A 2 21.48 2.52 -2.48
CA SER A 2 22.49 2.81 -1.41
C SER A 2 21.80 3.51 -0.22
N ARG A 3 21.26 2.73 0.68
CA ARG A 3 20.58 3.34 1.87
C ARG A 3 21.62 3.70 2.93
N ARG A 4 21.81 4.98 3.17
CA ARG A 4 22.82 5.41 4.20
C ARG A 4 22.08 5.96 5.42
N ALA A 5 20.92 5.42 5.71
CA ALA A 5 20.14 5.90 6.89
C ALA A 5 18.95 4.96 7.12
N SER A 6 17.98 5.40 7.89
CA SER A 6 16.78 4.54 8.15
C SER A 6 15.51 5.40 8.21
N VAL A 7 15.39 6.33 7.29
CA VAL A 7 14.19 7.21 7.28
C VAL A 7 13.95 7.74 5.87
N GLY A 8 12.97 7.22 5.17
CA GLY A 8 12.68 7.70 3.79
C GLY A 8 11.68 6.77 3.10
N SER A 9 10.43 6.85 3.49
CA SER A 9 9.38 5.98 2.85
C SER A 9 8.33 6.86 2.18
N MET A 10 7.42 6.26 1.48
CA MET A 10 6.35 7.04 0.80
C MET A 10 5.01 6.58 1.31
N GLU A 11 3.95 7.07 0.72
CA GLU A 11 2.63 6.66 1.14
C GLU A 11 1.91 6.16 -0.08
N ALA A 12 0.76 5.65 0.08
CA ALA A 12 -0.02 5.16 -1.08
C ALA A 12 -1.50 5.19 -0.76
N ILE A 13 -2.21 6.01 -1.48
CA ILE A 13 -3.66 6.17 -1.26
C ILE A 13 -4.41 4.88 -1.44
N ALA A 14 -5.09 4.48 -0.40
CA ALA A 14 -5.94 3.26 -0.49
C ALA A 14 -7.17 3.64 -1.33
N LYS A 15 -7.22 3.22 -2.56
CA LYS A 15 -8.38 3.60 -3.44
C LYS A 15 -9.69 3.04 -2.88
N TYR A 16 -9.64 1.94 -2.17
CA TYR A 16 -10.91 1.33 -1.63
C TYR A 16 -10.65 0.67 -0.31
N ASP A 17 -11.64 -0.01 0.20
CA ASP A 17 -11.50 -0.68 1.50
C ASP A 17 -11.00 -2.12 1.31
N PHE A 18 -10.52 -2.74 2.37
CA PHE A 18 -9.99 -4.13 2.28
C PHE A 18 -9.34 -4.49 3.62
N LYS A 19 -8.79 -5.67 3.72
CA LYS A 19 -8.14 -6.08 4.99
C LYS A 19 -6.88 -6.86 4.72
N ALA A 20 -6.29 -7.36 5.75
CA ALA A 20 -5.04 -8.14 5.60
C ALA A 20 -5.43 -9.57 5.21
N THR A 21 -4.74 -10.17 4.27
CA THR A 21 -5.08 -11.57 3.86
C THR A 21 -3.91 -12.50 4.14
N ALA A 22 -3.33 -12.39 5.31
CA ALA A 22 -2.17 -13.26 5.67
C ALA A 22 -1.69 -12.91 7.06
N ASP A 23 -0.72 -13.62 7.52
CA ASP A 23 -0.16 -13.37 8.86
C ASP A 23 0.82 -12.19 8.83
N ASP A 24 1.04 -11.61 7.66
CA ASP A 24 1.95 -10.48 7.56
C ASP A 24 1.39 -9.45 6.58
N GLU A 25 0.08 -9.38 6.48
CA GLU A 25 -0.55 -8.42 5.54
C GLU A 25 -1.05 -7.21 6.32
N LEU A 26 -1.56 -6.22 5.64
CA LEU A 26 -2.05 -4.99 6.33
C LEU A 26 -3.45 -4.61 5.84
N SER A 27 -4.36 -4.37 6.76
CA SER A 27 -5.72 -3.99 6.42
C SER A 27 -5.83 -2.47 6.27
N PHE A 28 -6.94 -2.01 5.73
CA PHE A 28 -7.14 -0.53 5.57
C PHE A 28 -8.52 -0.31 4.94
N LYS A 29 -9.01 0.90 4.94
CA LYS A 29 -10.36 1.18 4.36
C LYS A 29 -10.23 2.11 3.16
N ARG A 30 -11.34 2.43 2.56
CA ARG A 30 -11.33 3.34 1.39
C ARG A 30 -11.00 4.75 1.86
N GLY A 31 -9.84 5.24 1.53
CA GLY A 31 -9.44 6.61 1.97
C GLY A 31 -8.35 6.51 3.06
N ASP A 32 -7.89 5.32 3.37
CA ASP A 32 -6.86 5.15 4.37
C ASP A 32 -5.54 4.95 3.65
N ILE A 33 -4.73 5.96 3.61
CA ILE A 33 -3.43 5.85 2.91
C ILE A 33 -2.45 5.07 3.80
N LEU A 34 -1.59 4.29 3.20
CA LEU A 34 -0.62 3.47 4.00
C LEU A 34 0.78 4.07 3.93
N LYS A 35 1.66 3.68 4.83
CA LYS A 35 3.07 4.21 4.81
C LYS A 35 3.98 3.16 4.20
N VAL A 36 4.17 3.21 2.90
CA VAL A 36 5.02 2.18 2.23
C VAL A 36 6.44 2.23 2.77
N LEU A 37 6.75 1.33 3.67
CA LEU A 37 8.14 1.26 4.21
C LEU A 37 8.99 0.43 3.24
N ASN A 38 8.36 -0.22 2.26
CA ASN A 38 9.14 -1.03 1.30
C ASN A 38 8.32 -1.29 0.03
N GLU A 39 8.95 -1.16 -1.12
CA GLU A 39 8.24 -1.41 -2.40
C GLU A 39 9.14 -2.23 -3.32
N GLU A 40 9.61 -3.34 -2.82
CA GLU A 40 10.50 -4.21 -3.64
C GLU A 40 9.65 -5.05 -4.57
N CYS A 41 10.25 -5.91 -5.34
CA CYS A 41 9.47 -6.76 -6.29
C CYS A 41 8.40 -7.55 -5.51
N ASP A 42 7.32 -7.87 -6.16
CA ASP A 42 6.23 -8.59 -5.51
C ASP A 42 5.15 -8.86 -6.53
N GLN A 43 4.07 -9.47 -6.13
CA GLN A 43 2.99 -9.77 -7.07
C GLN A 43 2.00 -8.59 -7.11
N ASN A 44 2.52 -7.37 -7.24
CA ASN A 44 1.67 -6.11 -7.29
C ASN A 44 1.10 -5.73 -5.92
N TRP A 45 1.79 -6.04 -4.86
CA TRP A 45 1.33 -5.61 -3.48
C TRP A 45 2.49 -4.84 -2.82
N TYR A 46 2.21 -3.70 -2.24
CA TYR A 46 3.30 -2.89 -1.57
C TYR A 46 3.56 -3.44 -0.17
N LYS A 47 4.43 -2.80 0.57
CA LYS A 47 4.73 -3.21 1.97
C LYS A 47 4.66 -1.92 2.79
N ALA A 48 3.51 -1.61 3.35
CA ALA A 48 3.36 -0.31 4.09
C ALA A 48 2.92 -0.48 5.51
N GLU A 49 2.62 0.64 6.15
CA GLU A 49 2.27 0.60 7.55
C GLU A 49 1.26 1.69 7.93
N LEU A 50 0.29 1.28 8.64
CA LEU A 50 -0.77 2.23 9.10
C LEU A 50 -0.57 2.65 10.52
N ASN A 51 0.04 3.76 10.66
CA ASN A 51 0.28 4.38 11.99
C ASN A 51 0.71 3.36 13.08
N GLY A 52 1.28 2.25 12.71
CA GLY A 52 1.70 1.25 13.75
C GLY A 52 1.67 -0.15 13.15
N LYS A 53 0.67 -0.46 12.36
CA LYS A 53 0.58 -1.77 11.73
C LYS A 53 1.40 -1.72 10.49
N ASP A 54 1.63 -2.84 9.91
CA ASP A 54 2.42 -2.89 8.71
C ASP A 54 2.28 -4.23 7.97
N GLY A 55 2.96 -4.36 6.85
CA GLY A 55 2.92 -5.62 6.07
C GLY A 55 2.63 -5.33 4.61
N PHE A 56 2.28 -6.35 3.86
CA PHE A 56 2.01 -6.16 2.40
C PHE A 56 0.59 -5.64 2.19
N ILE A 57 0.28 -5.21 0.97
CA ILE A 57 -1.08 -4.68 0.69
C ILE A 57 -1.33 -4.79 -0.84
N PRO A 58 -2.49 -5.25 -1.26
CA PRO A 58 -2.78 -5.36 -2.69
C PRO A 58 -2.89 -3.98 -3.33
N LYS A 59 -1.93 -3.68 -4.15
CA LYS A 59 -1.85 -2.37 -4.86
C LYS A 59 -3.14 -2.04 -5.65
N ASN A 60 -3.99 -3.02 -5.91
CA ASN A 60 -5.21 -2.75 -6.66
C ASN A 60 -6.11 -1.82 -5.86
N TYR A 61 -6.05 -1.92 -4.56
CA TYR A 61 -6.85 -1.04 -3.69
C TYR A 61 -5.98 0.09 -3.23
N ILE A 62 -4.99 0.44 -4.00
CA ILE A 62 -4.09 1.52 -3.58
C ILE A 62 -3.39 2.17 -4.78
N GLU A 63 -2.67 3.21 -4.49
CA GLU A 63 -1.88 3.90 -5.50
C GLU A 63 -0.71 4.53 -4.76
N MET A 64 0.40 4.67 -5.41
CA MET A 64 1.62 5.23 -4.70
C MET A 64 1.71 6.75 -4.84
N LYS A 65 1.50 7.44 -3.74
CA LYS A 65 1.57 8.88 -3.74
C LYS A 65 2.71 9.36 -2.85
N PRO A 66 3.10 10.62 -3.05
CA PRO A 66 4.17 11.21 -2.29
C PRO A 66 3.69 11.59 -0.89
N HIS A 67 4.45 12.39 -0.18
CA HIS A 67 4.04 12.80 1.20
C HIS A 67 4.29 14.32 1.36
N PRO A 68 3.39 15.02 2.07
CA PRO A 68 3.53 16.46 2.28
C PRO A 68 4.56 16.74 3.39
N GLU A 69 4.16 16.61 4.63
CA GLU A 69 5.12 16.85 5.76
C GLU A 69 4.57 16.19 7.04
N PHE A 70 3.57 16.79 7.65
CA PHE A 70 2.99 16.20 8.89
C PHE A 70 1.45 16.22 8.80
N ILE A 71 0.81 17.31 9.18
CA ILE A 71 -0.69 17.37 9.11
C ILE A 71 -1.15 18.84 9.05
N VAL A 72 -0.54 19.71 9.82
CA VAL A 72 -0.95 21.15 9.81
C VAL A 72 -2.43 21.27 10.19
N THR A 73 -2.74 21.18 11.46
CA THR A 73 -4.16 21.28 11.91
C THR A 73 -4.58 22.75 11.94
N ASP A 74 -4.04 23.52 12.84
CA ASP A 74 -4.40 24.97 12.94
C ASP A 74 -3.30 25.73 13.68
N SER B 1 -19.10 -6.78 -15.16
CA SER B 1 -18.53 -7.65 -14.09
C SER B 1 -17.27 -6.99 -13.50
N PRO B 2 -17.47 -6.03 -12.60
CA PRO B 2 -16.34 -5.32 -11.97
C PRO B 2 -15.70 -6.19 -10.89
N LEU B 3 -16.46 -6.59 -9.90
CA LEU B 3 -15.91 -7.44 -8.80
C LEU B 3 -14.74 -6.71 -8.13
N LEU B 4 -14.99 -6.02 -7.05
CA LEU B 4 -13.90 -5.29 -6.35
C LEU B 4 -13.02 -6.28 -5.54
N PRO B 5 -13.65 -7.05 -4.64
CA PRO B 5 -12.91 -8.02 -3.81
C PRO B 5 -12.53 -9.25 -4.63
N LYS B 6 -12.16 -10.33 -3.97
CA LYS B 6 -11.76 -11.58 -4.70
C LYS B 6 -10.41 -11.36 -5.39
N LEU B 7 -9.33 -11.65 -4.69
CA LEU B 7 -7.97 -11.47 -5.30
C LEU B 7 -7.21 -12.80 -5.18
N PRO B 8 -7.52 -13.74 -6.09
CA PRO B 8 -6.89 -15.06 -6.09
C PRO B 8 -5.51 -15.02 -6.81
N PRO B 9 -4.41 -15.23 -6.07
CA PRO B 9 -3.08 -15.22 -6.67
C PRO B 9 -2.79 -16.57 -7.34
N LYS B 10 -2.88 -16.63 -8.65
CA LYS B 10 -2.61 -17.92 -9.36
C LYS B 10 -2.16 -17.63 -10.80
N THR B 11 -1.47 -18.57 -11.42
CA THR B 11 -1.01 -18.36 -12.83
C THR B 11 -0.67 -19.71 -13.47
N TYR B 12 0.39 -20.34 -13.03
CA TYR B 12 0.78 -21.66 -13.61
C TYR B 12 1.59 -22.46 -12.57
N LYS B 13 2.79 -21.99 -12.27
CA LYS B 13 3.64 -22.69 -11.26
C LYS B 13 4.02 -24.08 -11.77
N ARG B 14 5.27 -24.46 -11.63
CA ARG B 14 5.72 -25.80 -12.10
C ARG B 14 5.24 -26.86 -11.11
N GLU B 15 4.94 -28.05 -11.59
CA GLU B 15 4.45 -29.13 -10.68
C GLU B 15 4.66 -30.49 -11.34
N GLY A 1 21.81 1.42 -15.42
CA GLY A 1 23.30 1.83 -15.22
C GLY A 1 23.84 1.99 -13.88
N SER A 2 22.98 2.03 -12.88
CA SER A 2 23.45 2.19 -11.48
C SER A 2 22.29 1.89 -10.52
N ARG A 3 22.49 0.95 -9.63
CA ARG A 3 21.40 0.59 -8.66
C ARG A 3 21.84 0.98 -7.25
N ARG A 4 21.19 1.97 -6.66
CA ARG A 4 21.55 2.40 -5.28
C ARG A 4 20.28 2.69 -4.48
N ALA A 5 19.83 1.74 -3.70
CA ALA A 5 18.60 1.97 -2.89
C ALA A 5 18.97 2.70 -1.60
N SER A 6 18.05 3.46 -1.05
CA SER A 6 18.34 4.20 0.21
C SER A 6 17.07 4.33 1.04
N VAL A 7 17.10 5.14 2.08
CA VAL A 7 15.89 5.31 2.94
C VAL A 7 14.93 6.31 2.28
N GLY A 8 13.89 6.69 2.97
CA GLY A 8 12.91 7.66 2.40
C GLY A 8 11.67 6.90 1.93
N SER A 9 10.83 6.49 2.86
CA SER A 9 9.61 5.73 2.48
C SER A 9 8.60 6.68 1.83
N MET A 10 7.66 6.12 1.13
CA MET A 10 6.61 6.94 0.48
C MET A 10 5.26 6.51 0.99
N GLU A 11 4.21 6.99 0.41
CA GLU A 11 2.88 6.62 0.85
C GLU A 11 2.15 6.06 -0.34
N ALA A 12 0.98 5.60 -0.14
CA ALA A 12 0.19 5.05 -1.27
C ALA A 12 -1.31 5.09 -0.95
N ILE A 13 -2.01 5.89 -1.68
CA ILE A 13 -3.47 6.07 -1.46
C ILE A 13 -4.23 4.77 -1.55
N ALA A 14 -4.88 4.44 -0.49
CA ALA A 14 -5.75 3.21 -0.50
C ALA A 14 -7.01 3.53 -1.31
N LYS A 15 -7.11 3.02 -2.50
CA LYS A 15 -8.28 3.32 -3.37
C LYS A 15 -9.56 2.72 -2.79
N TYR A 16 -9.45 1.70 -1.97
CA TYR A 16 -10.67 1.05 -1.38
C TYR A 16 -10.33 0.47 -0.02
N ASP A 17 -11.27 -0.24 0.54
CA ASP A 17 -11.07 -0.85 1.86
C ASP A 17 -10.52 -2.28 1.69
N PHE A 18 -10.11 -2.91 2.77
CA PHE A 18 -9.55 -4.30 2.69
C PHE A 18 -9.03 -4.71 4.07
N LYS A 19 -8.53 -5.92 4.16
CA LYS A 19 -7.97 -6.42 5.47
C LYS A 19 -6.84 -7.37 5.17
N ALA A 20 -5.97 -7.56 6.12
CA ALA A 20 -4.83 -8.46 5.91
C ALA A 20 -5.37 -9.89 5.68
N THR A 21 -4.89 -10.57 4.66
CA THR A 21 -5.37 -11.96 4.40
C THR A 21 -4.35 -12.94 4.94
N ALA A 22 -3.15 -12.89 4.43
CA ALA A 22 -2.08 -13.80 4.93
C ALA A 22 -1.75 -13.44 6.35
N ASP A 23 -0.79 -14.08 6.90
CA ASP A 23 -0.40 -13.82 8.28
C ASP A 23 0.64 -12.70 8.35
N ASP A 24 0.78 -11.91 7.29
CA ASP A 24 1.76 -10.83 7.31
C ASP A 24 1.30 -9.66 6.42
N GLU A 25 0.02 -9.57 6.15
CA GLU A 25 -0.49 -8.45 5.27
C GLU A 25 -0.92 -7.27 6.13
N LEU A 26 -1.56 -6.31 5.53
CA LEU A 26 -2.00 -5.11 6.29
C LEU A 26 -3.41 -4.70 5.87
N SER A 27 -4.23 -4.36 6.85
CA SER A 27 -5.60 -3.95 6.59
C SER A 27 -5.66 -2.44 6.40
N PHE A 28 -6.81 -1.93 6.00
CA PHE A 28 -6.96 -0.47 5.79
C PHE A 28 -8.36 -0.20 5.27
N LYS A 29 -8.75 1.05 5.18
CA LYS A 29 -10.12 1.38 4.68
C LYS A 29 -10.01 2.17 3.38
N ARG A 30 -11.13 2.46 2.79
CA ARG A 30 -11.14 3.24 1.53
C ARG A 30 -10.78 4.69 1.83
N GLY A 31 -9.59 5.09 1.48
CA GLY A 31 -9.14 6.48 1.74
C GLY A 31 -8.05 6.48 2.83
N ASP A 32 -7.60 5.31 3.25
CA ASP A 32 -6.57 5.23 4.28
C ASP A 32 -5.24 5.01 3.58
N ILE A 33 -4.51 6.06 3.36
CA ILE A 33 -3.20 5.93 2.67
C ILE A 33 -2.24 5.17 3.59
N LEU A 34 -1.44 4.31 3.03
CA LEU A 34 -0.50 3.50 3.84
C LEU A 34 0.90 4.12 3.79
N LYS A 35 1.73 3.77 4.74
CA LYS A 35 3.14 4.32 4.75
C LYS A 35 4.07 3.22 4.26
N VAL A 36 4.36 3.22 2.98
CA VAL A 36 5.23 2.15 2.40
C VAL A 36 6.55 2.00 3.16
N LEU A 37 6.72 0.88 3.79
CA LEU A 37 7.98 0.61 4.53
C LEU A 37 8.90 -0.12 3.55
N ASN A 38 8.32 -0.93 2.69
CA ASN A 38 9.14 -1.67 1.69
C ASN A 38 8.67 -1.26 0.29
N GLU A 39 9.59 -0.75 -0.49
CA GLU A 39 9.27 -0.30 -1.89
C GLU A 39 8.61 -1.42 -2.66
N GLU A 40 8.40 -1.21 -3.95
CA GLU A 40 7.72 -2.24 -4.81
C GLU A 40 8.21 -3.66 -4.50
N CYS A 41 7.38 -4.62 -4.76
CA CYS A 41 7.73 -6.04 -4.49
C CYS A 41 6.56 -6.89 -4.97
N ASP A 42 6.75 -8.20 -5.06
CA ASP A 42 5.65 -9.10 -5.52
C ASP A 42 5.10 -8.59 -6.85
N GLN A 43 4.16 -9.29 -7.45
CA GLN A 43 3.66 -8.83 -8.77
C GLN A 43 2.54 -7.79 -8.64
N ASN A 44 2.09 -7.50 -7.44
CA ASN A 44 0.99 -6.49 -7.27
C ASN A 44 0.78 -6.06 -5.80
N TRP A 45 1.74 -6.28 -4.93
CA TRP A 45 1.55 -5.85 -3.48
C TRP A 45 2.88 -5.26 -2.93
N TYR A 46 2.80 -4.21 -2.14
CA TYR A 46 4.02 -3.58 -1.54
C TYR A 46 4.04 -3.88 -0.03
N LYS A 47 4.80 -3.12 0.75
CA LYS A 47 4.79 -3.29 2.24
C LYS A 47 4.52 -1.88 2.79
N ALA A 48 3.79 -1.73 3.88
CA ALA A 48 3.50 -0.35 4.39
C ALA A 48 2.96 -0.38 5.78
N GLU A 49 2.58 0.77 6.26
CA GLU A 49 2.12 0.83 7.66
C GLU A 49 1.13 1.97 7.92
N LEU A 50 0.08 1.63 8.57
CA LEU A 50 -0.97 2.63 8.95
C LEU A 50 -0.79 3.09 10.36
N ASN A 51 -0.15 4.18 10.48
CA ASN A 51 0.07 4.82 11.81
C ASN A 51 0.44 3.82 12.94
N GLY A 52 0.98 2.68 12.62
CA GLY A 52 1.33 1.70 13.70
C GLY A 52 1.23 0.26 13.16
N LYS A 53 0.24 0.00 12.34
CA LYS A 53 0.10 -1.33 11.77
C LYS A 53 0.92 -1.39 10.53
N ASP A 54 1.07 -2.55 10.00
CA ASP A 54 1.88 -2.69 8.79
C ASP A 54 1.72 -4.07 8.13
N GLY A 55 2.38 -4.26 7.00
CA GLY A 55 2.32 -5.56 6.28
C GLY A 55 2.12 -5.34 4.78
N PHE A 56 2.10 -6.41 4.03
CA PHE A 56 1.94 -6.32 2.55
C PHE A 56 0.54 -5.83 2.18
N ILE A 57 0.43 -5.01 1.16
CA ILE A 57 -0.90 -4.52 0.75
C ILE A 57 -1.06 -4.67 -0.78
N PRO A 58 -2.21 -5.16 -1.24
CA PRO A 58 -2.43 -5.32 -2.69
C PRO A 58 -2.57 -3.97 -3.36
N LYS A 59 -1.55 -3.56 -4.02
CA LYS A 59 -1.52 -2.25 -4.75
C LYS A 59 -2.80 -2.05 -5.63
N ASN A 60 -3.52 -3.10 -5.99
CA ASN A 60 -4.72 -2.94 -6.82
C ASN A 60 -5.75 -2.04 -6.12
N TYR A 61 -5.78 -2.10 -4.82
CA TYR A 61 -6.69 -1.24 -4.03
C TYR A 61 -5.87 -0.09 -3.53
N ILE A 62 -4.93 0.36 -4.32
CA ILE A 62 -4.04 1.43 -3.88
C ILE A 62 -3.37 2.14 -5.05
N GLU A 63 -2.66 3.18 -4.73
CA GLU A 63 -1.89 3.93 -5.71
C GLU A 63 -0.69 4.49 -4.95
N MET A 64 0.36 4.84 -5.62
CA MET A 64 1.59 5.32 -4.87
C MET A 64 1.75 6.85 -4.92
N LYS A 65 1.61 7.47 -3.77
CA LYS A 65 1.78 8.91 -3.67
C LYS A 65 3.18 9.22 -3.13
N PRO A 66 3.65 10.42 -3.42
CA PRO A 66 4.98 10.84 -3.00
C PRO A 66 5.03 11.09 -1.48
N HIS A 67 4.80 12.31 -1.02
CA HIS A 67 4.85 12.60 0.45
C HIS A 67 4.60 14.11 0.70
N PRO A 68 3.39 14.48 1.13
CA PRO A 68 3.07 15.89 1.39
C PRO A 68 3.69 16.33 2.72
N GLU A 69 4.00 17.61 2.85
CA GLU A 69 4.61 18.11 4.11
C GLU A 69 4.86 19.61 4.01
N PHE A 70 5.27 20.07 2.85
CA PHE A 70 5.55 21.52 2.66
C PHE A 70 4.25 22.32 2.85
N ILE A 71 4.25 23.27 3.76
CA ILE A 71 3.03 24.10 3.99
C ILE A 71 3.41 25.58 3.97
N VAL A 72 4.16 26.01 2.98
CA VAL A 72 4.57 27.43 2.91
C VAL A 72 4.45 27.93 1.46
N THR A 73 3.37 27.59 0.79
CA THR A 73 3.19 28.04 -0.62
C THR A 73 2.19 29.20 -0.68
N ASP A 74 2.15 30.00 0.36
CA ASP A 74 1.19 31.15 0.38
C ASP A 74 1.97 32.45 0.58
N SER B 1 -23.91 -6.18 -5.99
CA SER B 1 -23.30 -5.03 -6.74
C SER B 1 -22.43 -4.17 -5.77
N PRO B 2 -22.98 -3.75 -4.63
CA PRO B 2 -22.22 -2.93 -3.67
C PRO B 2 -21.29 -3.83 -2.83
N LEU B 3 -20.12 -4.12 -3.34
CA LEU B 3 -19.16 -4.98 -2.59
C LEU B 3 -17.83 -5.07 -3.35
N LEU B 4 -16.80 -5.57 -2.72
CA LEU B 4 -15.49 -5.70 -3.41
C LEU B 4 -14.95 -7.15 -3.24
N PRO B 5 -14.53 -7.78 -4.33
CA PRO B 5 -14.03 -9.17 -4.26
C PRO B 5 -12.57 -9.20 -3.78
N LYS B 6 -11.96 -10.37 -3.85
CA LYS B 6 -10.54 -10.52 -3.41
C LYS B 6 -9.63 -10.23 -4.63
N LEU B 7 -8.46 -10.86 -4.70
CA LEU B 7 -7.55 -10.62 -5.86
C LEU B 7 -7.41 -11.94 -6.66
N PRO B 8 -8.41 -12.24 -7.51
CA PRO B 8 -8.40 -13.48 -8.31
C PRO B 8 -7.47 -13.34 -9.54
N PRO B 9 -6.97 -14.46 -10.06
CA PRO B 9 -6.11 -14.45 -11.24
C PRO B 9 -6.97 -14.35 -12.50
N LYS B 10 -6.41 -14.65 -13.65
CA LYS B 10 -7.20 -14.58 -14.91
C LYS B 10 -7.11 -15.92 -15.64
N THR B 11 -7.67 -16.97 -15.07
CA THR B 11 -7.61 -18.31 -15.72
C THR B 11 -8.80 -19.15 -15.25
N TYR B 12 -8.74 -19.67 -14.05
CA TYR B 12 -9.87 -20.51 -13.52
C TYR B 12 -9.73 -20.65 -12.00
N LYS B 13 -10.57 -21.45 -11.40
CA LYS B 13 -10.50 -21.64 -9.92
C LYS B 13 -9.71 -22.91 -9.60
N ARG B 14 -8.43 -22.77 -9.36
CA ARG B 14 -7.59 -23.96 -9.04
C ARG B 14 -8.02 -24.55 -7.70
N GLU B 15 -8.54 -25.76 -7.71
CA GLU B 15 -8.99 -26.41 -6.45
C GLU B 15 -10.07 -25.54 -5.77
N GLY A 1 23.54 5.15 -6.40
CA GLY A 1 23.99 3.96 -5.53
C GLY A 1 23.48 3.84 -4.16
N SER A 2 22.22 4.17 -3.94
CA SER A 2 21.63 4.07 -2.56
C SER A 2 22.41 4.99 -1.61
N ARG A 3 21.88 6.17 -1.37
CA ARG A 3 22.58 7.12 -0.44
C ARG A 3 22.63 6.51 0.97
N ARG A 4 23.39 7.10 1.86
CA ARG A 4 23.49 6.56 3.24
C ARG A 4 22.45 7.26 4.13
N ALA A 5 21.23 6.81 4.11
CA ALA A 5 20.17 7.44 4.94
C ALA A 5 19.33 6.36 5.64
N SER A 6 18.95 5.33 4.92
CA SER A 6 18.14 4.23 5.53
C SER A 6 16.83 4.81 6.08
N VAL A 7 16.36 5.90 5.53
CA VAL A 7 15.09 6.52 6.02
C VAL A 7 14.55 7.47 4.95
N GLY A 8 13.41 7.15 4.38
CA GLY A 8 12.82 8.03 3.33
C GLY A 8 11.78 7.24 2.54
N SER A 9 10.65 6.96 3.14
CA SER A 9 9.59 6.19 2.43
C SER A 9 8.49 7.13 1.97
N MET A 10 7.52 6.61 1.28
CA MET A 10 6.38 7.45 0.80
C MET A 10 5.10 6.85 1.28
N GLU A 11 3.99 7.36 0.81
CA GLU A 11 2.70 6.84 1.22
C GLU A 11 2.04 6.29 0.00
N ALA A 12 0.88 5.78 0.15
CA ALA A 12 0.16 5.22 -1.01
C ALA A 12 -1.33 5.19 -0.73
N ILE A 13 -2.06 5.92 -1.52
CA ILE A 13 -3.53 6.03 -1.33
C ILE A 13 -4.22 4.70 -1.50
N ALA A 14 -4.93 4.31 -0.49
CA ALA A 14 -5.74 3.05 -0.58
C ALA A 14 -6.96 3.38 -1.46
N LYS A 15 -6.95 3.00 -2.71
CA LYS A 15 -8.08 3.34 -3.64
C LYS A 15 -9.39 2.76 -3.11
N TYR A 16 -9.34 1.70 -2.35
CA TYR A 16 -10.61 1.09 -1.82
C TYR A 16 -10.38 0.55 -0.42
N ASP A 17 -11.36 -0.12 0.10
CA ASP A 17 -11.27 -0.67 1.45
C ASP A 17 -10.83 -2.16 1.39
N PHE A 18 -10.44 -2.71 2.50
CA PHE A 18 -9.97 -4.15 2.53
C PHE A 18 -9.37 -4.46 3.91
N LYS A 19 -8.92 -5.66 4.11
CA LYS A 19 -8.32 -6.04 5.43
C LYS A 19 -7.14 -6.97 5.23
N ALA A 20 -6.53 -7.35 6.31
CA ALA A 20 -5.37 -8.25 6.23
C ALA A 20 -5.87 -9.69 6.09
N THR A 21 -5.33 -10.45 5.17
CA THR A 21 -5.79 -11.87 5.00
C THR A 21 -4.65 -12.83 5.36
N ALA A 22 -3.93 -12.53 6.40
CA ALA A 22 -2.80 -13.42 6.81
C ALA A 22 -2.13 -12.85 8.04
N ASP A 23 -1.20 -13.57 8.56
CA ASP A 23 -0.47 -13.12 9.75
C ASP A 23 0.61 -12.09 9.36
N ASP A 24 0.74 -11.78 8.09
CA ASP A 24 1.73 -10.80 7.66
C ASP A 24 1.11 -9.89 6.60
N GLU A 25 -0.19 -9.72 6.62
CA GLU A 25 -0.85 -8.84 5.64
C GLU A 25 -1.29 -7.57 6.35
N LEU A 26 -1.75 -6.57 5.62
CA LEU A 26 -2.16 -5.31 6.29
C LEU A 26 -3.60 -4.94 5.95
N SER A 27 -4.29 -4.39 6.92
CA SER A 27 -5.69 -4.00 6.72
C SER A 27 -5.76 -2.48 6.50
N PHE A 28 -6.81 -2.01 5.91
CA PHE A 28 -6.94 -0.54 5.66
C PHE A 28 -8.32 -0.28 5.04
N LYS A 29 -8.75 0.96 5.01
CA LYS A 29 -10.07 1.28 4.42
C LYS A 29 -9.90 2.07 3.13
N ARG A 30 -10.98 2.38 2.49
CA ARG A 30 -10.93 3.16 1.24
C ARG A 30 -10.67 4.63 1.60
N GLY A 31 -9.49 5.10 1.34
CA GLY A 31 -9.14 6.51 1.69
C GLY A 31 -8.08 6.52 2.82
N ASP A 32 -7.70 5.36 3.32
CA ASP A 32 -6.72 5.29 4.38
C ASP A 32 -5.36 5.12 3.73
N ILE A 33 -4.68 6.19 3.49
CA ILE A 33 -3.36 6.08 2.83
C ILE A 33 -2.37 5.39 3.77
N LEU A 34 -1.73 4.37 3.29
CA LEU A 34 -0.77 3.58 4.13
C LEU A 34 0.65 4.12 3.94
N LYS A 35 1.59 3.69 4.77
CA LYS A 35 3.00 4.20 4.61
C LYS A 35 3.87 3.10 4.02
N VAL A 36 4.25 3.21 2.77
CA VAL A 36 5.07 2.13 2.14
C VAL A 36 6.31 1.78 2.97
N LEU A 37 6.36 0.56 3.42
CA LEU A 37 7.51 0.08 4.23
C LEU A 37 8.52 -0.56 3.30
N ASN A 38 8.05 -1.19 2.25
CA ASN A 38 8.97 -1.86 1.29
C ASN A 38 8.49 -1.61 -0.13
N GLU A 39 9.36 -1.10 -0.96
CA GLU A 39 8.99 -0.81 -2.37
C GLU A 39 9.72 -1.79 -3.29
N GLU A 40 9.81 -1.45 -4.56
CA GLU A 40 10.50 -2.31 -5.61
C GLU A 40 9.46 -3.19 -6.32
N CYS A 41 9.88 -3.88 -7.34
CA CYS A 41 8.92 -4.75 -8.10
C CYS A 41 8.24 -5.77 -7.20
N ASP A 42 7.11 -6.26 -7.65
CA ASP A 42 6.35 -7.26 -6.88
C ASP A 42 5.22 -7.75 -7.73
N GLN A 43 4.57 -8.80 -7.31
CA GLN A 43 3.45 -9.34 -8.11
C GLN A 43 2.37 -8.28 -8.20
N ASN A 44 1.87 -7.90 -7.07
CA ASN A 44 0.81 -6.85 -7.00
C ASN A 44 0.62 -6.37 -5.56
N TRP A 45 1.62 -6.50 -4.71
CA TRP A 45 1.48 -6.04 -3.29
C TRP A 45 2.84 -5.51 -2.80
N TYR A 46 2.83 -4.43 -2.08
CA TYR A 46 4.10 -3.86 -1.50
C TYR A 46 4.05 -4.15 0.01
N LYS A 47 4.78 -3.40 0.80
CA LYS A 47 4.72 -3.54 2.28
C LYS A 47 4.29 -2.17 2.76
N ALA A 48 3.95 -2.02 4.02
CA ALA A 48 3.52 -0.63 4.52
C ALA A 48 3.04 -0.67 5.91
N GLU A 49 2.63 0.47 6.39
CA GLU A 49 2.19 0.55 7.77
C GLU A 49 1.24 1.71 8.00
N LEU A 50 0.18 1.39 8.64
CA LEU A 50 -0.86 2.40 8.96
C LEU A 50 -0.78 2.85 10.37
N ASN A 51 -0.12 3.93 10.54
CA ASN A 51 0.03 4.55 11.89
C ASN A 51 0.34 3.54 13.03
N GLY A 52 0.87 2.40 12.72
CA GLY A 52 1.19 1.41 13.80
C GLY A 52 1.10 -0.01 13.24
N LYS A 53 0.15 -0.28 12.39
CA LYS A 53 0.03 -1.62 11.80
C LYS A 53 0.91 -1.65 10.61
N ASP A 54 1.08 -2.81 10.06
CA ASP A 54 1.94 -2.94 8.88
C ASP A 54 1.78 -4.30 8.19
N GLY A 55 2.52 -4.50 7.13
CA GLY A 55 2.49 -5.79 6.39
C GLY A 55 2.32 -5.54 4.89
N PHE A 56 2.01 -6.57 4.15
CA PHE A 56 1.87 -6.44 2.68
C PHE A 56 0.50 -5.85 2.31
N ILE A 57 0.45 -4.99 1.31
CA ILE A 57 -0.85 -4.41 0.89
C ILE A 57 -1.03 -4.65 -0.63
N PRO A 58 -2.19 -5.12 -1.06
CA PRO A 58 -2.45 -5.35 -2.48
C PRO A 58 -2.55 -4.03 -3.21
N LYS A 59 -1.51 -3.67 -3.90
CA LYS A 59 -1.44 -2.39 -4.67
C LYS A 59 -2.72 -2.16 -5.55
N ASN A 60 -3.50 -3.18 -5.86
CA ASN A 60 -4.70 -2.99 -6.69
C ASN A 60 -5.68 -2.04 -6.00
N TYR A 61 -5.72 -2.08 -4.71
CA TYR A 61 -6.60 -1.18 -3.92
C TYR A 61 -5.72 -0.05 -3.44
N ILE A 62 -4.74 0.34 -4.22
CA ILE A 62 -3.82 1.38 -3.75
C ILE A 62 -3.13 2.10 -4.92
N GLU A 63 -2.42 3.15 -4.57
CA GLU A 63 -1.63 3.91 -5.54
C GLU A 63 -0.49 4.56 -4.77
N MET A 64 0.60 4.86 -5.43
CA MET A 64 1.79 5.43 -4.70
C MET A 64 1.83 6.97 -4.76
N LYS A 65 1.67 7.62 -3.63
CA LYS A 65 1.71 9.07 -3.58
C LYS A 65 2.96 9.58 -2.84
N PRO A 66 3.36 10.83 -3.18
CA PRO A 66 4.53 11.44 -2.59
C PRO A 66 4.23 12.00 -1.19
N HIS A 67 5.08 11.73 -0.23
CA HIS A 67 4.83 12.24 1.16
C HIS A 67 6.20 12.44 1.87
N PRO A 68 6.20 13.18 2.99
CA PRO A 68 7.45 13.43 3.75
C PRO A 68 7.87 12.16 4.50
N GLU A 69 8.73 12.28 5.48
CA GLU A 69 9.19 11.06 6.23
C GLU A 69 9.49 11.39 7.70
N PHE A 70 10.09 12.52 7.99
CA PHE A 70 10.44 12.86 9.40
C PHE A 70 9.47 13.91 9.97
N ILE A 71 8.59 13.50 10.84
CA ILE A 71 7.63 14.45 11.48
C ILE A 71 7.30 13.92 12.90
N VAL A 72 7.93 14.47 13.91
CA VAL A 72 7.67 14.00 15.30
C VAL A 72 6.19 14.20 15.65
N THR A 73 5.47 13.11 15.80
CA THR A 73 4.01 13.22 16.13
C THR A 73 3.76 12.65 17.53
N ASP A 74 4.50 11.64 17.91
CA ASP A 74 4.32 11.04 19.27
C ASP A 74 4.66 12.09 20.34
N SER B 1 -10.72 -3.07 -14.54
CA SER B 1 -11.10 -3.80 -13.31
C SER B 1 -12.62 -4.04 -13.31
N PRO B 2 -13.06 -5.13 -13.94
CA PRO B 2 -14.49 -5.47 -14.00
C PRO B 2 -14.97 -6.08 -12.67
N LEU B 3 -14.10 -6.25 -11.71
CA LEU B 3 -14.52 -6.84 -10.40
C LEU B 3 -13.57 -6.36 -9.29
N LEU B 4 -14.09 -5.66 -8.32
CA LEU B 4 -13.20 -5.16 -7.22
C LEU B 4 -13.03 -6.25 -6.13
N PRO B 5 -14.13 -6.79 -5.61
CA PRO B 5 -14.07 -7.82 -4.56
C PRO B 5 -13.73 -9.18 -5.17
N LYS B 6 -12.49 -9.62 -5.03
CA LYS B 6 -12.09 -10.94 -5.59
C LYS B 6 -10.60 -11.20 -5.25
N LEU B 7 -9.69 -10.69 -6.06
CA LEU B 7 -8.23 -10.91 -5.79
C LEU B 7 -7.94 -12.41 -5.57
N PRO B 8 -7.71 -13.15 -6.66
CA PRO B 8 -7.44 -14.58 -6.58
C PRO B 8 -5.96 -14.83 -6.16
N PRO B 9 -5.71 -15.90 -5.40
CA PRO B 9 -4.35 -16.23 -4.96
C PRO B 9 -3.58 -16.92 -6.09
N LYS B 10 -4.10 -18.02 -6.59
CA LYS B 10 -3.41 -18.75 -7.69
C LYS B 10 -3.28 -17.82 -8.91
N THR B 11 -2.10 -17.74 -9.47
CA THR B 11 -1.90 -16.86 -10.66
C THR B 11 -1.93 -17.71 -11.94
N TYR B 12 -1.49 -17.16 -13.04
CA TYR B 12 -1.48 -17.91 -14.32
C TYR B 12 -0.04 -18.08 -14.80
N LYS B 13 0.25 -19.16 -15.47
CA LYS B 13 1.65 -19.39 -15.98
C LYS B 13 2.60 -19.54 -14.79
N ARG B 14 3.64 -20.33 -14.93
CA ARG B 14 4.61 -20.52 -13.81
C ARG B 14 3.90 -21.14 -12.61
N GLU B 15 4.16 -22.39 -12.32
CA GLU B 15 3.51 -23.06 -11.15
C GLU B 15 4.56 -23.82 -10.34
N GLY A 1 14.49 1.16 -7.90
CA GLY A 1 15.37 1.48 -6.66
C GLY A 1 16.27 2.64 -6.67
N SER A 2 17.50 2.45 -6.27
CA SER A 2 18.49 3.59 -6.26
C SER A 2 17.98 4.70 -5.34
N ARG A 3 18.41 4.71 -4.10
CA ARG A 3 17.95 5.76 -3.15
C ARG A 3 19.15 6.25 -2.33
N ARG A 4 19.72 5.40 -1.52
CA ARG A 4 20.89 5.80 -0.68
C ARG A 4 20.47 6.95 0.25
N ALA A 5 19.89 6.63 1.38
CA ALA A 5 19.46 7.69 2.34
C ALA A 5 19.10 7.06 3.68
N SER A 6 18.71 7.86 4.64
CA SER A 6 18.34 7.31 5.98
C SER A 6 16.84 7.05 6.04
N VAL A 7 16.05 8.09 5.98
CA VAL A 7 14.56 7.92 6.03
C VAL A 7 13.93 8.66 4.84
N GLY A 8 12.86 8.12 4.29
CA GLY A 8 12.21 8.78 3.13
C GLY A 8 11.24 7.82 2.46
N SER A 9 10.23 7.37 3.18
CA SER A 9 9.24 6.43 2.57
C SER A 9 8.16 7.24 1.85
N MET A 10 7.30 6.58 1.14
CA MET A 10 6.20 7.30 0.41
C MET A 10 4.88 6.85 0.97
N GLU A 11 3.80 7.36 0.43
CA GLU A 11 2.49 6.96 0.91
C GLU A 11 1.72 6.45 -0.28
N ALA A 12 0.56 5.97 -0.06
CA ALA A 12 -0.26 5.45 -1.18
C ALA A 12 -1.74 5.44 -0.80
N ILE A 13 -2.51 6.22 -1.48
CA ILE A 13 -3.96 6.32 -1.20
C ILE A 13 -4.66 4.99 -1.37
N ALA A 14 -5.28 4.55 -0.33
CA ALA A 14 -6.08 3.28 -0.42
C ALA A 14 -7.37 3.61 -1.18
N LYS A 15 -7.43 3.30 -2.44
CA LYS A 15 -8.64 3.62 -3.26
C LYS A 15 -9.89 2.95 -2.67
N TYR A 16 -9.73 1.83 -2.01
CA TYR A 16 -10.93 1.13 -1.42
C TYR A 16 -10.52 0.44 -0.14
N ASP A 17 -11.42 -0.32 0.41
CA ASP A 17 -11.14 -1.03 1.65
C ASP A 17 -10.56 -2.41 1.35
N PHE A 18 -9.94 -3.02 2.32
CA PHE A 18 -9.33 -4.35 2.13
C PHE A 18 -8.77 -4.79 3.51
N LYS A 19 -8.61 -6.07 3.74
CA LYS A 19 -8.10 -6.52 5.08
C LYS A 19 -6.89 -7.43 4.91
N ALA A 20 -5.98 -7.34 5.85
CA ALA A 20 -4.75 -8.18 5.78
C ALA A 20 -5.14 -9.66 5.67
N THR A 21 -4.57 -10.37 4.73
CA THR A 21 -4.93 -11.82 4.57
C THR A 21 -3.73 -12.70 4.93
N ALA A 22 -2.59 -12.43 4.32
CA ALA A 22 -1.37 -13.23 4.62
C ALA A 22 -0.96 -12.98 6.04
N ASP A 23 0.03 -13.69 6.47
CA ASP A 23 0.53 -13.54 7.85
C ASP A 23 1.35 -12.23 7.99
N ASP A 24 1.55 -11.52 6.90
CA ASP A 24 2.30 -10.27 6.96
C ASP A 24 1.61 -9.24 6.06
N GLU A 25 0.31 -9.31 5.96
CA GLU A 25 -0.43 -8.35 5.10
C GLU A 25 -0.95 -7.19 5.95
N LEU A 26 -1.50 -6.17 5.33
CA LEU A 26 -2.00 -4.99 6.11
C LEU A 26 -3.51 -4.83 5.95
N SER A 27 -4.16 -4.36 6.99
CA SER A 27 -5.62 -4.16 6.94
C SER A 27 -5.93 -2.66 6.92
N PHE A 28 -6.55 -2.19 5.86
CA PHE A 28 -6.88 -0.74 5.78
C PHE A 28 -8.28 -0.57 5.21
N LYS A 29 -8.79 0.63 5.20
CA LYS A 29 -10.17 0.88 4.68
C LYS A 29 -10.12 1.82 3.50
N ARG A 30 -11.26 2.10 2.93
CA ARG A 30 -11.32 3.03 1.77
C ARG A 30 -11.03 4.44 2.24
N GLY A 31 -9.88 4.96 1.91
CA GLY A 31 -9.51 6.34 2.33
C GLY A 31 -8.37 6.28 3.37
N ASP A 32 -7.85 5.10 3.65
CA ASP A 32 -6.77 4.98 4.62
C ASP A 32 -5.46 4.87 3.85
N ILE A 33 -4.79 5.95 3.69
CA ILE A 33 -3.50 5.93 2.93
C ILE A 33 -2.47 5.16 3.75
N LEU A 34 -1.70 4.33 3.09
CA LEU A 34 -0.69 3.50 3.80
C LEU A 34 0.69 4.17 3.71
N LYS A 35 1.61 3.75 4.56
CA LYS A 35 3.00 4.34 4.53
C LYS A 35 3.96 3.31 3.93
N VAL A 36 4.19 3.39 2.64
CA VAL A 36 5.10 2.40 1.97
C VAL A 36 6.47 2.37 2.65
N LEU A 37 6.77 1.29 3.31
CA LEU A 37 8.10 1.15 3.97
C LEU A 37 9.04 0.50 2.98
N ASN A 38 8.53 -0.36 2.12
CA ASN A 38 9.41 -1.04 1.13
C ASN A 38 8.58 -1.64 0.00
N GLU A 39 9.23 -2.29 -0.93
CA GLU A 39 8.49 -2.91 -2.07
C GLU A 39 8.90 -4.38 -2.19
N GLU A 40 8.70 -5.13 -1.15
CA GLU A 40 9.06 -6.59 -1.16
C GLU A 40 7.85 -7.39 -1.63
N CYS A 41 7.99 -8.68 -1.71
CA CYS A 41 6.85 -9.54 -2.17
C CYS A 41 6.56 -9.25 -3.63
N ASP A 42 5.44 -9.71 -4.11
CA ASP A 42 5.04 -9.50 -5.54
C ASP A 42 5.30 -8.09 -6.00
N GLN A 43 5.28 -7.88 -7.29
CA GLN A 43 5.52 -6.53 -7.81
C GLN A 43 4.17 -5.79 -7.96
N ASN A 44 3.13 -6.28 -7.33
CA ASN A 44 1.80 -5.61 -7.43
C ASN A 44 1.33 -5.15 -6.07
N TRP A 45 1.81 -5.73 -5.02
CA TRP A 45 1.39 -5.29 -3.64
C TRP A 45 2.57 -4.55 -2.99
N TYR A 46 2.30 -3.44 -2.35
CA TYR A 46 3.40 -2.64 -1.70
C TYR A 46 3.52 -2.97 -0.22
N LYS A 47 4.71 -2.92 0.31
CA LYS A 47 4.88 -3.10 1.77
C LYS A 47 4.65 -1.72 2.38
N ALA A 48 3.90 -1.63 3.44
CA ALA A 48 3.62 -0.28 4.02
C ALA A 48 3.11 -0.38 5.40
N GLU A 49 2.67 0.71 5.94
CA GLU A 49 2.21 0.68 7.32
C GLU A 49 1.27 1.82 7.69
N LEU A 50 0.26 1.46 8.37
CA LEU A 50 -0.75 2.47 8.84
C LEU A 50 -0.49 2.90 10.24
N ASN A 51 0.19 3.98 10.34
CA ASN A 51 0.50 4.61 11.65
C ASN A 51 0.85 3.60 12.76
N GLY A 52 1.33 2.44 12.43
CA GLY A 52 1.66 1.44 13.50
C GLY A 52 1.57 0.03 12.91
N LYS A 53 0.52 -0.24 12.15
CA LYS A 53 0.41 -1.53 11.53
C LYS A 53 1.26 -1.54 10.33
N ASP A 54 1.57 -2.67 9.85
CA ASP A 54 2.43 -2.76 8.69
C ASP A 54 2.09 -4.00 7.86
N GLY A 55 2.73 -4.16 6.73
CA GLY A 55 2.49 -5.37 5.88
C GLY A 55 2.16 -4.98 4.43
N PHE A 56 2.20 -5.96 3.56
CA PHE A 56 1.93 -5.72 2.11
C PHE A 56 0.48 -5.31 1.88
N ILE A 57 0.19 -4.74 0.72
CA ILE A 57 -1.20 -4.33 0.41
C ILE A 57 -1.36 -4.39 -1.11
N PRO A 58 -2.49 -4.86 -1.61
CA PRO A 58 -2.71 -4.95 -3.06
C PRO A 58 -2.84 -3.57 -3.67
N LYS A 59 -1.90 -3.23 -4.49
CA LYS A 59 -1.87 -1.89 -5.16
C LYS A 59 -3.15 -1.61 -5.98
N ASN A 60 -3.95 -2.63 -6.27
CA ASN A 60 -5.19 -2.39 -7.04
C ASN A 60 -6.17 -1.58 -6.20
N TYR A 61 -6.06 -1.68 -4.90
CA TYR A 61 -6.92 -0.90 -3.99
C TYR A 61 -6.09 0.28 -3.52
N ILE A 62 -5.14 0.72 -4.32
CA ILE A 62 -4.28 1.80 -3.88
C ILE A 62 -3.65 2.56 -5.04
N GLU A 63 -3.02 3.66 -4.71
CA GLU A 63 -2.30 4.46 -5.68
C GLU A 63 -1.10 5.03 -4.93
N MET A 64 -0.04 5.34 -5.63
CA MET A 64 1.19 5.85 -4.95
C MET A 64 1.24 7.38 -4.91
N LYS A 65 1.07 7.96 -3.73
CA LYS A 65 1.12 9.40 -3.61
C LYS A 65 2.46 9.88 -3.01
N PRO A 66 2.96 11.01 -3.55
CA PRO A 66 4.20 11.58 -3.11
C PRO A 66 3.98 12.48 -1.87
N HIS A 67 5.03 13.12 -1.41
CA HIS A 67 4.91 14.05 -0.24
C HIS A 67 6.33 14.60 0.09
N PRO A 68 6.47 15.93 0.21
CA PRO A 68 7.77 16.54 0.51
C PRO A 68 8.11 16.39 2.00
N GLU A 69 9.38 16.32 2.31
CA GLU A 69 9.80 16.18 3.73
C GLU A 69 9.98 17.57 4.35
N PHE A 70 8.95 18.12 4.92
CA PHE A 70 9.06 19.48 5.54
C PHE A 70 8.65 19.39 7.01
N ILE A 71 9.58 19.04 7.87
CA ILE A 71 9.27 18.93 9.32
C ILE A 71 10.43 19.51 10.14
N VAL A 72 10.26 20.71 10.64
CA VAL A 72 11.35 21.34 11.46
C VAL A 72 10.85 21.55 12.89
N THR A 73 10.00 20.67 13.36
CA THR A 73 9.48 20.80 14.75
C THR A 73 9.84 19.55 15.55
N ASP A 74 10.27 19.71 16.78
CA ASP A 74 10.64 18.54 17.62
C ASP A 74 9.48 18.22 18.58
N SER B 1 -20.92 -5.40 -6.29
CA SER B 1 -19.70 -4.60 -6.59
C SER B 1 -18.96 -5.22 -7.79
N PRO B 2 -18.14 -4.41 -8.47
CA PRO B 2 -17.38 -4.88 -9.64
C PRO B 2 -16.16 -5.68 -9.18
N LEU B 3 -15.37 -5.11 -8.30
CA LEU B 3 -14.16 -5.83 -7.80
C LEU B 3 -13.88 -5.40 -6.36
N LEU B 4 -13.59 -6.34 -5.48
CA LEU B 4 -13.29 -5.99 -4.05
C LEU B 4 -13.14 -7.29 -3.22
N PRO B 5 -14.13 -8.20 -3.29
CA PRO B 5 -14.06 -9.48 -2.55
C PRO B 5 -13.24 -10.53 -3.31
N LYS B 6 -12.12 -10.17 -3.91
CA LYS B 6 -11.29 -11.17 -4.65
C LYS B 6 -10.12 -10.46 -5.35
N LEU B 7 -9.01 -11.15 -5.53
CA LEU B 7 -7.83 -10.52 -6.21
C LEU B 7 -7.30 -11.51 -7.29
N PRO B 8 -8.09 -11.71 -8.35
CA PRO B 8 -7.71 -12.63 -9.44
C PRO B 8 -6.68 -11.96 -10.39
N PRO B 9 -5.69 -12.72 -10.86
CA PRO B 9 -4.67 -12.19 -11.78
C PRO B 9 -5.21 -12.17 -13.21
N LYS B 10 -5.53 -13.33 -13.75
CA LYS B 10 -6.06 -13.40 -15.14
C LYS B 10 -6.45 -14.85 -15.47
N THR B 11 -7.65 -15.25 -15.13
CA THR B 11 -8.09 -16.65 -15.41
C THR B 11 -7.19 -17.63 -14.64
N TYR B 12 -7.49 -18.91 -14.71
CA TYR B 12 -6.65 -19.91 -13.99
C TYR B 12 -5.23 -19.88 -14.53
N LYS B 13 -4.25 -20.11 -13.69
CA LYS B 13 -2.83 -20.09 -14.16
C LYS B 13 -1.91 -20.46 -13.00
N ARG B 14 -1.92 -19.68 -11.95
CA ARG B 14 -1.04 -19.97 -10.78
C ARG B 14 -1.85 -19.81 -9.48
N GLU B 15 -2.30 -18.62 -9.21
CA GLU B 15 -3.10 -18.39 -7.97
C GLU B 15 -4.52 -17.96 -8.34
N GLY A 1 19.40 11.84 -7.95
CA GLY A 1 19.35 10.65 -6.98
C GLY A 1 20.05 10.74 -5.67
N SER A 2 21.38 10.51 -5.65
CA SER A 2 22.14 10.55 -4.33
C SER A 2 21.54 9.48 -3.42
N ARG A 3 21.97 8.27 -3.60
CA ARG A 3 21.41 7.13 -2.82
C ARG A 3 21.86 7.18 -1.37
N ARG A 4 21.54 6.14 -0.63
CA ARG A 4 21.88 6.08 0.83
C ARG A 4 21.02 7.11 1.56
N ALA A 5 20.10 6.64 2.36
CA ALA A 5 19.19 7.56 3.11
C ALA A 5 18.78 6.89 4.41
N SER A 6 18.73 7.63 5.49
CA SER A 6 18.31 7.02 6.80
C SER A 6 16.81 6.75 6.76
N VAL A 7 15.98 7.75 6.94
CA VAL A 7 14.50 7.51 6.88
C VAL A 7 13.85 8.51 5.90
N GLY A 8 13.22 7.98 4.89
CA GLY A 8 12.54 8.85 3.88
C GLY A 8 11.56 7.99 3.10
N SER A 9 10.35 7.85 3.60
CA SER A 9 9.35 6.99 2.91
C SER A 9 8.19 7.85 2.40
N MET A 10 7.33 7.28 1.59
CA MET A 10 6.13 8.02 1.08
C MET A 10 4.87 7.28 1.46
N GLU A 11 3.75 7.67 0.92
CA GLU A 11 2.49 7.04 1.28
C GLU A 11 1.83 6.50 0.02
N ALA A 12 0.68 5.95 0.18
CA ALA A 12 -0.08 5.39 -0.97
C ALA A 12 -1.57 5.28 -0.63
N ILE A 13 -2.37 5.99 -1.36
CA ILE A 13 -3.84 6.00 -1.11
C ILE A 13 -4.44 4.63 -1.22
N ALA A 14 -5.18 4.25 -0.22
CA ALA A 14 -5.91 2.93 -0.28
C ALA A 14 -7.17 3.11 -1.15
N LYS A 15 -7.05 2.80 -2.39
CA LYS A 15 -8.15 2.97 -3.38
C LYS A 15 -9.51 2.45 -2.87
N TYR A 16 -9.51 1.45 -2.05
CA TYR A 16 -10.80 0.90 -1.52
C TYR A 16 -10.56 0.29 -0.15
N ASP A 17 -11.56 -0.34 0.38
CA ASP A 17 -11.43 -1.00 1.70
C ASP A 17 -10.69 -2.32 1.52
N PHE A 18 -10.34 -2.93 2.61
CA PHE A 18 -9.61 -4.22 2.57
C PHE A 18 -9.22 -4.60 4.01
N LYS A 19 -8.76 -5.80 4.18
CA LYS A 19 -8.30 -6.23 5.51
C LYS A 19 -7.03 -7.00 5.34
N ALA A 20 -6.41 -7.33 6.40
CA ALA A 20 -5.20 -8.11 6.26
C ALA A 20 -5.66 -9.53 5.98
N THR A 21 -5.39 -10.14 4.83
CA THR A 21 -5.91 -11.57 4.70
C THR A 21 -4.62 -12.50 4.81
N ALA A 22 -3.41 -12.01 4.45
CA ALA A 22 -2.18 -12.87 4.67
C ALA A 22 -1.81 -12.71 6.13
N ASP A 23 -0.96 -13.55 6.62
CA ASP A 23 -0.55 -13.44 8.03
C ASP A 23 0.39 -12.24 8.24
N ASP A 24 0.91 -11.71 7.16
CA ASP A 24 1.79 -10.55 7.23
C ASP A 24 1.16 -9.41 6.43
N GLU A 25 -0.15 -9.38 6.32
CA GLU A 25 -0.82 -8.35 5.51
C GLU A 25 -1.28 -7.18 6.36
N LEU A 26 -1.59 -6.08 5.72
CA LEU A 26 -2.04 -4.88 6.44
C LEU A 26 -3.52 -4.60 6.12
N SER A 27 -4.34 -4.55 7.14
CA SER A 27 -5.76 -4.27 6.97
C SER A 27 -5.96 -2.75 6.85
N PHE A 28 -6.83 -2.30 5.96
CA PHE A 28 -7.05 -0.83 5.85
C PHE A 28 -8.42 -0.48 5.21
N LYS A 29 -8.73 0.78 5.21
CA LYS A 29 -10.05 1.26 4.68
C LYS A 29 -9.90 2.03 3.35
N ARG A 30 -11.03 2.44 2.81
CA ARG A 30 -11.05 3.22 1.53
C ARG A 30 -10.66 4.66 1.86
N GLY A 31 -9.43 5.03 1.60
CA GLY A 31 -8.95 6.41 1.93
C GLY A 31 -7.91 6.32 3.07
N ASP A 32 -7.73 5.13 3.62
CA ASP A 32 -6.74 4.94 4.66
C ASP A 32 -5.39 4.85 3.95
N ILE A 33 -4.69 5.93 3.88
CA ILE A 33 -3.41 5.93 3.12
C ILE A 33 -2.32 5.24 3.94
N LEU A 34 -1.64 4.32 3.31
CA LEU A 34 -0.63 3.50 4.01
C LEU A 34 0.76 4.15 3.91
N LYS A 35 1.68 3.70 4.75
CA LYS A 35 3.09 4.25 4.70
C LYS A 35 3.98 3.20 4.07
N VAL A 36 4.38 3.37 2.84
CA VAL A 36 5.19 2.28 2.20
C VAL A 36 6.50 2.01 2.95
N LEU A 37 6.59 0.82 3.48
CA LEU A 37 7.78 0.38 4.23
C LEU A 37 8.78 -0.23 3.25
N ASN A 38 8.27 -0.92 2.25
CA ASN A 38 9.18 -1.57 1.26
C ASN A 38 8.59 -1.50 -0.16
N GLU A 39 9.36 -0.99 -1.10
CA GLU A 39 8.89 -0.92 -2.53
C GLU A 39 9.40 -2.16 -3.25
N GLU A 40 9.11 -2.27 -4.52
CA GLU A 40 9.60 -3.46 -5.31
C GLU A 40 9.09 -4.76 -4.70
N CYS A 41 9.58 -5.86 -5.19
CA CYS A 41 9.19 -7.21 -4.65
C CYS A 41 7.71 -7.51 -4.92
N ASP A 42 7.34 -8.76 -4.73
CA ASP A 42 5.94 -9.20 -4.92
C ASP A 42 5.45 -8.85 -6.32
N GLN A 43 4.43 -9.53 -6.78
CA GLN A 43 3.95 -9.30 -8.16
C GLN A 43 3.22 -8.00 -8.30
N ASN A 44 2.45 -7.67 -7.34
CA ASN A 44 1.62 -6.42 -7.40
C ASN A 44 1.25 -5.94 -6.01
N TRP A 45 1.96 -6.31 -5.00
CA TRP A 45 1.61 -5.84 -3.62
C TRP A 45 2.89 -5.25 -2.97
N TYR A 46 2.77 -4.14 -2.28
CA TYR A 46 3.98 -3.52 -1.60
C TYR A 46 3.98 -3.92 -0.13
N LYS A 47 4.86 -3.31 0.65
CA LYS A 47 4.87 -3.47 2.11
C LYS A 47 4.52 -2.05 2.61
N ALA A 48 3.81 -1.91 3.70
CA ALA A 48 3.44 -0.53 4.19
C ALA A 48 2.90 -0.59 5.56
N GLU A 49 2.50 0.54 6.07
CA GLU A 49 2.07 0.56 7.47
C GLU A 49 1.14 1.72 7.80
N LEU A 50 0.14 1.39 8.53
CA LEU A 50 -0.87 2.39 9.00
C LEU A 50 -0.59 2.93 10.36
N ASN A 51 0.07 4.02 10.36
CA ASN A 51 0.34 4.74 11.62
C ASN A 51 0.84 3.83 12.76
N GLY A 52 1.42 2.72 12.43
CA GLY A 52 1.93 1.80 13.51
C GLY A 52 1.70 0.34 13.09
N LYS A 53 0.60 0.05 12.40
CA LYS A 53 0.35 -1.29 11.93
C LYS A 53 1.11 -1.44 10.66
N ASP A 54 1.25 -2.63 10.20
CA ASP A 54 2.06 -2.85 8.99
C ASP A 54 1.73 -4.14 8.19
N GLY A 55 2.45 -4.33 7.10
CA GLY A 55 2.29 -5.55 6.26
C GLY A 55 1.96 -5.20 4.78
N PHE A 56 1.90 -6.20 3.93
CA PHE A 56 1.68 -5.97 2.45
C PHE A 56 0.34 -5.29 2.12
N ILE A 57 0.24 -4.80 0.89
CA ILE A 57 -1.01 -4.14 0.42
C ILE A 57 -1.18 -4.40 -1.13
N PRO A 58 -2.30 -5.00 -1.55
CA PRO A 58 -2.55 -5.23 -2.99
C PRO A 58 -2.68 -3.91 -3.70
N LYS A 59 -1.67 -3.59 -4.48
CA LYS A 59 -1.60 -2.33 -5.27
C LYS A 59 -2.93 -1.93 -5.99
N ASN A 60 -3.70 -2.86 -6.51
CA ASN A 60 -4.91 -2.47 -7.25
C ASN A 60 -5.92 -1.73 -6.33
N TYR A 61 -5.83 -1.95 -5.04
CA TYR A 61 -6.68 -1.20 -4.08
C TYR A 61 -5.81 -0.08 -3.55
N ILE A 62 -4.91 0.45 -4.38
CA ILE A 62 -4.03 1.51 -3.87
C ILE A 62 -3.49 2.37 -4.99
N GLU A 63 -2.78 3.40 -4.59
CA GLU A 63 -2.08 4.27 -5.52
C GLU A 63 -0.92 4.89 -4.75
N MET A 64 0.10 5.26 -5.44
CA MET A 64 1.31 5.80 -4.77
C MET A 64 1.33 7.32 -4.72
N LYS A 65 1.28 7.88 -3.53
CA LYS A 65 1.31 9.31 -3.40
C LYS A 65 2.61 9.74 -2.72
N PRO A 66 3.01 10.99 -2.98
CA PRO A 66 4.25 11.50 -2.48
C PRO A 66 4.07 12.15 -1.09
N HIS A 67 5.11 12.76 -0.58
CA HIS A 67 5.01 13.46 0.74
C HIS A 67 5.21 14.97 0.41
N PRO A 68 4.12 15.68 0.14
CA PRO A 68 4.17 17.07 -0.32
C PRO A 68 4.30 18.11 0.80
N GLU A 69 4.23 19.36 0.40
CA GLU A 69 4.29 20.50 1.35
C GLU A 69 2.84 20.93 1.64
N PHE A 70 2.60 21.64 2.70
CA PHE A 70 1.21 22.06 3.01
C PHE A 70 1.12 23.60 3.26
N ILE A 71 0.73 24.04 4.43
CA ILE A 71 0.59 25.52 4.69
C ILE A 71 0.08 25.69 6.13
N VAL A 72 0.96 26.07 7.02
CA VAL A 72 0.59 26.22 8.46
C VAL A 72 -0.60 27.16 8.66
N THR A 73 -1.36 26.93 9.71
CA THR A 73 -2.53 27.82 10.01
C THR A 73 -2.51 28.13 11.52
N ASP A 74 -2.52 27.11 12.34
CA ASP A 74 -2.49 27.33 13.81
C ASP A 74 -1.68 26.21 14.47
N SER B 1 -19.97 -0.74 -14.85
CA SER B 1 -20.26 -0.51 -13.40
C SER B 1 -19.06 -1.01 -12.56
N PRO B 2 -18.41 -0.14 -11.79
CA PRO B 2 -17.24 -0.53 -11.01
C PRO B 2 -17.62 -1.27 -9.72
N LEU B 3 -16.99 -2.39 -9.51
CA LEU B 3 -17.22 -3.17 -8.27
C LEU B 3 -15.88 -3.83 -7.90
N LEU B 4 -15.83 -4.53 -6.81
CA LEU B 4 -14.55 -5.19 -6.40
C LEU B 4 -14.90 -6.32 -5.39
N PRO B 5 -15.03 -7.56 -5.88
CA PRO B 5 -15.40 -8.68 -5.03
C PRO B 5 -14.18 -9.33 -4.36
N LYS B 6 -13.17 -9.66 -5.12
CA LYS B 6 -11.97 -10.33 -4.53
C LYS B 6 -10.72 -10.09 -5.41
N LEU B 7 -9.58 -10.50 -4.91
CA LEU B 7 -8.30 -10.35 -5.66
C LEU B 7 -8.06 -11.67 -6.42
N PRO B 8 -7.15 -11.68 -7.38
CA PRO B 8 -6.84 -12.92 -8.11
C PRO B 8 -6.11 -13.88 -7.14
N PRO B 9 -6.72 -15.03 -6.84
CA PRO B 9 -6.18 -15.97 -5.83
C PRO B 9 -4.96 -16.76 -6.35
N LYS B 10 -4.48 -17.67 -5.52
CA LYS B 10 -3.29 -18.49 -5.91
C LYS B 10 -3.73 -19.70 -6.75
N THR B 11 -2.82 -20.26 -7.50
CA THR B 11 -3.14 -21.45 -8.33
C THR B 11 -1.95 -22.40 -8.23
N TYR B 12 -2.14 -23.63 -8.61
CA TYR B 12 -1.02 -24.62 -8.52
C TYR B 12 0.12 -24.18 -9.46
N LYS B 13 1.07 -23.45 -8.93
CA LYS B 13 2.21 -22.96 -9.77
C LYS B 13 3.53 -23.23 -9.03
N ARG B 14 3.58 -22.89 -7.77
CA ARG B 14 4.83 -23.10 -6.98
C ARG B 14 4.64 -24.30 -6.03
N GLU B 15 3.65 -24.24 -5.19
CA GLU B 15 3.39 -25.35 -4.23
C GLU B 15 2.60 -26.45 -4.93
#